data_1G5Z
# 
_entry.id   1G5Z 
# 
_audit_conform.dict_name       mmcif_pdbx.dic 
_audit_conform.dict_version    5.385 
_audit_conform.dict_location   http://mmcif.pdb.org/dictionaries/ascii/mmcif_pdbx.dic 
# 
loop_
_database_2.database_id 
_database_2.database_code 
_database_2.pdbx_database_accession 
_database_2.pdbx_DOI 
PDB   1G5Z         pdb_00001g5z 10.2210/pdb1g5z/pdb 
RCSB  RCSB012275   ?            ?                   
WWPDB D_1000012275 ?            ?                   
# 
loop_
_pdbx_audit_revision_history.ordinal 
_pdbx_audit_revision_history.data_content_type 
_pdbx_audit_revision_history.major_revision 
_pdbx_audit_revision_history.minor_revision 
_pdbx_audit_revision_history.revision_date 
1 'Structure model' 1 0 2001-04-04 
2 'Structure model' 1 1 2008-04-27 
3 'Structure model' 1 2 2011-07-13 
4 'Structure model' 1 3 2024-02-07 
# 
_pdbx_audit_revision_details.ordinal             1 
_pdbx_audit_revision_details.revision_ordinal    1 
_pdbx_audit_revision_details.data_content_type   'Structure model' 
_pdbx_audit_revision_details.provider            repository 
_pdbx_audit_revision_details.type                'Initial release' 
_pdbx_audit_revision_details.description         ? 
_pdbx_audit_revision_details.details             ? 
# 
loop_
_pdbx_audit_revision_group.ordinal 
_pdbx_audit_revision_group.revision_ordinal 
_pdbx_audit_revision_group.data_content_type 
_pdbx_audit_revision_group.group 
1 2 'Structure model' 'Version format compliance' 
2 3 'Structure model' 'Derived calculations'      
3 3 'Structure model' 'Version format compliance' 
4 4 'Structure model' 'Data collection'           
5 4 'Structure model' 'Database references'       
# 
loop_
_pdbx_audit_revision_category.ordinal 
_pdbx_audit_revision_category.revision_ordinal 
_pdbx_audit_revision_category.data_content_type 
_pdbx_audit_revision_category.category 
1 4 'Structure model' chem_comp_atom 
2 4 'Structure model' chem_comp_bond 
3 4 'Structure model' database_2     
# 
loop_
_pdbx_audit_revision_item.ordinal 
_pdbx_audit_revision_item.revision_ordinal 
_pdbx_audit_revision_item.data_content_type 
_pdbx_audit_revision_item.item 
1 4 'Structure model' '_database_2.pdbx_DOI'                
2 4 'Structure model' '_database_2.pdbx_database_accession' 
# 
_pdbx_database_status.status_code                     REL 
_pdbx_database_status.entry_id                        1G5Z 
_pdbx_database_status.recvd_initial_deposition_date   2000-11-02 
_pdbx_database_status.deposit_site                    RCSB 
_pdbx_database_status.process_site                    RCSB 
_pdbx_database_status.status_code_sf                  REL 
_pdbx_database_status.SG_entry                        . 
_pdbx_database_status.pdb_format_compatible           Y 
_pdbx_database_status.status_code_mr                  ? 
_pdbx_database_status.status_code_cs                  ? 
_pdbx_database_status.status_code_nmr_data            ? 
_pdbx_database_status.methods_development_category    ? 
# 
loop_
_audit_author.name 
_audit_author.pdbx_ordinal 
'Eicken, C.'        1 
'Sharma, V.'        2 
'Klabunde, T.'      3 
'Owens, R.T.'       4 
'Pikas, D.S.'       5 
'Hook, M.'          6 
'Sacchettini, J.C.' 7 
# 
_citation.id                        primary 
_citation.title                     'Crystal structure of Lyme disease antigen outer surface protein C from Borrelia burgdorferi.' 
_citation.journal_abbrev            J.Biol.Chem. 
_citation.journal_volume            276 
_citation.page_first                10010 
_citation.page_last                 10015 
_citation.year                      2001 
_citation.journal_id_ASTM           JBCHA3 
_citation.country                   US 
_citation.journal_id_ISSN           0021-9258 
_citation.journal_id_CSD            0071 
_citation.book_publisher            ? 
_citation.pdbx_database_id_PubMed   11139584 
_citation.pdbx_database_id_DOI      10.1074/jbc.M010062200 
# 
loop_
_citation_author.citation_id 
_citation_author.name 
_citation_author.ordinal 
_citation_author.identifier_ORCID 
primary 'Eicken, C.'        1 ? 
primary 'Sharma, V.'        2 ? 
primary 'Klabunde, T.'      3 ? 
primary 'Owens, R.T.'       4 ? 
primary 'Pikas, D.S.'       5 ? 
primary 'Hook, M.'          6 ? 
primary 'Sacchettini, J.C.' 7 ? 
# 
loop_
_entity.id 
_entity.type 
_entity.src_method 
_entity.pdbx_description 
_entity.formula_weight 
_entity.pdbx_number_of_molecules 
_entity.pdbx_ec 
_entity.pdbx_mutation 
_entity.pdbx_fragment 
_entity.details 
1 polymer man 'OUTER SURFACE PROTEIN C' 17692.189 1   ? ? ? ? 
2 water   nat water                     18.015    193 ? ? ? ? 
# 
_entity_poly.entity_id                      1 
_entity_poly.type                           'polypeptide(L)' 
_entity_poly.nstd_linkage                   no 
_entity_poly.nstd_monomer                   no 
_entity_poly.pdbx_seq_one_letter_code       
;PNLTEISKKITESNAVVLAVKEVETLLASIDELATKAIGKKIGNNGLEANQSKNTSLLSGAYAISDLIAEKLNVLKNEEL
KEKIDTAKQCSTEFTNKLKSEHAVLGLDNLTDDNAQRAILKKHANKDKGAAELEKLFKAVENLSKAAQDTLKNAVKELTS
PIVA
;
_entity_poly.pdbx_seq_one_letter_code_can   
;PNLTEISKKITESNAVVLAVKEVETLLASIDELATKAIGKKIGNNGLEANQSKNTSLLSGAYAISDLIAEKLNVLKNEEL
KEKIDTAKQCSTEFTNKLKSEHAVLGLDNLTDDNAQRAILKKHANKDKGAAELEKLFKAVENLSKAAQDTLKNAVKELTS
PIVA
;
_entity_poly.pdbx_strand_id                 A 
_entity_poly.pdbx_target_identifier         ? 
# 
_pdbx_entity_nonpoly.entity_id   2 
_pdbx_entity_nonpoly.name        water 
_pdbx_entity_nonpoly.comp_id     HOH 
# 
loop_
_entity_poly_seq.entity_id 
_entity_poly_seq.num 
_entity_poly_seq.mon_id 
_entity_poly_seq.hetero 
1 1   PRO n 
1 2   ASN n 
1 3   LEU n 
1 4   THR n 
1 5   GLU n 
1 6   ILE n 
1 7   SER n 
1 8   LYS n 
1 9   LYS n 
1 10  ILE n 
1 11  THR n 
1 12  GLU n 
1 13  SER n 
1 14  ASN n 
1 15  ALA n 
1 16  VAL n 
1 17  VAL n 
1 18  LEU n 
1 19  ALA n 
1 20  VAL n 
1 21  LYS n 
1 22  GLU n 
1 23  VAL n 
1 24  GLU n 
1 25  THR n 
1 26  LEU n 
1 27  LEU n 
1 28  ALA n 
1 29  SER n 
1 30  ILE n 
1 31  ASP n 
1 32  GLU n 
1 33  LEU n 
1 34  ALA n 
1 35  THR n 
1 36  LYS n 
1 37  ALA n 
1 38  ILE n 
1 39  GLY n 
1 40  LYS n 
1 41  LYS n 
1 42  ILE n 
1 43  GLY n 
1 44  ASN n 
1 45  ASN n 
1 46  GLY n 
1 47  LEU n 
1 48  GLU n 
1 49  ALA n 
1 50  ASN n 
1 51  GLN n 
1 52  SER n 
1 53  LYS n 
1 54  ASN n 
1 55  THR n 
1 56  SER n 
1 57  LEU n 
1 58  LEU n 
1 59  SER n 
1 60  GLY n 
1 61  ALA n 
1 62  TYR n 
1 63  ALA n 
1 64  ILE n 
1 65  SER n 
1 66  ASP n 
1 67  LEU n 
1 68  ILE n 
1 69  ALA n 
1 70  GLU n 
1 71  LYS n 
1 72  LEU n 
1 73  ASN n 
1 74  VAL n 
1 75  LEU n 
1 76  LYS n 
1 77  ASN n 
1 78  GLU n 
1 79  GLU n 
1 80  LEU n 
1 81  LYS n 
1 82  GLU n 
1 83  LYS n 
1 84  ILE n 
1 85  ASP n 
1 86  THR n 
1 87  ALA n 
1 88  LYS n 
1 89  GLN n 
1 90  CYS n 
1 91  SER n 
1 92  THR n 
1 93  GLU n 
1 94  PHE n 
1 95  THR n 
1 96  ASN n 
1 97  LYS n 
1 98  LEU n 
1 99  LYS n 
1 100 SER n 
1 101 GLU n 
1 102 HIS n 
1 103 ALA n 
1 104 VAL n 
1 105 LEU n 
1 106 GLY n 
1 107 LEU n 
1 108 ASP n 
1 109 ASN n 
1 110 LEU n 
1 111 THR n 
1 112 ASP n 
1 113 ASP n 
1 114 ASN n 
1 115 ALA n 
1 116 GLN n 
1 117 ARG n 
1 118 ALA n 
1 119 ILE n 
1 120 LEU n 
1 121 LYS n 
1 122 LYS n 
1 123 HIS n 
1 124 ALA n 
1 125 ASN n 
1 126 LYS n 
1 127 ASP n 
1 128 LYS n 
1 129 GLY n 
1 130 ALA n 
1 131 ALA n 
1 132 GLU n 
1 133 LEU n 
1 134 GLU n 
1 135 LYS n 
1 136 LEU n 
1 137 PHE n 
1 138 LYS n 
1 139 ALA n 
1 140 VAL n 
1 141 GLU n 
1 142 ASN n 
1 143 LEU n 
1 144 SER n 
1 145 LYS n 
1 146 ALA n 
1 147 ALA n 
1 148 GLN n 
1 149 ASP n 
1 150 THR n 
1 151 LEU n 
1 152 LYS n 
1 153 ASN n 
1 154 ALA n 
1 155 VAL n 
1 156 LYS n 
1 157 GLU n 
1 158 LEU n 
1 159 THR n 
1 160 SER n 
1 161 PRO n 
1 162 ILE n 
1 163 VAL n 
1 164 ALA n 
# 
_entity_src_gen.entity_id                          1 
_entity_src_gen.pdbx_src_id                        1 
_entity_src_gen.pdbx_alt_source_flag               sample 
_entity_src_gen.pdbx_seq_type                      ? 
_entity_src_gen.pdbx_beg_seq_num                   ? 
_entity_src_gen.pdbx_end_seq_num                   ? 
_entity_src_gen.gene_src_common_name               'Lyme disease spirochete' 
_entity_src_gen.gene_src_genus                     Borrelia 
_entity_src_gen.pdbx_gene_src_gene                 ? 
_entity_src_gen.gene_src_species                   ? 
_entity_src_gen.gene_src_strain                    ? 
_entity_src_gen.gene_src_tissue                    ? 
_entity_src_gen.gene_src_tissue_fraction           ? 
_entity_src_gen.gene_src_details                   ? 
_entity_src_gen.pdbx_gene_src_fragment             ? 
_entity_src_gen.pdbx_gene_src_scientific_name      'Borrelia burgdorferi' 
_entity_src_gen.pdbx_gene_src_ncbi_taxonomy_id     139 
_entity_src_gen.pdbx_gene_src_variant              ? 
_entity_src_gen.pdbx_gene_src_cell_line            ? 
_entity_src_gen.pdbx_gene_src_atcc                 ? 
_entity_src_gen.pdbx_gene_src_organ                ? 
_entity_src_gen.pdbx_gene_src_organelle            ? 
_entity_src_gen.pdbx_gene_src_cell                 ? 
_entity_src_gen.pdbx_gene_src_cellular_location    ? 
_entity_src_gen.host_org_common_name               ? 
_entity_src_gen.pdbx_host_org_scientific_name      'Escherichia coli' 
_entity_src_gen.pdbx_host_org_ncbi_taxonomy_id     562 
_entity_src_gen.host_org_genus                     Escherichia 
_entity_src_gen.pdbx_host_org_gene                 ? 
_entity_src_gen.pdbx_host_org_organ                ? 
_entity_src_gen.host_org_species                   ? 
_entity_src_gen.pdbx_host_org_tissue               ? 
_entity_src_gen.pdbx_host_org_tissue_fraction      ? 
_entity_src_gen.pdbx_host_org_strain               ? 
_entity_src_gen.pdbx_host_org_variant              ? 
_entity_src_gen.pdbx_host_org_cell_line            ? 
_entity_src_gen.pdbx_host_org_atcc                 ? 
_entity_src_gen.pdbx_host_org_culture_collection   ? 
_entity_src_gen.pdbx_host_org_cell                 ? 
_entity_src_gen.pdbx_host_org_organelle            ? 
_entity_src_gen.pdbx_host_org_cellular_location    ? 
_entity_src_gen.pdbx_host_org_vector_type          ? 
_entity_src_gen.pdbx_host_org_vector               ? 
_entity_src_gen.host_org_details                   ? 
_entity_src_gen.expression_system_id               ? 
_entity_src_gen.plasmid_name                       ? 
_entity_src_gen.plasmid_details                    ? 
_entity_src_gen.pdbx_description                   ? 
# 
loop_
_chem_comp.id 
_chem_comp.type 
_chem_comp.mon_nstd_flag 
_chem_comp.name 
_chem_comp.pdbx_synonyms 
_chem_comp.formula 
_chem_comp.formula_weight 
ALA 'L-peptide linking' y ALANINE         ? 'C3 H7 N O2'     89.093  
ARG 'L-peptide linking' y ARGININE        ? 'C6 H15 N4 O2 1' 175.209 
ASN 'L-peptide linking' y ASPARAGINE      ? 'C4 H8 N2 O3'    132.118 
ASP 'L-peptide linking' y 'ASPARTIC ACID' ? 'C4 H7 N O4'     133.103 
CYS 'L-peptide linking' y CYSTEINE        ? 'C3 H7 N O2 S'   121.158 
GLN 'L-peptide linking' y GLUTAMINE       ? 'C5 H10 N2 O3'   146.144 
GLU 'L-peptide linking' y 'GLUTAMIC ACID' ? 'C5 H9 N O4'     147.129 
GLY 'peptide linking'   y GLYCINE         ? 'C2 H5 N O2'     75.067  
HIS 'L-peptide linking' y HISTIDINE       ? 'C6 H10 N3 O2 1' 156.162 
HOH non-polymer         . WATER           ? 'H2 O'           18.015  
ILE 'L-peptide linking' y ISOLEUCINE      ? 'C6 H13 N O2'    131.173 
LEU 'L-peptide linking' y LEUCINE         ? 'C6 H13 N O2'    131.173 
LYS 'L-peptide linking' y LYSINE          ? 'C6 H15 N2 O2 1' 147.195 
PHE 'L-peptide linking' y PHENYLALANINE   ? 'C9 H11 N O2'    165.189 
PRO 'L-peptide linking' y PROLINE         ? 'C5 H9 N O2'     115.130 
SER 'L-peptide linking' y SERINE          ? 'C3 H7 N O3'     105.093 
THR 'L-peptide linking' y THREONINE       ? 'C4 H9 N O3'     119.119 
TYR 'L-peptide linking' y TYROSINE        ? 'C9 H11 N O3'    181.189 
VAL 'L-peptide linking' y VALINE          ? 'C5 H11 N O2'    117.146 
# 
loop_
_pdbx_poly_seq_scheme.asym_id 
_pdbx_poly_seq_scheme.entity_id 
_pdbx_poly_seq_scheme.seq_id 
_pdbx_poly_seq_scheme.mon_id 
_pdbx_poly_seq_scheme.ndb_seq_num 
_pdbx_poly_seq_scheme.pdb_seq_num 
_pdbx_poly_seq_scheme.auth_seq_num 
_pdbx_poly_seq_scheme.pdb_mon_id 
_pdbx_poly_seq_scheme.auth_mon_id 
_pdbx_poly_seq_scheme.pdb_strand_id 
_pdbx_poly_seq_scheme.pdb_ins_code 
_pdbx_poly_seq_scheme.hetero 
A 1 1   PRO 1   40  40  PRO PRO A . n 
A 1 2   ASN 2   41  41  ASN ASN A . n 
A 1 3   LEU 3   42  42  LEU LEU A . n 
A 1 4   THR 4   43  43  THR THR A . n 
A 1 5   GLU 5   44  44  GLU GLU A . n 
A 1 6   ILE 6   45  45  ILE ILE A . n 
A 1 7   SER 7   46  46  SER SER A . n 
A 1 8   LYS 8   47  47  LYS LYS A . n 
A 1 9   LYS 9   48  48  LYS LYS A . n 
A 1 10  ILE 10  49  49  ILE ILE A . n 
A 1 11  THR 11  50  50  THR THR A . n 
A 1 12  GLU 12  51  51  GLU GLU A . n 
A 1 13  SER 13  52  52  SER SER A . n 
A 1 14  ASN 14  53  53  ASN ASN A . n 
A 1 15  ALA 15  54  54  ALA ALA A . n 
A 1 16  VAL 16  55  55  VAL VAL A . n 
A 1 17  VAL 17  56  56  VAL VAL A . n 
A 1 18  LEU 18  57  57  LEU LEU A . n 
A 1 19  ALA 19  58  58  ALA ALA A . n 
A 1 20  VAL 20  59  59  VAL VAL A . n 
A 1 21  LYS 21  60  60  LYS LYS A . n 
A 1 22  GLU 22  61  61  GLU GLU A . n 
A 1 23  VAL 23  62  62  VAL VAL A . n 
A 1 24  GLU 24  63  63  GLU GLU A . n 
A 1 25  THR 25  64  64  THR THR A . n 
A 1 26  LEU 26  65  65  LEU LEU A . n 
A 1 27  LEU 27  66  66  LEU LEU A . n 
A 1 28  ALA 28  67  67  ALA ALA A . n 
A 1 29  SER 29  68  68  SER SER A . n 
A 1 30  ILE 30  69  69  ILE ILE A . n 
A 1 31  ASP 31  70  70  ASP ASP A . n 
A 1 32  GLU 32  71  71  GLU GLU A . n 
A 1 33  LEU 33  72  72  LEU LEU A . n 
A 1 34  ALA 34  73  73  ALA ALA A . n 
A 1 35  THR 35  74  74  THR THR A . n 
A 1 36  LYS 36  75  75  LYS LYS A . n 
A 1 37  ALA 37  76  76  ALA ALA A . n 
A 1 38  ILE 38  77  77  ILE ILE A . n 
A 1 39  GLY 39  78  78  GLY GLY A . n 
A 1 40  LYS 40  79  79  LYS LYS A . n 
A 1 41  LYS 41  80  80  LYS LYS A . n 
A 1 42  ILE 42  81  81  ILE ILE A . n 
A 1 43  GLY 43  82  82  GLY GLY A . n 
A 1 44  ASN 44  83  83  ASN ASN A . n 
A 1 45  ASN 45  84  84  ASN ASN A . n 
A 1 46  GLY 46  85  85  GLY GLY A . n 
A 1 47  LEU 47  86  86  LEU LEU A . n 
A 1 48  GLU 48  87  87  GLU GLU A . n 
A 1 49  ALA 49  88  88  ALA ALA A . n 
A 1 50  ASN 50  89  89  ASN ASN A . n 
A 1 51  GLN 51  90  90  GLN GLN A . n 
A 1 52  SER 52  91  91  SER SER A . n 
A 1 53  LYS 53  92  92  LYS LYS A . n 
A 1 54  ASN 54  93  93  ASN ASN A . n 
A 1 55  THR 55  94  94  THR THR A . n 
A 1 56  SER 56  95  95  SER SER A . n 
A 1 57  LEU 57  96  96  LEU LEU A . n 
A 1 58  LEU 58  97  97  LEU LEU A . n 
A 1 59  SER 59  98  98  SER SER A . n 
A 1 60  GLY 60  99  99  GLY GLY A . n 
A 1 61  ALA 61  100 100 ALA ALA A . n 
A 1 62  TYR 62  101 101 TYR TYR A . n 
A 1 63  ALA 63  102 102 ALA ALA A . n 
A 1 64  ILE 64  103 103 ILE ILE A . n 
A 1 65  SER 65  104 104 SER SER A . n 
A 1 66  ASP 66  105 105 ASP ASP A . n 
A 1 67  LEU 67  106 106 LEU LEU A . n 
A 1 68  ILE 68  107 107 ILE ILE A . n 
A 1 69  ALA 69  108 108 ALA ALA A . n 
A 1 70  GLU 70  109 109 GLU GLU A . n 
A 1 71  LYS 71  110 110 LYS LYS A . n 
A 1 72  LEU 72  111 111 LEU LEU A . n 
A 1 73  ASN 73  112 112 ASN ASN A . n 
A 1 74  VAL 74  113 113 VAL VAL A . n 
A 1 75  LEU 75  114 114 LEU LEU A . n 
A 1 76  LYS 76  115 115 LYS LYS A . n 
A 1 77  ASN 77  116 116 ASN ASN A . n 
A 1 78  GLU 78  117 117 GLU GLU A . n 
A 1 79  GLU 79  118 118 GLU GLU A . n 
A 1 80  LEU 80  119 119 LEU LEU A . n 
A 1 81  LYS 81  120 120 LYS LYS A . n 
A 1 82  GLU 82  121 121 GLU GLU A . n 
A 1 83  LYS 83  122 122 LYS LYS A . n 
A 1 84  ILE 84  123 123 ILE ILE A . n 
A 1 85  ASP 85  124 124 ASP ASP A . n 
A 1 86  THR 86  125 125 THR THR A . n 
A 1 87  ALA 87  126 126 ALA ALA A . n 
A 1 88  LYS 88  127 127 LYS LYS A . n 
A 1 89  GLN 89  128 128 GLN GLN A . n 
A 1 90  CYS 90  129 129 CYS CYS A . n 
A 1 91  SER 91  130 130 SER SER A . n 
A 1 92  THR 92  131 131 THR THR A . n 
A 1 93  GLU 93  132 132 GLU GLU A . n 
A 1 94  PHE 94  133 133 PHE PHE A . n 
A 1 95  THR 95  134 134 THR THR A . n 
A 1 96  ASN 96  135 135 ASN ASN A . n 
A 1 97  LYS 97  136 136 LYS LYS A . n 
A 1 98  LEU 98  137 137 LEU LEU A . n 
A 1 99  LYS 99  138 138 LYS LYS A . n 
A 1 100 SER 100 139 139 SER SER A . n 
A 1 101 GLU 101 140 140 GLU GLU A . n 
A 1 102 HIS 102 141 141 HIS HIS A . n 
A 1 103 ALA 103 142 142 ALA ALA A . n 
A 1 104 VAL 104 143 143 VAL VAL A . n 
A 1 105 LEU 105 144 144 LEU LEU A . n 
A 1 106 GLY 106 145 145 GLY GLY A . n 
A 1 107 LEU 107 146 146 LEU LEU A . n 
A 1 108 ASP 108 147 147 ASP ASP A . n 
A 1 109 ASN 109 148 148 ASN ASN A . n 
A 1 110 LEU 110 149 149 LEU LEU A . n 
A 1 111 THR 111 150 150 THR THR A . n 
A 1 112 ASP 112 151 151 ASP ASP A . n 
A 1 113 ASP 113 152 152 ASP ASP A . n 
A 1 114 ASN 114 153 153 ASN ASN A . n 
A 1 115 ALA 115 154 154 ALA ALA A . n 
A 1 116 GLN 116 155 155 GLN GLN A . n 
A 1 117 ARG 117 156 156 ARG ARG A . n 
A 1 118 ALA 118 157 157 ALA ALA A . n 
A 1 119 ILE 119 158 158 ILE ILE A . n 
A 1 120 LEU 120 159 159 LEU LEU A . n 
A 1 121 LYS 121 160 160 LYS LYS A . n 
A 1 122 LYS 122 161 161 LYS LYS A . n 
A 1 123 HIS 123 162 162 HIS HIS A . n 
A 1 124 ALA 124 163 163 ALA ALA A . n 
A 1 125 ASN 125 164 164 ASN ASN A . n 
A 1 126 LYS 126 165 165 LYS LYS A . n 
A 1 127 ASP 127 166 166 ASP ASP A . n 
A 1 128 LYS 128 167 167 LYS LYS A . n 
A 1 129 GLY 129 168 168 GLY GLY A . n 
A 1 130 ALA 130 169 169 ALA ALA A . n 
A 1 131 ALA 131 170 170 ALA ALA A . n 
A 1 132 GLU 132 171 171 GLU GLU A . n 
A 1 133 LEU 133 172 172 LEU LEU A . n 
A 1 134 GLU 134 173 173 GLU GLU A . n 
A 1 135 LYS 135 174 174 LYS LYS A . n 
A 1 136 LEU 136 175 175 LEU LEU A . n 
A 1 137 PHE 137 176 176 PHE PHE A . n 
A 1 138 LYS 138 177 177 LYS LYS A . n 
A 1 139 ALA 139 178 178 ALA ALA A . n 
A 1 140 VAL 140 179 179 VAL VAL A . n 
A 1 141 GLU 141 180 180 GLU GLU A . n 
A 1 142 ASN 142 181 181 ASN ASN A . n 
A 1 143 LEU 143 182 182 LEU LEU A . n 
A 1 144 SER 144 183 183 SER SER A . n 
A 1 145 LYS 145 184 184 LYS LYS A . n 
A 1 146 ALA 146 185 185 ALA ALA A . n 
A 1 147 ALA 147 186 186 ALA ALA A . n 
A 1 148 GLN 148 187 187 GLN GLN A . n 
A 1 149 ASP 149 188 188 ASP ASP A . n 
A 1 150 THR 150 189 189 THR THR A . n 
A 1 151 LEU 151 190 190 LEU LEU A . n 
A 1 152 LYS 152 191 191 LYS LYS A . n 
A 1 153 ASN 153 192 192 ASN ASN A . n 
A 1 154 ALA 154 193 193 ALA ALA A . n 
A 1 155 VAL 155 194 194 VAL VAL A . n 
A 1 156 LYS 156 195 195 LYS LYS A . n 
A 1 157 GLU 157 196 196 GLU GLU A . n 
A 1 158 LEU 158 197 197 LEU LEU A . n 
A 1 159 THR 159 198 198 THR THR A . n 
A 1 160 SER 160 199 199 SER SER A . n 
A 1 161 PRO 161 200 200 PRO PRO A . n 
A 1 162 ILE 162 201 201 ILE ILE A . n 
A 1 163 VAL 163 202 202 VAL VAL A . n 
A 1 164 ALA 164 203 203 ALA ALA A . n 
# 
loop_
_pdbx_nonpoly_scheme.asym_id 
_pdbx_nonpoly_scheme.entity_id 
_pdbx_nonpoly_scheme.mon_id 
_pdbx_nonpoly_scheme.ndb_seq_num 
_pdbx_nonpoly_scheme.pdb_seq_num 
_pdbx_nonpoly_scheme.auth_seq_num 
_pdbx_nonpoly_scheme.pdb_mon_id 
_pdbx_nonpoly_scheme.auth_mon_id 
_pdbx_nonpoly_scheme.pdb_strand_id 
_pdbx_nonpoly_scheme.pdb_ins_code 
B 2 HOH 1   301 301 HOH HOH A . 
B 2 HOH 2   302 302 HOH HOH A . 
B 2 HOH 3   303 303 HOH HOH A . 
B 2 HOH 4   304 304 HOH HOH A . 
B 2 HOH 5   305 305 HOH HOH A . 
B 2 HOH 6   306 306 HOH HOH A . 
B 2 HOH 7   307 307 HOH HOH A . 
B 2 HOH 8   308 308 HOH HOH A . 
B 2 HOH 9   309 309 HOH HOH A . 
B 2 HOH 10  310 310 HOH HOH A . 
B 2 HOH 11  312 312 HOH HOH A . 
B 2 HOH 12  315 315 HOH HOH A . 
B 2 HOH 13  316 316 HOH HOH A . 
B 2 HOH 14  317 317 HOH HOH A . 
B 2 HOH 15  318 318 HOH HOH A . 
B 2 HOH 16  319 319 HOH HOH A . 
B 2 HOH 17  321 321 HOH HOH A . 
B 2 HOH 18  322 322 HOH HOH A . 
B 2 HOH 19  325 325 HOH HOH A . 
B 2 HOH 20  327 327 HOH HOH A . 
B 2 HOH 21  328 328 HOH HOH A . 
B 2 HOH 22  329 329 HOH HOH A . 
B 2 HOH 23  330 330 HOH HOH A . 
B 2 HOH 24  335 335 HOH HOH A . 
B 2 HOH 25  336 336 HOH HOH A . 
B 2 HOH 26  338 338 HOH HOH A . 
B 2 HOH 27  340 340 HOH HOH A . 
B 2 HOH 28  341 341 HOH HOH A . 
B 2 HOH 29  342 342 HOH HOH A . 
B 2 HOH 30  344 344 HOH HOH A . 
B 2 HOH 31  345 345 HOH HOH A . 
B 2 HOH 32  346 346 HOH HOH A . 
B 2 HOH 33  347 347 HOH HOH A . 
B 2 HOH 34  348 348 HOH HOH A . 
B 2 HOH 35  349 349 HOH HOH A . 
B 2 HOH 36  350 350 HOH HOH A . 
B 2 HOH 37  354 354 HOH HOH A . 
B 2 HOH 38  357 357 HOH HOH A . 
B 2 HOH 39  358 358 HOH HOH A . 
B 2 HOH 40  359 359 HOH HOH A . 
B 2 HOH 41  360 360 HOH HOH A . 
B 2 HOH 42  361 361 HOH HOH A . 
B 2 HOH 43  362 362 HOH HOH A . 
B 2 HOH 44  364 364 HOH HOH A . 
B 2 HOH 45  366 366 HOH HOH A . 
B 2 HOH 46  367 367 HOH HOH A . 
B 2 HOH 47  369 369 HOH HOH A . 
B 2 HOH 48  373 373 HOH HOH A . 
B 2 HOH 49  374 374 HOH HOH A . 
B 2 HOH 50  376 376 HOH HOH A . 
B 2 HOH 51  379 379 HOH HOH A . 
B 2 HOH 52  381 381 HOH HOH A . 
B 2 HOH 53  384 384 HOH HOH A . 
B 2 HOH 54  385 385 HOH HOH A . 
B 2 HOH 55  386 386 HOH HOH A . 
B 2 HOH 56  387 387 HOH HOH A . 
B 2 HOH 57  388 388 HOH HOH A . 
B 2 HOH 58  392 392 HOH HOH A . 
B 2 HOH 59  393 393 HOH HOH A . 
B 2 HOH 60  395 395 HOH HOH A . 
B 2 HOH 61  396 396 HOH HOH A . 
B 2 HOH 62  397 397 HOH HOH A . 
B 2 HOH 63  400 400 HOH HOH A . 
B 2 HOH 64  402 402 HOH HOH A . 
B 2 HOH 65  406 406 HOH HOH A . 
B 2 HOH 66  408 408 HOH HOH A . 
B 2 HOH 67  418 418 HOH HOH A . 
B 2 HOH 68  421 421 HOH HOH A . 
B 2 HOH 69  424 424 HOH HOH A . 
B 2 HOH 70  425 425 HOH HOH A . 
B 2 HOH 71  427 427 HOH HOH A . 
B 2 HOH 72  428 428 HOH HOH A . 
B 2 HOH 73  434 434 HOH HOH A . 
B 2 HOH 74  440 440 HOH HOH A . 
B 2 HOH 75  441 441 HOH HOH A . 
B 2 HOH 76  444 444 HOH HOH A . 
B 2 HOH 77  454 454 HOH HOH A . 
B 2 HOH 78  457 457 HOH HOH A . 
B 2 HOH 79  461 461 HOH HOH A . 
B 2 HOH 80  470 470 HOH HOH A . 
B 2 HOH 81  473 473 HOH HOH A . 
B 2 HOH 82  478 478 HOH HOH A . 
B 2 HOH 83  480 480 HOH HOH A . 
B 2 HOH 84  481 481 HOH HOH A . 
B 2 HOH 85  483 483 HOH HOH A . 
B 2 HOH 86  485 485 HOH HOH A . 
B 2 HOH 87  500 500 HOH HOH A . 
B 2 HOH 88  503 503 HOH HOH A . 
B 2 HOH 89  504 504 HOH HOH A . 
B 2 HOH 90  508 508 HOH HOH A . 
B 2 HOH 91  518 518 HOH HOH A . 
B 2 HOH 92  520 520 HOH HOH A . 
B 2 HOH 93  521 521 HOH HOH A . 
B 2 HOH 94  524 524 HOH HOH A . 
B 2 HOH 95  525 525 HOH HOH A . 
B 2 HOH 96  527 527 HOH HOH A . 
B 2 HOH 97  528 528 HOH HOH A . 
B 2 HOH 98  529 529 HOH HOH A . 
B 2 HOH 99  530 530 HOH HOH A . 
B 2 HOH 100 531 531 HOH HOH A . 
B 2 HOH 101 532 532 HOH HOH A . 
B 2 HOH 102 533 533 HOH HOH A . 
B 2 HOH 103 534 534 HOH HOH A . 
B 2 HOH 104 535 535 HOH HOH A . 
B 2 HOH 105 536 536 HOH HOH A . 
B 2 HOH 106 537 537 HOH HOH A . 
B 2 HOH 107 538 538 HOH HOH A . 
B 2 HOH 108 539 539 HOH HOH A . 
B 2 HOH 109 540 540 HOH HOH A . 
B 2 HOH 110 541 541 HOH HOH A . 
B 2 HOH 111 542 542 HOH HOH A . 
B 2 HOH 112 543 543 HOH HOH A . 
B 2 HOH 113 544 544 HOH HOH A . 
B 2 HOH 114 545 545 HOH HOH A . 
B 2 HOH 115 546 546 HOH HOH A . 
B 2 HOH 116 547 547 HOH HOH A . 
B 2 HOH 117 548 548 HOH HOH A . 
B 2 HOH 118 549 549 HOH HOH A . 
B 2 HOH 119 550 550 HOH HOH A . 
B 2 HOH 120 551 551 HOH HOH A . 
B 2 HOH 121 552 552 HOH HOH A . 
B 2 HOH 122 553 553 HOH HOH A . 
B 2 HOH 123 554 554 HOH HOH A . 
B 2 HOH 124 555 555 HOH HOH A . 
B 2 HOH 125 556 556 HOH HOH A . 
B 2 HOH 126 557 557 HOH HOH A . 
B 2 HOH 127 558 558 HOH HOH A . 
B 2 HOH 128 559 559 HOH HOH A . 
B 2 HOH 129 560 560 HOH HOH A . 
B 2 HOH 130 561 561 HOH HOH A . 
B 2 HOH 131 563 563 HOH HOH A . 
B 2 HOH 132 565 565 HOH HOH A . 
B 2 HOH 133 566 566 HOH HOH A . 
B 2 HOH 134 567 567 HOH HOH A . 
B 2 HOH 135 568 568 HOH HOH A . 
B 2 HOH 136 569 569 HOH HOH A . 
B 2 HOH 137 570 570 HOH HOH A . 
B 2 HOH 138 571 571 HOH HOH A . 
B 2 HOH 139 572 572 HOH HOH A . 
B 2 HOH 140 573 573 HOH HOH A . 
B 2 HOH 141 574 574 HOH HOH A . 
B 2 HOH 142 575 575 HOH HOH A . 
B 2 HOH 143 576 576 HOH HOH A . 
B 2 HOH 144 577 577 HOH HOH A . 
B 2 HOH 145 578 578 HOH HOH A . 
B 2 HOH 146 579 579 HOH HOH A . 
B 2 HOH 147 580 580 HOH HOH A . 
B 2 HOH 148 581 581 HOH HOH A . 
B 2 HOH 149 583 583 HOH HOH A . 
B 2 HOH 150 584 584 HOH HOH A . 
B 2 HOH 151 585 585 HOH HOH A . 
B 2 HOH 152 586 586 HOH HOH A . 
B 2 HOH 153 587 587 HOH HOH A . 
B 2 HOH 154 588 588 HOH HOH A . 
B 2 HOH 155 589 589 HOH HOH A . 
B 2 HOH 156 590 590 HOH HOH A . 
B 2 HOH 157 591 591 HOH HOH A . 
B 2 HOH 158 592 592 HOH HOH A . 
B 2 HOH 159 593 593 HOH HOH A . 
B 2 HOH 160 594 594 HOH HOH A . 
B 2 HOH 161 595 595 HOH HOH A . 
B 2 HOH 162 596 596 HOH HOH A . 
B 2 HOH 163 597 597 HOH HOH A . 
B 2 HOH 164 598 598 HOH HOH A . 
B 2 HOH 165 599 599 HOH HOH A . 
B 2 HOH 166 600 600 HOH HOH A . 
B 2 HOH 167 601 601 HOH HOH A . 
B 2 HOH 168 602 602 HOH HOH A . 
B 2 HOH 169 603 603 HOH HOH A . 
B 2 HOH 170 604 604 HOH HOH A . 
B 2 HOH 171 605 605 HOH HOH A . 
B 2 HOH 172 606 606 HOH HOH A . 
B 2 HOH 173 607 607 HOH HOH A . 
B 2 HOH 174 608 608 HOH HOH A . 
B 2 HOH 175 609 609 HOH HOH A . 
B 2 HOH 176 610 610 HOH HOH A . 
B 2 HOH 177 611 611 HOH HOH A . 
B 2 HOH 178 612 612 HOH HOH A . 
B 2 HOH 179 613 613 HOH HOH A . 
B 2 HOH 180 614 614 HOH HOH A . 
B 2 HOH 181 615 615 HOH HOH A . 
B 2 HOH 182 616 616 HOH HOH A . 
B 2 HOH 183 617 617 HOH HOH A . 
B 2 HOH 184 618 618 HOH HOH A . 
B 2 HOH 185 619 619 HOH HOH A . 
B 2 HOH 186 620 620 HOH HOH A . 
B 2 HOH 187 621 621 HOH HOH A . 
B 2 HOH 188 622 622 HOH HOH A . 
B 2 HOH 189 623 623 HOH HOH A . 
B 2 HOH 190 624 624 HOH HOH A . 
B 2 HOH 191 625 625 HOH HOH A . 
B 2 HOH 192 626 626 HOH HOH A . 
B 2 HOH 193 627 627 HOH HOH A . 
# 
loop_
_software.name 
_software.classification 
_software.version 
_software.citation_id 
_software.pdbx_ordinal 
CNS       refinement       . ? 1 
DENZO     'data reduction' . ? 2 
SCALEPACK 'data scaling'   . ? 3 
CNS       phasing          . ? 4 
# 
_cell.entry_id           1G5Z 
_cell.length_a           32.079 
_cell.length_b           47.052 
_cell.length_c           110.607 
_cell.angle_alpha        90.00 
_cell.angle_beta         90.00 
_cell.angle_gamma        90.00 
_cell.Z_PDB              4 
_cell.pdbx_unique_axis   ? 
# 
_symmetry.entry_id                         1G5Z 
_symmetry.space_group_name_H-M             'P 21 21 2' 
_symmetry.pdbx_full_space_group_name_H-M   ? 
_symmetry.cell_setting                     ? 
_symmetry.Int_Tables_number                18 
# 
_exptl.entry_id          1G5Z 
_exptl.method            'X-RAY DIFFRACTION' 
_exptl.crystals_number   1 
# 
_exptl_crystal.id                    1 
_exptl_crystal.density_meas          ? 
_exptl_crystal.density_Matthews      2.0 
_exptl_crystal.density_percent_sol   38 
_exptl_crystal.description           ? 
# 
_exptl_crystal_grow.crystal_id      1 
_exptl_crystal_grow.method          'VAPOR DIFFUSION, HANGING DROP' 
_exptl_crystal_grow.temp            298.0 
_exptl_crystal_grow.temp_details    ? 
_exptl_crystal_grow.pH              7.0 
_exptl_crystal_grow.pdbx_details    'PEG 1500, EDTA, DTT, Tris, pH 7.0, VAPOR DIFFUSION, HANGING DROP, temperature 298.0K' 
_exptl_crystal_grow.pdbx_pH_range   . 
# 
_diffrn.id                     1 
_diffrn.ambient_temp           100.0 
_diffrn.ambient_temp_details   ? 
_diffrn.crystal_id             1 
# 
_diffrn_detector.diffrn_id              1 
_diffrn_detector.detector               'IMAGE PLATE' 
_diffrn_detector.type                   MACSCIENCE 
_diffrn_detector.pdbx_collection_date   1999-11-23 
_diffrn_detector.details                mirrors 
# 
_diffrn_radiation.diffrn_id                        1 
_diffrn_radiation.wavelength_id                    1 
_diffrn_radiation.pdbx_monochromatic_or_laue_m_l   M 
_diffrn_radiation.monochromator                    'osmic mirrors' 
_diffrn_radiation.pdbx_diffrn_protocol             'SINGLE WAVELENGTH' 
_diffrn_radiation.pdbx_scattering_type             x-ray 
# 
_diffrn_radiation_wavelength.id           1 
_diffrn_radiation_wavelength.wavelength   1.54078 
_diffrn_radiation_wavelength.wt           1.0 
# 
_diffrn_source.diffrn_id                   1 
_diffrn_source.source                      'ROTATING ANODE' 
_diffrn_source.type                        RIGAKU 
_diffrn_source.pdbx_synchrotron_site       ? 
_diffrn_source.pdbx_synchrotron_beamline   ? 
_diffrn_source.pdbx_wavelength             ? 
_diffrn_source.pdbx_wavelength_list        1.54078 
# 
_reflns.entry_id                     1G5Z 
_reflns.observed_criterion_sigma_I   0.5 
_reflns.observed_criterion_sigma_F   0 
_reflns.d_resolution_low             20 
_reflns.d_resolution_high            2.5 
_reflns.number_obs                   5757 
_reflns.number_all                   5757 
_reflns.percent_possible_obs         93.7 
_reflns.pdbx_Rmerge_I_obs            ? 
_reflns.pdbx_Rsym_value              0.0670000 
_reflns.pdbx_netI_over_sigmaI        14.2 
_reflns.B_iso_Wilson_estimate        31.9 
_reflns.pdbx_redundancy              3.9 
_reflns.R_free_details               ? 
_reflns.limit_h_max                  ? 
_reflns.limit_h_min                  ? 
_reflns.limit_k_max                  ? 
_reflns.limit_k_min                  ? 
_reflns.limit_l_max                  ? 
_reflns.limit_l_min                  ? 
_reflns.observed_criterion_F_max     ? 
_reflns.observed_criterion_F_min     ? 
_reflns.pdbx_ordinal                 1 
_reflns.pdbx_diffrn_id               1 
# 
_reflns_shell.d_res_high             2.5 
_reflns_shell.d_res_low              2.59 
_reflns_shell.percent_possible_all   89.6 
_reflns_shell.Rmerge_I_obs           ? 
_reflns_shell.pdbx_Rsym_value        0.2070000 
_reflns_shell.meanI_over_sigI_obs    ? 
_reflns_shell.pdbx_redundancy        2.7 
_reflns_shell.percent_possible_obs   ? 
_reflns_shell.number_unique_all      ? 
_reflns_shell.pdbx_ordinal           1 
_reflns_shell.pdbx_diffrn_id         1 
# 
_refine.entry_id                                 1G5Z 
_refine.ls_number_reflns_obs                     5581 
_refine.ls_number_reflns_all                     ? 
_refine.pdbx_ls_sigma_I                          0 
_refine.pdbx_ls_sigma_F                          2.0 
_refine.pdbx_data_cutoff_high_absF               253477.35 
_refine.pdbx_data_cutoff_low_absF                0.00 
_refine.ls_d_res_low                             19.14 
_refine.ls_d_res_high                            2.51 
_refine.ls_percent_reflns_obs                    90.5 
_refine.ls_R_factor_obs                          0.1960000 
_refine.ls_R_factor_all                          ? 
_refine.ls_R_factor_R_work                       0.1960000 
_refine.ls_R_factor_R_free                       0.2600000 
_refine.ls_R_factor_R_free_error                 0.015 
_refine.ls_R_factor_R_free_error_details         ? 
_refine.ls_percent_reflns_R_free                 5.6 
_refine.ls_number_reflns_R_free                  315 
_refine.ls_number_parameters                     ? 
_refine.ls_number_restraints                     ? 
_refine.occupancy_min                            ? 
_refine.occupancy_max                            ? 
_refine.B_iso_mean                               38.9 
_refine.aniso_B[1][1]                            6.83 
_refine.aniso_B[2][2]                            -7.58 
_refine.aniso_B[3][3]                            0.76 
_refine.aniso_B[1][2]                            0.00 
_refine.aniso_B[1][3]                            0.00 
_refine.aniso_B[2][3]                            0.00 
_refine.solvent_model_details                    'FLAT MODEL' 
_refine.solvent_model_param_ksol                 0.304 
_refine.solvent_model_param_bsol                 44.90 
_refine.pdbx_ls_cross_valid_method               THROUGHOUT 
_refine.details                                  ? 
_refine.pdbx_starting_model                      ? 
_refine.pdbx_method_to_determine_struct          'MOLECULAR REPLACEMENT' 
_refine.pdbx_isotropic_thermal_model             RESTRAINED 
_refine.pdbx_stereochemistry_target_values       ? 
_refine.pdbx_stereochem_target_val_spec_case     ? 
_refine.pdbx_R_Free_selection_details            RANDOM 
_refine.pdbx_overall_ESU_R_Free                  ? 
_refine.overall_SU_B                             ? 
_refine.ls_redundancy_reflns_obs                 ? 
_refine.B_iso_min                                ? 
_refine.B_iso_max                                ? 
_refine.overall_SU_ML                            ? 
_refine.pdbx_overall_ESU_R                       ? 
_refine.pdbx_data_cutoff_high_rms_absF           ? 
_refine.correlation_coeff_Fo_to_Fc               ? 
_refine.correlation_coeff_Fo_to_Fc_free          ? 
_refine.overall_SU_R_Cruickshank_DPI             ? 
_refine.overall_SU_R_free                        ? 
_refine.pdbx_refine_id                           'X-RAY DIFFRACTION' 
_refine.pdbx_diffrn_id                           1 
_refine.pdbx_TLS_residual_ADP_flag               ? 
_refine.pdbx_solvent_vdw_probe_radii             ? 
_refine.pdbx_solvent_ion_probe_radii             ? 
_refine.pdbx_solvent_shrinkage_radii             ? 
_refine.pdbx_overall_phase_error                 ? 
_refine.pdbx_overall_SU_R_free_Cruickshank_DPI   ? 
_refine.pdbx_overall_SU_R_Blow_DPI               ? 
_refine.pdbx_overall_SU_R_free_Blow_DPI          ? 
# 
_refine_analyze.entry_id                        1G5Z 
_refine_analyze.Luzzati_coordinate_error_obs    0.26 
_refine_analyze.Luzzati_sigma_a_obs             0.30 
_refine_analyze.Luzzati_d_res_low_obs           5.00 
_refine_analyze.Luzzati_coordinate_error_free   0.39 
_refine_analyze.Luzzati_sigma_a_free            0.33 
_refine_analyze.Luzzati_d_res_low_free          ? 
_refine_analyze.number_disordered_residues      ? 
_refine_analyze.occupancy_sum_hydrogen          ? 
_refine_analyze.occupancy_sum_non_hydrogen      ? 
_refine_analyze.pdbx_Luzzati_d_res_high_obs     ? 
_refine_analyze.pdbx_refine_id                  'X-RAY DIFFRACTION' 
# 
_refine_hist.pdbx_refine_id                   'X-RAY DIFFRACTION' 
_refine_hist.cycle_id                         LAST 
_refine_hist.pdbx_number_atoms_protein        1240 
_refine_hist.pdbx_number_atoms_nucleic_acid   0 
_refine_hist.pdbx_number_atoms_ligand         0 
_refine_hist.number_atoms_solvent             193 
_refine_hist.number_atoms_total               1433 
_refine_hist.d_res_high                       2.51 
_refine_hist.d_res_low                        19.14 
# 
loop_
_refine_ls_restr.type 
_refine_ls_restr.dev_ideal 
_refine_ls_restr.dev_ideal_target 
_refine_ls_restr.weight 
_refine_ls_restr.number 
_refine_ls_restr.pdbx_refine_id 
_refine_ls_restr.pdbx_restraint_function 
c_bond_d           0.005 ?    ? ? 'X-RAY DIFFRACTION' ? 
c_angle_deg        1.2   ?    ? ? 'X-RAY DIFFRACTION' ? 
c_dihedral_angle_d 17.8  ?    ? ? 'X-RAY DIFFRACTION' ? 
c_improper_angle_d 0.66  ?    ? ? 'X-RAY DIFFRACTION' ? 
c_mcbond_it        0.98  1.50 ? ? 'X-RAY DIFFRACTION' ? 
c_mcangle_it       1.62  2.00 ? ? 'X-RAY DIFFRACTION' ? 
c_scbond_it        1.45  2.00 ? ? 'X-RAY DIFFRACTION' ? 
c_scangle_it       2.17  2.50 ? ? 'X-RAY DIFFRACTION' ? 
# 
_refine_ls_shell.pdbx_total_number_of_bins_used   6 
_refine_ls_shell.d_res_high                       2.50 
_refine_ls_shell.d_res_low                        2.66 
_refine_ls_shell.number_reflns_R_work             708 
_refine_ls_shell.R_factor_R_work                  0.2510000 
_refine_ls_shell.percent_reflns_obs               75.6 
_refine_ls_shell.R_factor_R_free                  0.3220000 
_refine_ls_shell.R_factor_R_free_error            0.046 
_refine_ls_shell.percent_reflns_R_free            6.6 
_refine_ls_shell.number_reflns_R_free             50 
_refine_ls_shell.number_reflns_obs                ? 
_refine_ls_shell.redundancy_reflns_obs            ? 
_refine_ls_shell.number_reflns_all                ? 
_refine_ls_shell.pdbx_refine_id                   'X-RAY DIFFRACTION' 
_refine_ls_shell.R_factor_all                     ? 
# 
loop_
_pdbx_xplor_file.serial_no 
_pdbx_xplor_file.param_file 
_pdbx_xplor_file.topol_file 
_pdbx_xplor_file.pdbx_refine_id 
1 PROTEIN_REP.PA PROTEIN.TOP 'X-RAY DIFFRACTION' 
2 WATER_REP.PARA WATER.TOP   'X-RAY DIFFRACTION' 
# 
_struct.entry_id                  1G5Z 
_struct.title                     
'CRYSTAL STRUCTURE OF LYME DISEASE ANTIGEN OUTER SURFACE PROTEIN C (OSPC) FROM BORRELIA BURGDORFERI STRAIN N40' 
_struct.pdbx_model_details        ? 
_struct.pdbx_CASP_flag            ? 
_struct.pdbx_model_type_details   ? 
# 
_struct_keywords.entry_id        1G5Z 
_struct_keywords.pdbx_keywords   'IMMUNE SYSTEM' 
_struct_keywords.text            'Surface Protein, Alpha helix protein, IMMUNE SYSTEM' 
# 
loop_
_struct_asym.id 
_struct_asym.pdbx_blank_PDB_chainid_flag 
_struct_asym.pdbx_modified 
_struct_asym.entity_id 
_struct_asym.details 
A N N 1 ? 
B N N 2 ? 
# 
_struct_ref.id                         1 
_struct_ref.db_name                    UNP 
_struct_ref.db_code                    O31117_BORBU 
_struct_ref.entity_id                  1 
_struct_ref.pdbx_db_accession          O31117 
_struct_ref.pdbx_align_begin           22 
_struct_ref.pdbx_seq_one_letter_code   
;PNLTEISKKITESNAVVLAVKEVETLLASIDELATKAIGKKIGNNGLEANQSKNTSLLSGAYAISDLIAEKLNVLKNEEL
KEKIDTAKQCSTEFTNKLKSEHAVLGLDNLTDDNAQRAILKKHANKDKGAAELEKLFKAVENLSKAAQDTLKNAVKELTS
PIVA
;
_struct_ref.pdbx_db_isoform            ? 
# 
_struct_ref_seq.align_id                      1 
_struct_ref_seq.ref_id                        1 
_struct_ref_seq.pdbx_PDB_id_code              1G5Z 
_struct_ref_seq.pdbx_strand_id                A 
_struct_ref_seq.seq_align_beg                 1 
_struct_ref_seq.pdbx_seq_align_beg_ins_code   ? 
_struct_ref_seq.seq_align_end                 164 
_struct_ref_seq.pdbx_seq_align_end_ins_code   ? 
_struct_ref_seq.pdbx_db_accession             O31117 
_struct_ref_seq.db_align_beg                  22 
_struct_ref_seq.pdbx_db_align_beg_ins_code    ? 
_struct_ref_seq.db_align_end                  185 
_struct_ref_seq.pdbx_db_align_end_ins_code    ? 
_struct_ref_seq.pdbx_auth_seq_align_beg       40 
_struct_ref_seq.pdbx_auth_seq_align_end       203 
# 
_pdbx_struct_assembly.id                   1 
_pdbx_struct_assembly.details              author_and_software_defined_assembly 
_pdbx_struct_assembly.method_details       PISA,PQS 
_pdbx_struct_assembly.oligomeric_details   dimeric 
_pdbx_struct_assembly.oligomeric_count     2 
# 
loop_
_pdbx_struct_assembly_prop.biol_id 
_pdbx_struct_assembly_prop.type 
_pdbx_struct_assembly_prop.value 
_pdbx_struct_assembly_prop.details 
1 'ABSA (A^2)' 4150  ? 
1 MORE         -34   ? 
1 'SSA (A^2)'  15040 ? 
# 
_pdbx_struct_assembly_gen.assembly_id       1 
_pdbx_struct_assembly_gen.oper_expression   1,2 
_pdbx_struct_assembly_gen.asym_id_list      A,B 
# 
loop_
_pdbx_struct_oper_list.id 
_pdbx_struct_oper_list.type 
_pdbx_struct_oper_list.name 
_pdbx_struct_oper_list.symmetry_operation 
_pdbx_struct_oper_list.matrix[1][1] 
_pdbx_struct_oper_list.matrix[1][2] 
_pdbx_struct_oper_list.matrix[1][3] 
_pdbx_struct_oper_list.vector[1] 
_pdbx_struct_oper_list.matrix[2][1] 
_pdbx_struct_oper_list.matrix[2][2] 
_pdbx_struct_oper_list.matrix[2][3] 
_pdbx_struct_oper_list.vector[2] 
_pdbx_struct_oper_list.matrix[3][1] 
_pdbx_struct_oper_list.matrix[3][2] 
_pdbx_struct_oper_list.matrix[3][3] 
_pdbx_struct_oper_list.vector[3] 
1 'identity operation'         1_555 x,y,z     1.0000000000 0.0000000000  0.0000000000 0.0000000000 0.0000000000  1.0000000000  0.0000000000  0.0000000000  0.0000000000 0.0000000000  1.0000000000  0.0000000000 
2 'crystal symmetry operation' 2_755 -x+2,-y,z 0.0412972939 -0.7779978345 0.6269082095 4.0270382732 -0.7779978345 -0.4187244757 -0.4683899903 13.1228855448 0.6269082095 -0.4683899903 -0.6225728181 9.5966720303 
# 
_struct_biol.id                    1 
_struct_biol.pdbx_parent_biol_id   ? 
_struct_biol.details               ? 
# 
loop_
_struct_conf.conf_type_id 
_struct_conf.id 
_struct_conf.pdbx_PDB_helix_id 
_struct_conf.beg_label_comp_id 
_struct_conf.beg_label_asym_id 
_struct_conf.beg_label_seq_id 
_struct_conf.pdbx_beg_PDB_ins_code 
_struct_conf.end_label_comp_id 
_struct_conf.end_label_asym_id 
_struct_conf.end_label_seq_id 
_struct_conf.pdbx_end_PDB_ins_code 
_struct_conf.beg_auth_comp_id 
_struct_conf.beg_auth_asym_id 
_struct_conf.beg_auth_seq_id 
_struct_conf.end_auth_comp_id 
_struct_conf.end_auth_asym_id 
_struct_conf.end_auth_seq_id 
_struct_conf.pdbx_PDB_helix_class 
_struct_conf.details 
_struct_conf.pdbx_PDB_helix_length 
HELX_P HELX_P1 1 PRO A 1   ? THR A 4   ? PRO A 40  THR A 43  5 ? 4  
HELX_P HELX_P2 2 GLU A 5   ? ALA A 37  ? GLU A 44  ALA A 76  1 ? 33 
HELX_P HELX_P3 3 ASN A 54  ? VAL A 74  ? ASN A 93  VAL A 113 1 ? 21 
HELX_P HELX_P4 4 LEU A 80  ? GLU A 101 ? LEU A 119 GLU A 140 1 ? 22 
HELX_P HELX_P5 5 GLU A 101 ? GLY A 106 ? GLU A 140 GLY A 145 1 ? 6  
HELX_P HELX_P6 6 THR A 111 ? LEU A 120 ? THR A 150 LEU A 159 1 ? 10 
HELX_P HELX_P7 7 GLY A 129 ? GLU A 157 ? GLY A 168 GLU A 196 1 ? 29 
# 
_struct_conf_type.id          HELX_P 
_struct_conf_type.criteria    ? 
_struct_conf_type.reference   ? 
# 
_struct_sheet.id               A 
_struct_sheet.type             ? 
_struct_sheet.number_strands   2 
_struct_sheet.details          ? 
# 
_struct_sheet_order.sheet_id     A 
_struct_sheet_order.range_id_1   1 
_struct_sheet_order.range_id_2   2 
_struct_sheet_order.offset       ? 
_struct_sheet_order.sense        anti-parallel 
# 
loop_
_struct_sheet_range.sheet_id 
_struct_sheet_range.id 
_struct_sheet_range.beg_label_comp_id 
_struct_sheet_range.beg_label_asym_id 
_struct_sheet_range.beg_label_seq_id 
_struct_sheet_range.pdbx_beg_PDB_ins_code 
_struct_sheet_range.end_label_comp_id 
_struct_sheet_range.end_label_asym_id 
_struct_sheet_range.end_label_seq_id 
_struct_sheet_range.pdbx_end_PDB_ins_code 
_struct_sheet_range.beg_auth_comp_id 
_struct_sheet_range.beg_auth_asym_id 
_struct_sheet_range.beg_auth_seq_id 
_struct_sheet_range.end_auth_comp_id 
_struct_sheet_range.end_auth_asym_id 
_struct_sheet_range.end_auth_seq_id 
A 1 LYS A 40 ? GLY A 43 ? LYS A 79 GLY A 82 
A 2 GLY A 46 ? ALA A 49 ? GLY A 85 ALA A 88 
# 
_pdbx_struct_sheet_hbond.sheet_id                A 
_pdbx_struct_sheet_hbond.range_id_1              1 
_pdbx_struct_sheet_hbond.range_id_2              2 
_pdbx_struct_sheet_hbond.range_1_label_atom_id   N 
_pdbx_struct_sheet_hbond.range_1_label_comp_id   GLY 
_pdbx_struct_sheet_hbond.range_1_label_asym_id   A 
_pdbx_struct_sheet_hbond.range_1_label_seq_id    43 
_pdbx_struct_sheet_hbond.range_1_PDB_ins_code    ? 
_pdbx_struct_sheet_hbond.range_1_auth_atom_id    N 
_pdbx_struct_sheet_hbond.range_1_auth_comp_id    GLY 
_pdbx_struct_sheet_hbond.range_1_auth_asym_id    A 
_pdbx_struct_sheet_hbond.range_1_auth_seq_id     82 
_pdbx_struct_sheet_hbond.range_2_label_atom_id   O 
_pdbx_struct_sheet_hbond.range_2_label_comp_id   GLY 
_pdbx_struct_sheet_hbond.range_2_label_asym_id   A 
_pdbx_struct_sheet_hbond.range_2_label_seq_id    46 
_pdbx_struct_sheet_hbond.range_2_PDB_ins_code    ? 
_pdbx_struct_sheet_hbond.range_2_auth_atom_id    O 
_pdbx_struct_sheet_hbond.range_2_auth_comp_id    GLY 
_pdbx_struct_sheet_hbond.range_2_auth_asym_id    A 
_pdbx_struct_sheet_hbond.range_2_auth_seq_id     85 
# 
loop_
_pdbx_validate_close_contact.id 
_pdbx_validate_close_contact.PDB_model_num 
_pdbx_validate_close_contact.auth_atom_id_1 
_pdbx_validate_close_contact.auth_asym_id_1 
_pdbx_validate_close_contact.auth_comp_id_1 
_pdbx_validate_close_contact.auth_seq_id_1 
_pdbx_validate_close_contact.PDB_ins_code_1 
_pdbx_validate_close_contact.label_alt_id_1 
_pdbx_validate_close_contact.auth_atom_id_2 
_pdbx_validate_close_contact.auth_asym_id_2 
_pdbx_validate_close_contact.auth_comp_id_2 
_pdbx_validate_close_contact.auth_seq_id_2 
_pdbx_validate_close_contact.PDB_ins_code_2 
_pdbx_validate_close_contact.label_alt_id_2 
_pdbx_validate_close_contact.dist 
1 1 NZ A LYS 79  ? ? O A HOH 539 ? ? 1.99 
2 1 O  A ASP 147 ? ? O A HOH 544 ? ? 2.10 
3 1 O  A HOH 569 ? ? O A HOH 587 ? ? 2.18 
# 
_pdbx_validate_symm_contact.id                1 
_pdbx_validate_symm_contact.PDB_model_num     1 
_pdbx_validate_symm_contact.auth_atom_id_1    O 
_pdbx_validate_symm_contact.auth_asym_id_1    A 
_pdbx_validate_symm_contact.auth_comp_id_1    HOH 
_pdbx_validate_symm_contact.auth_seq_id_1     310 
_pdbx_validate_symm_contact.PDB_ins_code_1    ? 
_pdbx_validate_symm_contact.label_alt_id_1    ? 
_pdbx_validate_symm_contact.site_symmetry_1   1_555 
_pdbx_validate_symm_contact.auth_atom_id_2    O 
_pdbx_validate_symm_contact.auth_asym_id_2    A 
_pdbx_validate_symm_contact.auth_comp_id_2    HOH 
_pdbx_validate_symm_contact.auth_seq_id_2     327 
_pdbx_validate_symm_contact.PDB_ins_code_2    ? 
_pdbx_validate_symm_contact.label_alt_id_2    ? 
_pdbx_validate_symm_contact.site_symmetry_2   1_455 
_pdbx_validate_symm_contact.dist              1.95 
# 
loop_
_pdbx_validate_torsion.id 
_pdbx_validate_torsion.PDB_model_num 
_pdbx_validate_torsion.auth_comp_id 
_pdbx_validate_torsion.auth_asym_id 
_pdbx_validate_torsion.auth_seq_id 
_pdbx_validate_torsion.PDB_ins_code 
_pdbx_validate_torsion.label_alt_id 
_pdbx_validate_torsion.phi 
_pdbx_validate_torsion.psi 
1  1 THR A 43  ? ? 48.73   28.02   
2  1 GLU A 44  ? ? -74.33  23.72   
3  1 ASN A 89  ? ? -171.98 90.69   
4  1 LYS A 92  ? ? -155.06 46.53   
5  1 ASN A 116 ? ? -166.34 116.61  
6  1 LYS A 120 ? ? -27.60  -49.95  
7  1 GLU A 121 ? ? -48.47  -72.23  
8  1 ASN A 148 ? ? -89.62  39.95   
9  1 LYS A 167 ? ? -144.12 19.72   
10 1 VAL A 202 ? ? 70.06   -119.40 
# 
loop_
_pdbx_struct_special_symmetry.id 
_pdbx_struct_special_symmetry.PDB_model_num 
_pdbx_struct_special_symmetry.auth_asym_id 
_pdbx_struct_special_symmetry.auth_comp_id 
_pdbx_struct_special_symmetry.auth_seq_id 
_pdbx_struct_special_symmetry.PDB_ins_code 
_pdbx_struct_special_symmetry.label_asym_id 
_pdbx_struct_special_symmetry.label_comp_id 
_pdbx_struct_special_symmetry.label_seq_id 
1 1 A HOH 586 ? B HOH . 
2 1 A HOH 599 ? B HOH . 
# 
loop_
_chem_comp_atom.comp_id 
_chem_comp_atom.atom_id 
_chem_comp_atom.type_symbol 
_chem_comp_atom.pdbx_aromatic_flag 
_chem_comp_atom.pdbx_stereo_config 
_chem_comp_atom.pdbx_ordinal 
ALA N    N N N 1   
ALA CA   C N S 2   
ALA C    C N N 3   
ALA O    O N N 4   
ALA CB   C N N 5   
ALA OXT  O N N 6   
ALA H    H N N 7   
ALA H2   H N N 8   
ALA HA   H N N 9   
ALA HB1  H N N 10  
ALA HB2  H N N 11  
ALA HB3  H N N 12  
ALA HXT  H N N 13  
ARG N    N N N 14  
ARG CA   C N S 15  
ARG C    C N N 16  
ARG O    O N N 17  
ARG CB   C N N 18  
ARG CG   C N N 19  
ARG CD   C N N 20  
ARG NE   N N N 21  
ARG CZ   C N N 22  
ARG NH1  N N N 23  
ARG NH2  N N N 24  
ARG OXT  O N N 25  
ARG H    H N N 26  
ARG H2   H N N 27  
ARG HA   H N N 28  
ARG HB2  H N N 29  
ARG HB3  H N N 30  
ARG HG2  H N N 31  
ARG HG3  H N N 32  
ARG HD2  H N N 33  
ARG HD3  H N N 34  
ARG HE   H N N 35  
ARG HH11 H N N 36  
ARG HH12 H N N 37  
ARG HH21 H N N 38  
ARG HH22 H N N 39  
ARG HXT  H N N 40  
ASN N    N N N 41  
ASN CA   C N S 42  
ASN C    C N N 43  
ASN O    O N N 44  
ASN CB   C N N 45  
ASN CG   C N N 46  
ASN OD1  O N N 47  
ASN ND2  N N N 48  
ASN OXT  O N N 49  
ASN H    H N N 50  
ASN H2   H N N 51  
ASN HA   H N N 52  
ASN HB2  H N N 53  
ASN HB3  H N N 54  
ASN HD21 H N N 55  
ASN HD22 H N N 56  
ASN HXT  H N N 57  
ASP N    N N N 58  
ASP CA   C N S 59  
ASP C    C N N 60  
ASP O    O N N 61  
ASP CB   C N N 62  
ASP CG   C N N 63  
ASP OD1  O N N 64  
ASP OD2  O N N 65  
ASP OXT  O N N 66  
ASP H    H N N 67  
ASP H2   H N N 68  
ASP HA   H N N 69  
ASP HB2  H N N 70  
ASP HB3  H N N 71  
ASP HD2  H N N 72  
ASP HXT  H N N 73  
CYS N    N N N 74  
CYS CA   C N R 75  
CYS C    C N N 76  
CYS O    O N N 77  
CYS CB   C N N 78  
CYS SG   S N N 79  
CYS OXT  O N N 80  
CYS H    H N N 81  
CYS H2   H N N 82  
CYS HA   H N N 83  
CYS HB2  H N N 84  
CYS HB3  H N N 85  
CYS HG   H N N 86  
CYS HXT  H N N 87  
GLN N    N N N 88  
GLN CA   C N S 89  
GLN C    C N N 90  
GLN O    O N N 91  
GLN CB   C N N 92  
GLN CG   C N N 93  
GLN CD   C N N 94  
GLN OE1  O N N 95  
GLN NE2  N N N 96  
GLN OXT  O N N 97  
GLN H    H N N 98  
GLN H2   H N N 99  
GLN HA   H N N 100 
GLN HB2  H N N 101 
GLN HB3  H N N 102 
GLN HG2  H N N 103 
GLN HG3  H N N 104 
GLN HE21 H N N 105 
GLN HE22 H N N 106 
GLN HXT  H N N 107 
GLU N    N N N 108 
GLU CA   C N S 109 
GLU C    C N N 110 
GLU O    O N N 111 
GLU CB   C N N 112 
GLU CG   C N N 113 
GLU CD   C N N 114 
GLU OE1  O N N 115 
GLU OE2  O N N 116 
GLU OXT  O N N 117 
GLU H    H N N 118 
GLU H2   H N N 119 
GLU HA   H N N 120 
GLU HB2  H N N 121 
GLU HB3  H N N 122 
GLU HG2  H N N 123 
GLU HG3  H N N 124 
GLU HE2  H N N 125 
GLU HXT  H N N 126 
GLY N    N N N 127 
GLY CA   C N N 128 
GLY C    C N N 129 
GLY O    O N N 130 
GLY OXT  O N N 131 
GLY H    H N N 132 
GLY H2   H N N 133 
GLY HA2  H N N 134 
GLY HA3  H N N 135 
GLY HXT  H N N 136 
HIS N    N N N 137 
HIS CA   C N S 138 
HIS C    C N N 139 
HIS O    O N N 140 
HIS CB   C N N 141 
HIS CG   C Y N 142 
HIS ND1  N Y N 143 
HIS CD2  C Y N 144 
HIS CE1  C Y N 145 
HIS NE2  N Y N 146 
HIS OXT  O N N 147 
HIS H    H N N 148 
HIS H2   H N N 149 
HIS HA   H N N 150 
HIS HB2  H N N 151 
HIS HB3  H N N 152 
HIS HD1  H N N 153 
HIS HD2  H N N 154 
HIS HE1  H N N 155 
HIS HE2  H N N 156 
HIS HXT  H N N 157 
HOH O    O N N 158 
HOH H1   H N N 159 
HOH H2   H N N 160 
ILE N    N N N 161 
ILE CA   C N S 162 
ILE C    C N N 163 
ILE O    O N N 164 
ILE CB   C N S 165 
ILE CG1  C N N 166 
ILE CG2  C N N 167 
ILE CD1  C N N 168 
ILE OXT  O N N 169 
ILE H    H N N 170 
ILE H2   H N N 171 
ILE HA   H N N 172 
ILE HB   H N N 173 
ILE HG12 H N N 174 
ILE HG13 H N N 175 
ILE HG21 H N N 176 
ILE HG22 H N N 177 
ILE HG23 H N N 178 
ILE HD11 H N N 179 
ILE HD12 H N N 180 
ILE HD13 H N N 181 
ILE HXT  H N N 182 
LEU N    N N N 183 
LEU CA   C N S 184 
LEU C    C N N 185 
LEU O    O N N 186 
LEU CB   C N N 187 
LEU CG   C N N 188 
LEU CD1  C N N 189 
LEU CD2  C N N 190 
LEU OXT  O N N 191 
LEU H    H N N 192 
LEU H2   H N N 193 
LEU HA   H N N 194 
LEU HB2  H N N 195 
LEU HB3  H N N 196 
LEU HG   H N N 197 
LEU HD11 H N N 198 
LEU HD12 H N N 199 
LEU HD13 H N N 200 
LEU HD21 H N N 201 
LEU HD22 H N N 202 
LEU HD23 H N N 203 
LEU HXT  H N N 204 
LYS N    N N N 205 
LYS CA   C N S 206 
LYS C    C N N 207 
LYS O    O N N 208 
LYS CB   C N N 209 
LYS CG   C N N 210 
LYS CD   C N N 211 
LYS CE   C N N 212 
LYS NZ   N N N 213 
LYS OXT  O N N 214 
LYS H    H N N 215 
LYS H2   H N N 216 
LYS HA   H N N 217 
LYS HB2  H N N 218 
LYS HB3  H N N 219 
LYS HG2  H N N 220 
LYS HG3  H N N 221 
LYS HD2  H N N 222 
LYS HD3  H N N 223 
LYS HE2  H N N 224 
LYS HE3  H N N 225 
LYS HZ1  H N N 226 
LYS HZ2  H N N 227 
LYS HZ3  H N N 228 
LYS HXT  H N N 229 
PHE N    N N N 230 
PHE CA   C N S 231 
PHE C    C N N 232 
PHE O    O N N 233 
PHE CB   C N N 234 
PHE CG   C Y N 235 
PHE CD1  C Y N 236 
PHE CD2  C Y N 237 
PHE CE1  C Y N 238 
PHE CE2  C Y N 239 
PHE CZ   C Y N 240 
PHE OXT  O N N 241 
PHE H    H N N 242 
PHE H2   H N N 243 
PHE HA   H N N 244 
PHE HB2  H N N 245 
PHE HB3  H N N 246 
PHE HD1  H N N 247 
PHE HD2  H N N 248 
PHE HE1  H N N 249 
PHE HE2  H N N 250 
PHE HZ   H N N 251 
PHE HXT  H N N 252 
PRO N    N N N 253 
PRO CA   C N S 254 
PRO C    C N N 255 
PRO O    O N N 256 
PRO CB   C N N 257 
PRO CG   C N N 258 
PRO CD   C N N 259 
PRO OXT  O N N 260 
PRO H    H N N 261 
PRO HA   H N N 262 
PRO HB2  H N N 263 
PRO HB3  H N N 264 
PRO HG2  H N N 265 
PRO HG3  H N N 266 
PRO HD2  H N N 267 
PRO HD3  H N N 268 
PRO HXT  H N N 269 
SER N    N N N 270 
SER CA   C N S 271 
SER C    C N N 272 
SER O    O N N 273 
SER CB   C N N 274 
SER OG   O N N 275 
SER OXT  O N N 276 
SER H    H N N 277 
SER H2   H N N 278 
SER HA   H N N 279 
SER HB2  H N N 280 
SER HB3  H N N 281 
SER HG   H N N 282 
SER HXT  H N N 283 
THR N    N N N 284 
THR CA   C N S 285 
THR C    C N N 286 
THR O    O N N 287 
THR CB   C N R 288 
THR OG1  O N N 289 
THR CG2  C N N 290 
THR OXT  O N N 291 
THR H    H N N 292 
THR H2   H N N 293 
THR HA   H N N 294 
THR HB   H N N 295 
THR HG1  H N N 296 
THR HG21 H N N 297 
THR HG22 H N N 298 
THR HG23 H N N 299 
THR HXT  H N N 300 
TYR N    N N N 301 
TYR CA   C N S 302 
TYR C    C N N 303 
TYR O    O N N 304 
TYR CB   C N N 305 
TYR CG   C Y N 306 
TYR CD1  C Y N 307 
TYR CD2  C Y N 308 
TYR CE1  C Y N 309 
TYR CE2  C Y N 310 
TYR CZ   C Y N 311 
TYR OH   O N N 312 
TYR OXT  O N N 313 
TYR H    H N N 314 
TYR H2   H N N 315 
TYR HA   H N N 316 
TYR HB2  H N N 317 
TYR HB3  H N N 318 
TYR HD1  H N N 319 
TYR HD2  H N N 320 
TYR HE1  H N N 321 
TYR HE2  H N N 322 
TYR HH   H N N 323 
TYR HXT  H N N 324 
VAL N    N N N 325 
VAL CA   C N S 326 
VAL C    C N N 327 
VAL O    O N N 328 
VAL CB   C N N 329 
VAL CG1  C N N 330 
VAL CG2  C N N 331 
VAL OXT  O N N 332 
VAL H    H N N 333 
VAL H2   H N N 334 
VAL HA   H N N 335 
VAL HB   H N N 336 
VAL HG11 H N N 337 
VAL HG12 H N N 338 
VAL HG13 H N N 339 
VAL HG21 H N N 340 
VAL HG22 H N N 341 
VAL HG23 H N N 342 
VAL HXT  H N N 343 
# 
loop_
_chem_comp_bond.comp_id 
_chem_comp_bond.atom_id_1 
_chem_comp_bond.atom_id_2 
_chem_comp_bond.value_order 
_chem_comp_bond.pdbx_aromatic_flag 
_chem_comp_bond.pdbx_stereo_config 
_chem_comp_bond.pdbx_ordinal 
ALA N   CA   sing N N 1   
ALA N   H    sing N N 2   
ALA N   H2   sing N N 3   
ALA CA  C    sing N N 4   
ALA CA  CB   sing N N 5   
ALA CA  HA   sing N N 6   
ALA C   O    doub N N 7   
ALA C   OXT  sing N N 8   
ALA CB  HB1  sing N N 9   
ALA CB  HB2  sing N N 10  
ALA CB  HB3  sing N N 11  
ALA OXT HXT  sing N N 12  
ARG N   CA   sing N N 13  
ARG N   H    sing N N 14  
ARG N   H2   sing N N 15  
ARG CA  C    sing N N 16  
ARG CA  CB   sing N N 17  
ARG CA  HA   sing N N 18  
ARG C   O    doub N N 19  
ARG C   OXT  sing N N 20  
ARG CB  CG   sing N N 21  
ARG CB  HB2  sing N N 22  
ARG CB  HB3  sing N N 23  
ARG CG  CD   sing N N 24  
ARG CG  HG2  sing N N 25  
ARG CG  HG3  sing N N 26  
ARG CD  NE   sing N N 27  
ARG CD  HD2  sing N N 28  
ARG CD  HD3  sing N N 29  
ARG NE  CZ   sing N N 30  
ARG NE  HE   sing N N 31  
ARG CZ  NH1  sing N N 32  
ARG CZ  NH2  doub N N 33  
ARG NH1 HH11 sing N N 34  
ARG NH1 HH12 sing N N 35  
ARG NH2 HH21 sing N N 36  
ARG NH2 HH22 sing N N 37  
ARG OXT HXT  sing N N 38  
ASN N   CA   sing N N 39  
ASN N   H    sing N N 40  
ASN N   H2   sing N N 41  
ASN CA  C    sing N N 42  
ASN CA  CB   sing N N 43  
ASN CA  HA   sing N N 44  
ASN C   O    doub N N 45  
ASN C   OXT  sing N N 46  
ASN CB  CG   sing N N 47  
ASN CB  HB2  sing N N 48  
ASN CB  HB3  sing N N 49  
ASN CG  OD1  doub N N 50  
ASN CG  ND2  sing N N 51  
ASN ND2 HD21 sing N N 52  
ASN ND2 HD22 sing N N 53  
ASN OXT HXT  sing N N 54  
ASP N   CA   sing N N 55  
ASP N   H    sing N N 56  
ASP N   H2   sing N N 57  
ASP CA  C    sing N N 58  
ASP CA  CB   sing N N 59  
ASP CA  HA   sing N N 60  
ASP C   O    doub N N 61  
ASP C   OXT  sing N N 62  
ASP CB  CG   sing N N 63  
ASP CB  HB2  sing N N 64  
ASP CB  HB3  sing N N 65  
ASP CG  OD1  doub N N 66  
ASP CG  OD2  sing N N 67  
ASP OD2 HD2  sing N N 68  
ASP OXT HXT  sing N N 69  
CYS N   CA   sing N N 70  
CYS N   H    sing N N 71  
CYS N   H2   sing N N 72  
CYS CA  C    sing N N 73  
CYS CA  CB   sing N N 74  
CYS CA  HA   sing N N 75  
CYS C   O    doub N N 76  
CYS C   OXT  sing N N 77  
CYS CB  SG   sing N N 78  
CYS CB  HB2  sing N N 79  
CYS CB  HB3  sing N N 80  
CYS SG  HG   sing N N 81  
CYS OXT HXT  sing N N 82  
GLN N   CA   sing N N 83  
GLN N   H    sing N N 84  
GLN N   H2   sing N N 85  
GLN CA  C    sing N N 86  
GLN CA  CB   sing N N 87  
GLN CA  HA   sing N N 88  
GLN C   O    doub N N 89  
GLN C   OXT  sing N N 90  
GLN CB  CG   sing N N 91  
GLN CB  HB2  sing N N 92  
GLN CB  HB3  sing N N 93  
GLN CG  CD   sing N N 94  
GLN CG  HG2  sing N N 95  
GLN CG  HG3  sing N N 96  
GLN CD  OE1  doub N N 97  
GLN CD  NE2  sing N N 98  
GLN NE2 HE21 sing N N 99  
GLN NE2 HE22 sing N N 100 
GLN OXT HXT  sing N N 101 
GLU N   CA   sing N N 102 
GLU N   H    sing N N 103 
GLU N   H2   sing N N 104 
GLU CA  C    sing N N 105 
GLU CA  CB   sing N N 106 
GLU CA  HA   sing N N 107 
GLU C   O    doub N N 108 
GLU C   OXT  sing N N 109 
GLU CB  CG   sing N N 110 
GLU CB  HB2  sing N N 111 
GLU CB  HB3  sing N N 112 
GLU CG  CD   sing N N 113 
GLU CG  HG2  sing N N 114 
GLU CG  HG3  sing N N 115 
GLU CD  OE1  doub N N 116 
GLU CD  OE2  sing N N 117 
GLU OE2 HE2  sing N N 118 
GLU OXT HXT  sing N N 119 
GLY N   CA   sing N N 120 
GLY N   H    sing N N 121 
GLY N   H2   sing N N 122 
GLY CA  C    sing N N 123 
GLY CA  HA2  sing N N 124 
GLY CA  HA3  sing N N 125 
GLY C   O    doub N N 126 
GLY C   OXT  sing N N 127 
GLY OXT HXT  sing N N 128 
HIS N   CA   sing N N 129 
HIS N   H    sing N N 130 
HIS N   H2   sing N N 131 
HIS CA  C    sing N N 132 
HIS CA  CB   sing N N 133 
HIS CA  HA   sing N N 134 
HIS C   O    doub N N 135 
HIS C   OXT  sing N N 136 
HIS CB  CG   sing N N 137 
HIS CB  HB2  sing N N 138 
HIS CB  HB3  sing N N 139 
HIS CG  ND1  sing Y N 140 
HIS CG  CD2  doub Y N 141 
HIS ND1 CE1  doub Y N 142 
HIS ND1 HD1  sing N N 143 
HIS CD2 NE2  sing Y N 144 
HIS CD2 HD2  sing N N 145 
HIS CE1 NE2  sing Y N 146 
HIS CE1 HE1  sing N N 147 
HIS NE2 HE2  sing N N 148 
HIS OXT HXT  sing N N 149 
HOH O   H1   sing N N 150 
HOH O   H2   sing N N 151 
ILE N   CA   sing N N 152 
ILE N   H    sing N N 153 
ILE N   H2   sing N N 154 
ILE CA  C    sing N N 155 
ILE CA  CB   sing N N 156 
ILE CA  HA   sing N N 157 
ILE C   O    doub N N 158 
ILE C   OXT  sing N N 159 
ILE CB  CG1  sing N N 160 
ILE CB  CG2  sing N N 161 
ILE CB  HB   sing N N 162 
ILE CG1 CD1  sing N N 163 
ILE CG1 HG12 sing N N 164 
ILE CG1 HG13 sing N N 165 
ILE CG2 HG21 sing N N 166 
ILE CG2 HG22 sing N N 167 
ILE CG2 HG23 sing N N 168 
ILE CD1 HD11 sing N N 169 
ILE CD1 HD12 sing N N 170 
ILE CD1 HD13 sing N N 171 
ILE OXT HXT  sing N N 172 
LEU N   CA   sing N N 173 
LEU N   H    sing N N 174 
LEU N   H2   sing N N 175 
LEU CA  C    sing N N 176 
LEU CA  CB   sing N N 177 
LEU CA  HA   sing N N 178 
LEU C   O    doub N N 179 
LEU C   OXT  sing N N 180 
LEU CB  CG   sing N N 181 
LEU CB  HB2  sing N N 182 
LEU CB  HB3  sing N N 183 
LEU CG  CD1  sing N N 184 
LEU CG  CD2  sing N N 185 
LEU CG  HG   sing N N 186 
LEU CD1 HD11 sing N N 187 
LEU CD1 HD12 sing N N 188 
LEU CD1 HD13 sing N N 189 
LEU CD2 HD21 sing N N 190 
LEU CD2 HD22 sing N N 191 
LEU CD2 HD23 sing N N 192 
LEU OXT HXT  sing N N 193 
LYS N   CA   sing N N 194 
LYS N   H    sing N N 195 
LYS N   H2   sing N N 196 
LYS CA  C    sing N N 197 
LYS CA  CB   sing N N 198 
LYS CA  HA   sing N N 199 
LYS C   O    doub N N 200 
LYS C   OXT  sing N N 201 
LYS CB  CG   sing N N 202 
LYS CB  HB2  sing N N 203 
LYS CB  HB3  sing N N 204 
LYS CG  CD   sing N N 205 
LYS CG  HG2  sing N N 206 
LYS CG  HG3  sing N N 207 
LYS CD  CE   sing N N 208 
LYS CD  HD2  sing N N 209 
LYS CD  HD3  sing N N 210 
LYS CE  NZ   sing N N 211 
LYS CE  HE2  sing N N 212 
LYS CE  HE3  sing N N 213 
LYS NZ  HZ1  sing N N 214 
LYS NZ  HZ2  sing N N 215 
LYS NZ  HZ3  sing N N 216 
LYS OXT HXT  sing N N 217 
PHE N   CA   sing N N 218 
PHE N   H    sing N N 219 
PHE N   H2   sing N N 220 
PHE CA  C    sing N N 221 
PHE CA  CB   sing N N 222 
PHE CA  HA   sing N N 223 
PHE C   O    doub N N 224 
PHE C   OXT  sing N N 225 
PHE CB  CG   sing N N 226 
PHE CB  HB2  sing N N 227 
PHE CB  HB3  sing N N 228 
PHE CG  CD1  doub Y N 229 
PHE CG  CD2  sing Y N 230 
PHE CD1 CE1  sing Y N 231 
PHE CD1 HD1  sing N N 232 
PHE CD2 CE2  doub Y N 233 
PHE CD2 HD2  sing N N 234 
PHE CE1 CZ   doub Y N 235 
PHE CE1 HE1  sing N N 236 
PHE CE2 CZ   sing Y N 237 
PHE CE2 HE2  sing N N 238 
PHE CZ  HZ   sing N N 239 
PHE OXT HXT  sing N N 240 
PRO N   CA   sing N N 241 
PRO N   CD   sing N N 242 
PRO N   H    sing N N 243 
PRO CA  C    sing N N 244 
PRO CA  CB   sing N N 245 
PRO CA  HA   sing N N 246 
PRO C   O    doub N N 247 
PRO C   OXT  sing N N 248 
PRO CB  CG   sing N N 249 
PRO CB  HB2  sing N N 250 
PRO CB  HB3  sing N N 251 
PRO CG  CD   sing N N 252 
PRO CG  HG2  sing N N 253 
PRO CG  HG3  sing N N 254 
PRO CD  HD2  sing N N 255 
PRO CD  HD3  sing N N 256 
PRO OXT HXT  sing N N 257 
SER N   CA   sing N N 258 
SER N   H    sing N N 259 
SER N   H2   sing N N 260 
SER CA  C    sing N N 261 
SER CA  CB   sing N N 262 
SER CA  HA   sing N N 263 
SER C   O    doub N N 264 
SER C   OXT  sing N N 265 
SER CB  OG   sing N N 266 
SER CB  HB2  sing N N 267 
SER CB  HB3  sing N N 268 
SER OG  HG   sing N N 269 
SER OXT HXT  sing N N 270 
THR N   CA   sing N N 271 
THR N   H    sing N N 272 
THR N   H2   sing N N 273 
THR CA  C    sing N N 274 
THR CA  CB   sing N N 275 
THR CA  HA   sing N N 276 
THR C   O    doub N N 277 
THR C   OXT  sing N N 278 
THR CB  OG1  sing N N 279 
THR CB  CG2  sing N N 280 
THR CB  HB   sing N N 281 
THR OG1 HG1  sing N N 282 
THR CG2 HG21 sing N N 283 
THR CG2 HG22 sing N N 284 
THR CG2 HG23 sing N N 285 
THR OXT HXT  sing N N 286 
TYR N   CA   sing N N 287 
TYR N   H    sing N N 288 
TYR N   H2   sing N N 289 
TYR CA  C    sing N N 290 
TYR CA  CB   sing N N 291 
TYR CA  HA   sing N N 292 
TYR C   O    doub N N 293 
TYR C   OXT  sing N N 294 
TYR CB  CG   sing N N 295 
TYR CB  HB2  sing N N 296 
TYR CB  HB3  sing N N 297 
TYR CG  CD1  doub Y N 298 
TYR CG  CD2  sing Y N 299 
TYR CD1 CE1  sing Y N 300 
TYR CD1 HD1  sing N N 301 
TYR CD2 CE2  doub Y N 302 
TYR CD2 HD2  sing N N 303 
TYR CE1 CZ   doub Y N 304 
TYR CE1 HE1  sing N N 305 
TYR CE2 CZ   sing Y N 306 
TYR CE2 HE2  sing N N 307 
TYR CZ  OH   sing N N 308 
TYR OH  HH   sing N N 309 
TYR OXT HXT  sing N N 310 
VAL N   CA   sing N N 311 
VAL N   H    sing N N 312 
VAL N   H2   sing N N 313 
VAL CA  C    sing N N 314 
VAL CA  CB   sing N N 315 
VAL CA  HA   sing N N 316 
VAL C   O    doub N N 317 
VAL C   OXT  sing N N 318 
VAL CB  CG1  sing N N 319 
VAL CB  CG2  sing N N 320 
VAL CB  HB   sing N N 321 
VAL CG1 HG11 sing N N 322 
VAL CG1 HG12 sing N N 323 
VAL CG1 HG13 sing N N 324 
VAL CG2 HG21 sing N N 325 
VAL CG2 HG22 sing N N 326 
VAL CG2 HG23 sing N N 327 
VAL OXT HXT  sing N N 328 
# 
_atom_sites.entry_id                    1G5Z 
_atom_sites.fract_transf_matrix[1][1]   0.02039508 
_atom_sites.fract_transf_matrix[1][2]   0.01015211 
_atom_sites.fract_transf_matrix[1][3]   -0.02127748 
_atom_sites.fract_transf_matrix[2][1]   0.00481380 
_atom_sites.fract_transf_matrix[2][2]   0.01650773 
_atom_sites.fract_transf_matrix[2][3]   0.01249048 
_atom_sites.fract_transf_matrix[3][1]   0.00652362 
_atom_sites.fract_transf_matrix[3][2]   -0.00487408 
_atom_sites.fract_transf_matrix[3][3]   0.00392752 
_atom_sites.fract_transf_vector[1]      0.994417 
_atom_sites.fract_transf_vector[2]      -0.177941 
_atom_sites.fract_transf_vector[3]      0.728979 
# 
loop_
_atom_type.symbol 
C 
N 
O 
S 
# 
loop_
_atom_site.group_PDB 
_atom_site.id 
_atom_site.type_symbol 
_atom_site.label_atom_id 
_atom_site.label_alt_id 
_atom_site.label_comp_id 
_atom_site.label_asym_id 
_atom_site.label_entity_id 
_atom_site.label_seq_id 
_atom_site.pdbx_PDB_ins_code 
_atom_site.Cartn_x 
_atom_site.Cartn_y 
_atom_site.Cartn_z 
_atom_site.occupancy 
_atom_site.B_iso_or_equiv 
_atom_site.pdbx_formal_charge 
_atom_site.auth_seq_id 
_atom_site.auth_comp_id 
_atom_site.auth_asym_id 
_atom_site.auth_atom_id 
_atom_site.pdbx_PDB_model_num 
ATOM   1    N N   . PRO A 1 1   ? 29.273  -16.245 17.172  1.00 73.89 ? 40  PRO A N   1 
ATOM   2    C CA  . PRO A 1 1   ? 28.502  -16.663 15.979  1.00 73.75 ? 40  PRO A CA  1 
ATOM   3    C C   . PRO A 1 1   ? 28.846  -15.793 14.777  1.00 73.92 ? 40  PRO A C   1 
ATOM   4    O O   . PRO A 1 1   ? 28.304  -14.697 14.620  1.00 73.84 ? 40  PRO A O   1 
ATOM   5    C CB  . PRO A 1 1   ? 27.029  -16.531 16.339  1.00 74.02 ? 40  PRO A CB  1 
ATOM   6    C CG  . PRO A 1 1   ? 27.074  -16.690 17.859  1.00 73.57 ? 40  PRO A CG  1 
ATOM   7    C CD  . PRO A 1 1   ? 28.350  -15.947 18.282  1.00 73.66 ? 40  PRO A CD  1 
ATOM   8    N N   . ASN A 1 2   ? 29.744  -16.288 13.929  1.00 74.27 ? 41  ASN A N   1 
ATOM   9    C CA  . ASN A 1 2   ? 30.165  -15.546 12.744  1.00 74.55 ? 41  ASN A CA  1 
ATOM   10   C C   . ASN A 1 2   ? 30.611  -14.160 13.194  1.00 74.01 ? 41  ASN A C   1 
ATOM   11   O O   . ASN A 1 2   ? 30.242  -13.151 12.594  1.00 74.13 ? 41  ASN A O   1 
ATOM   12   C CB  . ASN A 1 2   ? 28.998  -15.433 11.749  1.00 75.34 ? 41  ASN A CB  1 
ATOM   13   C CG  . ASN A 1 2   ? 29.391  -14.737 10.451  1.00 76.37 ? 41  ASN A CG  1 
ATOM   14   O OD1 . ASN A 1 2   ? 30.312  -15.169 9.755   1.00 76.08 ? 41  ASN A OD1 1 
ATOM   15   N ND2 . ASN A 1 2   ? 28.688  -13.657 10.120  1.00 75.80 ? 41  ASN A ND2 1 
ATOM   16   N N   . LEU A 1 3   ? 31.408  -14.121 14.261  1.00 73.88 ? 42  LEU A N   1 
ATOM   17   C CA  . LEU A 1 3   ? 31.896  -12.864 14.823  1.00 73.09 ? 42  LEU A CA  1 
ATOM   18   C C   . LEU A 1 3   ? 30.705  -11.917 14.932  1.00 72.55 ? 42  LEU A C   1 
ATOM   19   O O   . LEU A 1 3   ? 30.832  -10.698 14.783  1.00 72.43 ? 42  LEU A O   1 
ATOM   20   C CB  . LEU A 1 3   ? 32.986  -12.256 13.930  1.00 73.10 ? 42  LEU A CB  1 
ATOM   21   C CG  . LEU A 1 3   ? 33.781  -11.081 14.516  1.00 72.92 ? 42  LEU A CG  1 
ATOM   22   C CD1 . LEU A 1 3   ? 34.483  -11.524 15.795  1.00 72.59 ? 42  LEU A CD1 1 
ATOM   23   C CD2 . LEU A 1 3   ? 34.799  -10.578 13.497  1.00 72.72 ? 42  LEU A CD2 1 
ATOM   24   N N   . THR A 1 4   ? 29.541  -12.507 15.190  1.00 72.02 ? 43  THR A N   1 
ATOM   25   C CA  . THR A 1 4   ? 28.297  -11.770 15.326  1.00 71.25 ? 43  THR A CA  1 
ATOM   26   C C   . THR A 1 4   ? 28.116  -10.797 14.165  1.00 71.13 ? 43  THR A C   1 
ATOM   27   O O   . THR A 1 4   ? 27.470  -9.757  14.306  1.00 71.30 ? 43  THR A O   1 
ATOM   28   C CB  . THR A 1 4   ? 28.258  -10.990 16.652  1.00 70.83 ? 43  THR A CB  1 
ATOM   29   O OG1 . THR A 1 4   ? 28.708  -11.834 17.718  1.00 70.28 ? 43  THR A OG1 1 
ATOM   30   C CG2 . THR A 1 4   ? 26.842  -10.550 16.958  1.00 71.22 ? 43  THR A CG2 1 
ATOM   31   N N   . GLU A 1 5   ? 28.697  -11.139 13.018  1.00 70.30 ? 44  GLU A N   1 
ATOM   32   C CA  . GLU A 1 5   ? 28.581  -10.302 11.829  1.00 69.81 ? 44  GLU A CA  1 
ATOM   33   C C   . GLU A 1 5   ? 27.182  -10.466 11.267  1.00 69.67 ? 44  GLU A C   1 
ATOM   34   O O   . GLU A 1 5   ? 26.930  -10.252 10.081  1.00 69.95 ? 44  GLU A O   1 
ATOM   35   C CB  . GLU A 1 5   ? 29.628  -10.695 10.788  1.00 69.55 ? 44  GLU A CB  1 
ATOM   36   C CG  . GLU A 1 5   ? 31.043  -10.397 11.245  1.00 69.40 ? 44  GLU A CG  1 
ATOM   37   C CD  . GLU A 1 5   ? 31.221  -8.942  11.624  1.00 69.37 ? 44  GLU A CD  1 
ATOM   38   O OE1 . GLU A 1 5   ? 32.236  -8.610  12.276  1.00 69.90 ? 44  GLU A OE1 1 
ATOM   39   O OE2 . GLU A 1 5   ? 30.344  -8.127  11.264  1.00 69.48 ? 44  GLU A OE2 1 
ATOM   40   N N   . ILE A 1 6   ? 26.278  -10.863 12.154  1.00 68.94 ? 45  ILE A N   1 
ATOM   41   C CA  . ILE A 1 6   ? 24.883  -11.048 11.821  1.00 68.29 ? 45  ILE A CA  1 
ATOM   42   C C   . ILE A 1 6   ? 24.309  -9.643  11.726  1.00 68.05 ? 45  ILE A C   1 
ATOM   43   O O   . ILE A 1 6   ? 23.198  -9.439  11.243  1.00 68.47 ? 45  ILE A O   1 
ATOM   44   C CB  . ILE A 1 6   ? 24.155  -11.823 12.933  1.00 68.06 ? 45  ILE A CB  1 
ATOM   45   C CG1 . ILE A 1 6   ? 24.857  -13.162 13.177  1.00 67.69 ? 45  ILE A CG1 1 
ATOM   46   C CG2 . ILE A 1 6   ? 22.704  -12.037 12.550  1.00 68.85 ? 45  ILE A CG2 1 
ATOM   47   C CD1 . ILE A 1 6   ? 24.249  -13.982 14.290  1.00 66.68 ? 45  ILE A CD1 1 
ATOM   48   N N   . SER A 1 7   ? 25.090  -8.676  12.197  1.00 67.71 ? 46  SER A N   1 
ATOM   49   C CA  . SER A 1 7   ? 24.692  -7.274  12.171  1.00 67.65 ? 46  SER A CA  1 
ATOM   50   C C   . SER A 1 7   ? 24.312  -6.885  10.749  1.00 67.34 ? 46  SER A C   1 
ATOM   51   O O   . SER A 1 7   ? 23.241  -6.331  10.512  1.00 67.73 ? 46  SER A O   1 
ATOM   52   C CB  . SER A 1 7   ? 25.842  -6.390  12.657  1.00 67.90 ? 46  SER A CB  1 
ATOM   53   O OG  . SER A 1 7   ? 26.951  -6.470  11.781  1.00 68.05 ? 46  SER A OG  1 
ATOM   54   N N   . LYS A 1 8   ? 25.198  -7.181  9.805   1.00 66.74 ? 47  LYS A N   1 
ATOM   55   C CA  . LYS A 1 8   ? 24.952  -6.870  8.404   1.00 66.75 ? 47  LYS A CA  1 
ATOM   56   C C   . LYS A 1 8   ? 23.670  -7.552  7.937   1.00 66.09 ? 47  LYS A C   1 
ATOM   57   O O   . LYS A 1 8   ? 22.909  -6.998  7.145   1.00 66.59 ? 47  LYS A O   1 
ATOM   58   C CB  . LYS A 1 8   ? 26.134  -7.335  7.549   1.00 67.37 ? 47  LYS A CB  1 
ATOM   59   C CG  . LYS A 1 8   ? 25.895  -7.271  6.045   1.00 68.18 ? 47  LYS A CG  1 
ATOM   60   C CD  . LYS A 1 8   ? 25.616  -5.855  5.563   1.00 68.01 ? 47  LYS A CD  1 
ATOM   61   C CE  . LYS A 1 8   ? 25.368  -5.846  4.060   1.00 68.03 ? 47  LYS A CE  1 
ATOM   62   N NZ  . LYS A 1 8   ? 25.100  -4.482  3.531   1.00 67.68 ? 47  LYS A NZ  1 
ATOM   63   N N   . LYS A 1 9   ? 23.436  -8.759  8.435   1.00 65.07 ? 48  LYS A N   1 
ATOM   64   C CA  . LYS A 1 9   ? 22.242  -9.506  8.071   1.00 64.46 ? 48  LYS A CA  1 
ATOM   65   C C   . LYS A 1 9   ? 21.023  -8.863  8.721   1.00 63.32 ? 48  LYS A C   1 
ATOM   66   O O   . LYS A 1 9   ? 19.914  -8.934  8.191   1.00 63.90 ? 48  LYS A O   1 
ATOM   67   C CB  . LYS A 1 9   ? 22.369  -10.960 8.534   1.00 64.75 ? 48  LYS A CB  1 
ATOM   68   C CG  . LYS A 1 9   ? 21.192  -11.847 8.163   1.00 65.55 ? 48  LYS A CG  1 
ATOM   69   C CD  . LYS A 1 9   ? 21.352  -13.256 8.723   1.00 65.22 ? 48  LYS A CD  1 
ATOM   70   C CE  . LYS A 1 9   ? 22.525  -13.990 8.089   1.00 65.45 ? 48  LYS A CE  1 
ATOM   71   N NZ  . LYS A 1 9   ? 22.316  -14.199 6.629   1.00 65.01 ? 48  LYS A NZ  1 
ATOM   72   N N   . ILE A 1 10  ? 21.240  -8.229  9.871   1.00 62.08 ? 49  ILE A N   1 
ATOM   73   C CA  . ILE A 1 10  ? 20.168  -7.572  10.612  1.00 60.78 ? 49  ILE A CA  1 
ATOM   74   C C   . ILE A 1 10  ? 19.897  -6.155  10.106  1.00 60.42 ? 49  ILE A C   1 
ATOM   75   O O   . ILE A 1 10  ? 18.746  -5.728  10.018  1.00 59.94 ? 49  ILE A O   1 
ATOM   76   C CB  . ILE A 1 10  ? 20.498  -7.504  12.115  1.00 60.46 ? 49  ILE A CB  1 
ATOM   77   C CG1 . ILE A 1 10  ? 20.720  -8.912  12.660  1.00 60.35 ? 49  ILE A CG1 1 
ATOM   78   C CG2 . ILE A 1 10  ? 19.356  -6.846  12.871  1.00 60.70 ? 49  ILE A CG2 1 
ATOM   79   C CD1 . ILE A 1 10  ? 21.139  -8.948  14.108  1.00 59.98 ? 49  ILE A CD1 1 
ATOM   80   N N   . THR A 1 11  ? 20.957  -5.427  9.777   1.00 59.70 ? 50  THR A N   1 
ATOM   81   C CA  . THR A 1 11  ? 20.801  -4.069  9.287   1.00 59.19 ? 50  THR A CA  1 
ATOM   82   C C   . THR A 1 11  ? 20.174  -4.070  7.895   1.00 58.57 ? 50  THR A C   1 
ATOM   83   O O   . THR A 1 11  ? 19.331  -3.227  7.585   1.00 57.82 ? 50  THR A O   1 
ATOM   84   C CB  . THR A 1 11  ? 22.153  -3.339  9.220   1.00 59.75 ? 50  THR A CB  1 
ATOM   85   O OG1 . THR A 1 11  ? 22.999  -3.992  8.269   1.00 61.30 ? 50  THR A OG1 1 
ATOM   86   C CG2 . THR A 1 11  ? 22.832  -3.349  10.576  1.00 59.86 ? 50  THR A CG2 1 
ATOM   87   N N   . GLU A 1 12  ? 20.580  -5.020  7.060   1.00 58.59 ? 51  GLU A N   1 
ATOM   88   C CA  . GLU A 1 12  ? 20.050  -5.100  5.704   1.00 59.49 ? 51  GLU A CA  1 
ATOM   89   C C   . GLU A 1 12  ? 18.646  -5.698  5.628   1.00 58.62 ? 51  GLU A C   1 
ATOM   90   O O   . GLU A 1 12  ? 17.794  -5.182  4.905   1.00 58.54 ? 51  GLU A O   1 
ATOM   91   C CB  . GLU A 1 12  ? 20.993  -5.897  4.803   1.00 61.65 ? 51  GLU A CB  1 
ATOM   92   C CG  . GLU A 1 12  ? 20.419  -6.157  3.415   1.00 65.86 ? 51  GLU A CG  1 
ATOM   93   C CD  . GLU A 1 12  ? 21.428  -6.769  2.460   1.00 67.52 ? 51  GLU A CD  1 
ATOM   94   O OE1 . GLU A 1 12  ? 21.019  -7.183  1.351   1.00 67.63 ? 51  GLU A OE1 1 
ATOM   95   O OE2 . GLU A 1 12  ? 22.629  -6.828  2.814   1.00 68.56 ? 51  GLU A OE2 1 
ATOM   96   N N   . SER A 1 13  ? 18.400  -6.782  6.359   1.00 57.82 ? 52  SER A N   1 
ATOM   97   C CA  . SER A 1 13  ? 17.077  -7.399  6.338   1.00 57.04 ? 52  SER A CA  1 
ATOM   98   C C   . SER A 1 13  ? 16.094  -6.425  6.974   1.00 56.25 ? 52  SER A C   1 
ATOM   99   O O   . SER A 1 13  ? 14.878  -6.599  6.889   1.00 56.72 ? 52  SER A O   1 
ATOM   100  C CB  . SER A 1 13  ? 17.067  -8.713  7.121   1.00 57.35 ? 52  SER A CB  1 
ATOM   101  O OG  . SER A 1 13  ? 17.057  -8.471  8.515   1.00 58.37 ? 52  SER A OG  1 
ATOM   102  N N   . ASN A 1 14  ? 16.640  -5.396  7.614   1.00 54.93 ? 53  ASN A N   1 
ATOM   103  C CA  . ASN A 1 14  ? 15.834  -4.377  8.269   1.00 53.68 ? 53  ASN A CA  1 
ATOM   104  C C   . ASN A 1 14  ? 15.463  -3.278  7.264   1.00 53.10 ? 53  ASN A C   1 
ATOM   105  O O   . ASN A 1 14  ? 14.316  -2.821  7.221   1.00 52.93 ? 53  ASN A O   1 
ATOM   106  C CB  . ASN A 1 14  ? 16.614  -3.780  9.440   1.00 54.17 ? 53  ASN A CB  1 
ATOM   107  C CG  . ASN A 1 14  ? 15.734  -3.001  10.382  1.00 54.26 ? 53  ASN A CG  1 
ATOM   108  O OD1 . ASN A 1 14  ? 14.825  -3.553  10.997  1.00 54.63 ? 53  ASN A OD1 1 
ATOM   109  N ND2 . ASN A 1 14  ? 15.996  -1.706  10.502  1.00 54.98 ? 53  ASN A ND2 1 
ATOM   110  N N   . ALA A 1 15  ? 16.436  -2.859  6.458   1.00 51.30 ? 54  ALA A N   1 
ATOM   111  C CA  . ALA A 1 15  ? 16.204  -1.831  5.449   1.00 49.80 ? 54  ALA A CA  1 
ATOM   112  C C   . ALA A 1 15  ? 15.080  -2.280  4.517   1.00 48.94 ? 54  ALA A C   1 
ATOM   113  O O   . ALA A 1 15  ? 14.421  -1.461  3.873   1.00 49.19 ? 54  ALA A O   1 
ATOM   114  C CB  . ALA A 1 15  ? 17.477  -1.583  4.654   1.00 49.66 ? 54  ALA A CB  1 
ATOM   115  N N   . VAL A 1 16  ? 14.873  -3.591  4.447   1.00 47.27 ? 55  VAL A N   1 
ATOM   116  C CA  . VAL A 1 16  ? 13.821  -4.153  3.616   1.00 45.56 ? 55  VAL A CA  1 
ATOM   117  C C   . VAL A 1 16  ? 12.503  -3.959  4.355   1.00 44.52 ? 55  VAL A C   1 
ATOM   118  O O   . VAL A 1 16  ? 11.531  -3.452  3.797   1.00 44.27 ? 55  VAL A O   1 
ATOM   119  C CB  . VAL A 1 16  ? 14.041  -5.663  3.383   1.00 45.41 ? 55  VAL A CB  1 
ATOM   120  C CG1 . VAL A 1 16  ? 12.904  -6.232  2.546   1.00 45.96 ? 55  VAL A CG1 1 
ATOM   121  C CG2 . VAL A 1 16  ? 15.379  -5.894  2.699   1.00 45.28 ? 55  VAL A CG2 1 
ATOM   122  N N   . VAL A 1 17  ? 12.486  -4.369  5.619   1.00 43.46 ? 56  VAL A N   1 
ATOM   123  C CA  . VAL A 1 17  ? 11.302  -4.244  6.454   1.00 42.42 ? 56  VAL A CA  1 
ATOM   124  C C   . VAL A 1 17  ? 10.846  -2.794  6.488   1.00 42.20 ? 56  VAL A C   1 
ATOM   125  O O   . VAL A 1 17  ? 9.648   -2.513  6.436   1.00 42.59 ? 56  VAL A O   1 
ATOM   126  C CB  . VAL A 1 17  ? 11.592  -4.714  7.892   1.00 42.63 ? 56  VAL A CB  1 
ATOM   127  C CG1 . VAL A 1 17  ? 10.412  -4.401  8.805   1.00 42.07 ? 56  VAL A CG1 1 
ATOM   128  C CG2 . VAL A 1 17  ? 11.878  -6.202  7.893   1.00 41.94 ? 56  VAL A CG2 1 
ATOM   129  N N   . LEU A 1 18  ? 11.808  -1.878  6.576   1.00 41.47 ? 57  LEU A N   1 
ATOM   130  C CA  . LEU A 1 18  ? 11.522  -0.447  6.613   1.00 40.48 ? 57  LEU A CA  1 
ATOM   131  C C   . LEU A 1 18  ? 10.903  0.019   5.309   1.00 39.84 ? 57  LEU A C   1 
ATOM   132  O O   . LEU A 1 18  ? 9.866   0.675   5.303   1.00 39.82 ? 57  LEU A O   1 
ATOM   133  C CB  . LEU A 1 18  ? 12.804  0.344   6.873   1.00 41.69 ? 57  LEU A CB  1 
ATOM   134  C CG  . LEU A 1 18  ? 13.308  0.395   8.316   1.00 42.09 ? 57  LEU A CG  1 
ATOM   135  C CD1 . LEU A 1 18  ? 14.676  1.064   8.375   1.00 42.74 ? 57  LEU A CD1 1 
ATOM   136  C CD2 . LEU A 1 18  ? 12.303  1.155   9.160   1.00 41.56 ? 57  LEU A CD2 1 
ATOM   137  N N   . ALA A 1 19  ? 11.551  -0.326  4.204   1.00 39.40 ? 58  ALA A N   1 
ATOM   138  C CA  . ALA A 1 19  ? 11.074  0.050   2.884   1.00 38.09 ? 58  ALA A CA  1 
ATOM   139  C C   . ALA A 1 19  ? 9.655   -0.453  2.656   1.00 37.54 ? 58  ALA A C   1 
ATOM   140  O O   . ALA A 1 19  ? 8.791   0.289   2.173   1.00 38.18 ? 58  ALA A O   1 
ATOM   141  C CB  . ALA A 1 19  ? 12.008  -0.506  1.819   1.00 37.93 ? 58  ALA A CB  1 
ATOM   142  N N   . VAL A 1 20  ? 9.402   -1.708  3.010   1.00 36.43 ? 59  VAL A N   1 
ATOM   143  C CA  . VAL A 1 20  ? 8.071   -2.267  2.818   1.00 36.28 ? 59  VAL A CA  1 
ATOM   144  C C   . VAL A 1 20  ? 7.012   -1.634  3.710   1.00 36.42 ? 59  VAL A C   1 
ATOM   145  O O   . VAL A 1 20  ? 5.876   -1.450  3.278   1.00 37.01 ? 59  VAL A O   1 
ATOM   146  C CB  . VAL A 1 20  ? 8.061   -3.783  3.040   1.00 36.58 ? 59  VAL A CB  1 
ATOM   147  C CG1 . VAL A 1 20  ? 6.632   -4.301  3.053   1.00 36.77 ? 59  VAL A CG1 1 
ATOM   148  C CG2 . VAL A 1 20  ? 8.848   -4.463  1.931   1.00 36.62 ? 59  VAL A CG2 1 
ATOM   149  N N   . LYS A 1 21  ? 7.367   -1.301  4.948   1.00 36.99 ? 60  LYS A N   1 
ATOM   150  C CA  . LYS A 1 21  ? 6.398   -0.687  5.853   1.00 37.25 ? 60  LYS A CA  1 
ATOM   151  C C   . LYS A 1 21  ? 5.932   0.620   5.226   1.00 36.52 ? 60  LYS A C   1 
ATOM   152  O O   . LYS A 1 21  ? 4.737   0.928   5.203   1.00 35.84 ? 60  LYS A O   1 
ATOM   153  C CB  . LYS A 1 21  ? 7.027   -0.411  7.221   1.00 38.88 ? 60  LYS A CB  1 
ATOM   154  C CG  . LYS A 1 21  ? 6.025   0.026   8.299   1.00 41.29 ? 60  LYS A CG  1 
ATOM   155  C CD  . LYS A 1 21  ? 5.039   -1.096  8.639   1.00 43.08 ? 60  LYS A CD  1 
ATOM   156  C CE  . LYS A 1 21  ? 3.996   -0.656  9.673   1.00 43.98 ? 60  LYS A CE  1 
ATOM   157  N NZ  . LYS A 1 21  ? 4.588   -0.318  11.004  1.00 44.47 ? 60  LYS A NZ  1 
ATOM   158  N N   . GLU A 1 22  ? 6.890   1.382   4.710   1.00 35.83 ? 61  GLU A N   1 
ATOM   159  C CA  . GLU A 1 22  ? 6.598   2.651   4.063   1.00 34.79 ? 61  GLU A CA  1 
ATOM   160  C C   . GLU A 1 22  ? 5.482   2.452   3.037   1.00 34.25 ? 61  GLU A C   1 
ATOM   161  O O   . GLU A 1 22  ? 4.482   3.176   3.040   1.00 33.66 ? 61  GLU A O   1 
ATOM   162  C CB  . GLU A 1 22  ? 7.862   3.181   3.388   1.00 35.13 ? 61  GLU A CB  1 
ATOM   163  C CG  . GLU A 1 22  ? 7.649   4.418   2.542   1.00 36.32 ? 61  GLU A CG  1 
ATOM   164  C CD  . GLU A 1 22  ? 8.958   5.043   2.103   1.00 37.70 ? 61  GLU A CD  1 
ATOM   165  O OE1 . GLU A 1 22  ? 9.846   4.302   1.619   1.00 38.45 ? 61  GLU A OE1 1 
ATOM   166  O OE2 . GLU A 1 22  ? 9.096   6.277   2.239   1.00 37.68 ? 61  GLU A OE2 1 
ATOM   167  N N   . VAL A 1 23  ? 5.658   1.463   2.164   1.00 33.92 ? 62  VAL A N   1 
ATOM   168  C CA  . VAL A 1 23  ? 4.659   1.149   1.150   1.00 32.71 ? 62  VAL A CA  1 
ATOM   169  C C   . VAL A 1 23  ? 3.366   0.744   1.850   1.00 31.47 ? 62  VAL A C   1 
ATOM   170  O O   . VAL A 1 23  ? 2.280   1.090   1.394   1.00 32.14 ? 62  VAL A O   1 
ATOM   171  C CB  . VAL A 1 23  ? 5.136   -0.010  0.234   1.00 33.12 ? 62  VAL A CB  1 
ATOM   172  C CG1 . VAL A 1 23  ? 4.037   -0.403  -0.749  1.00 32.62 ? 62  VAL A CG1 1 
ATOM   173  C CG2 . VAL A 1 23  ? 6.381   0.415   -0.517  1.00 33.91 ? 62  VAL A CG2 1 
ATOM   174  N N   . GLU A 1 24  ? 3.488   0.017   2.958   1.00 31.09 ? 63  GLU A N   1 
ATOM   175  C CA  . GLU A 1 24  ? 2.319   -0.414  3.725   1.00 31.15 ? 63  GLU A CA  1 
ATOM   176  C C   . GLU A 1 24  ? 1.543   0.790   4.239   1.00 29.17 ? 63  GLU A C   1 
ATOM   177  O O   . GLU A 1 24  ? 0.342   0.904   4.031   1.00 30.28 ? 63  GLU A O   1 
ATOM   178  C CB  . GLU A 1 24  ? 2.732   -1.258  4.929   1.00 33.18 ? 63  GLU A CB  1 
ATOM   179  C CG  . GLU A 1 24  ? 2.908   -2.732  4.666   1.00 36.82 ? 63  GLU A CG  1 
ATOM   180  C CD  . GLU A 1 24  ? 3.087   -3.507  5.961   1.00 40.41 ? 63  GLU A CD  1 
ATOM   181  O OE1 . GLU A 1 24  ? 4.125   -3.310  6.632   1.00 41.13 ? 63  GLU A OE1 1 
ATOM   182  O OE2 . GLU A 1 24  ? 2.184   -4.301  6.315   1.00 42.45 ? 63  GLU A OE2 1 
ATOM   183  N N   . THR A 1 25  ? 2.247   1.683   4.921   1.00 27.07 ? 64  THR A N   1 
ATOM   184  C CA  . THR A 1 25  ? 1.643   2.885   5.470   1.00 24.78 ? 64  THR A CA  1 
ATOM   185  C C   . THR A 1 25  ? 0.976   3.725   4.371   1.00 24.47 ? 64  THR A C   1 
ATOM   186  O O   . THR A 1 25  ? -0.085  4.315   4.597   1.00 26.21 ? 64  THR A O   1 
ATOM   187  C CB  . THR A 1 25  ? 2.714   3.717   6.229   1.00 23.52 ? 64  THR A CB  1 
ATOM   188  O OG1 . THR A 1 25  ? 3.285   2.905   7.263   1.00 20.62 ? 64  THR A OG1 1 
ATOM   189  C CG2 . THR A 1 25  ? 2.104   4.968   6.856   1.00 21.62 ? 64  THR A CG2 1 
ATOM   190  N N   . LEU A 1 26  ? 1.582   3.782   3.185   1.00 22.78 ? 65  LEU A N   1 
ATOM   191  C CA  . LEU A 1 26  ? 0.982   4.539   2.090   1.00 21.96 ? 65  LEU A CA  1 
ATOM   192  C C   . LEU A 1 26  ? -0.364  3.926   1.704   1.00 22.03 ? 65  LEU A C   1 
ATOM   193  O O   . LEU A 1 26  ? -1.303  4.649   1.368   1.00 21.85 ? 65  LEU A O   1 
ATOM   194  C CB  . LEU A 1 26  ? 1.908   4.587   0.867   1.00 21.75 ? 65  LEU A CB  1 
ATOM   195  C CG  . LEU A 1 26  ? 3.122   5.526   0.945   1.00 19.86 ? 65  LEU A CG  1 
ATOM   196  C CD1 . LEU A 1 26  ? 3.887   5.483   -0.361  1.00 17.99 ? 65  LEU A CD1 1 
ATOM   197  C CD2 . LEU A 1 26  ? 2.670   6.942   1.218   1.00 19.01 ? 65  LEU A CD2 1 
ATOM   198  N N   . LEU A 1 27  ? -0.471  2.600   1.742   1.00 21.26 ? 66  LEU A N   1 
ATOM   199  C CA  . LEU A 1 27  ? -1.754  1.975   1.417   1.00 22.34 ? 66  LEU A CA  1 
ATOM   200  C C   . LEU A 1 27  ? -2.736  2.344   2.524   1.00 21.67 ? 66  LEU A C   1 
ATOM   201  O O   . LEU A 1 27  ? -3.885  2.721   2.258   1.00 21.09 ? 66  LEU A O   1 
ATOM   202  C CB  . LEU A 1 27  ? -1.640  0.445   1.331   1.00 21.65 ? 66  LEU A CB  1 
ATOM   203  C CG  . LEU A 1 27  ? -0.963  -0.170  0.099   1.00 20.80 ? 66  LEU A CG  1 
ATOM   204  C CD1 . LEU A 1 27  ? -1.110  -1.682  0.158   1.00 21.50 ? 66  LEU A CD1 1 
ATOM   205  C CD2 . LEU A 1 27  ? -1.604  0.358   -1.186  1.00 19.71 ? 66  LEU A CD2 1 
ATOM   206  N N   . ALA A 1 28  ? -2.270  2.248   3.767   1.00 20.79 ? 67  ALA A N   1 
ATOM   207  C CA  . ALA A 1 28  ? -3.102  2.577   4.918   1.00 20.92 ? 67  ALA A CA  1 
ATOM   208  C C   . ALA A 1 28  ? -3.608  4.019   4.847   1.00 20.74 ? 67  ALA A C   1 
ATOM   209  O O   . ALA A 1 28  ? -4.680  4.324   5.360   1.00 22.41 ? 67  ALA A O   1 
ATOM   210  C CB  . ALA A 1 28  ? -2.326  2.361   6.198   1.00 19.06 ? 67  ALA A CB  1 
ATOM   211  N N   . SER A 1 29  ? -2.844  4.904   4.216   1.00 20.93 ? 68  SER A N   1 
ATOM   212  C CA  . SER A 1 29  ? -3.282  6.290   4.102   1.00 22.72 ? 68  SER A CA  1 
ATOM   213  C C   . SER A 1 29  ? -4.421  6.372   3.079   1.00 23.00 ? 68  SER A C   1 
ATOM   214  O O   . SER A 1 29  ? -5.421  7.058   3.304   1.00 25.09 ? 68  SER A O   1 
ATOM   215  C CB  . SER A 1 29  ? -2.115  7.203   3.694   1.00 23.31 ? 68  SER A CB  1 
ATOM   216  O OG  . SER A 1 29  ? -1.700  6.979   2.358   1.00 23.99 ? 68  SER A OG  1 
ATOM   217  N N   . ILE A 1 30  ? -4.274  5.660   1.964   1.00 23.48 ? 69  ILE A N   1 
ATOM   218  C CA  . ILE A 1 30  ? -5.309  5.637   0.935   1.00 22.71 ? 69  ILE A CA  1 
ATOM   219  C C   . ILE A 1 30  ? -6.581  5.090   1.568   1.00 22.79 ? 69  ILE A C   1 
ATOM   220  O O   . ILE A 1 30  ? -7.682  5.583   1.314   1.00 23.64 ? 69  ILE A O   1 
ATOM   221  C CB  . ILE A 1 30  ? -4.913  4.724   -0.261  1.00 22.93 ? 69  ILE A CB  1 
ATOM   222  C CG1 . ILE A 1 30  ? -3.885  5.435   -1.150  1.00 22.00 ? 69  ILE A CG1 1 
ATOM   223  C CG2 . ILE A 1 30  ? -6.148  4.346   -1.068  1.00 20.87 ? 69  ILE A CG2 1 
ATOM   224  C CD1 . ILE A 1 30  ? -3.502  4.661   -2.407  1.00 20.08 ? 69  ILE A CD1 1 
ATOM   225  N N   . ASP A 1 31  ? -6.431  4.064   2.395   1.00 23.08 ? 70  ASP A N   1 
ATOM   226  C CA  . ASP A 1 31  ? -7.587  3.482   3.043   1.00 23.45 ? 70  ASP A CA  1 
ATOM   227  C C   . ASP A 1 31  ? -8.205  4.455   4.038   1.00 23.66 ? 70  ASP A C   1 
ATOM   228  O O   . ASP A 1 31  ? -9.424  4.458   4.234   1.00 23.73 ? 70  ASP A O   1 
ATOM   229  C CB  . ASP A 1 31  ? -7.212  2.182   3.743   1.00 24.85 ? 70  ASP A CB  1 
ATOM   230  C CG  . ASP A 1 31  ? -8.392  1.557   4.462   1.00 25.76 ? 70  ASP A CG  1 
ATOM   231  O OD1 . ASP A 1 31  ? -8.697  1.987   5.594   1.00 28.91 ? 70  ASP A OD1 1 
ATOM   232  O OD2 . ASP A 1 31  ? -9.025  0.645   3.891   1.00 26.62 ? 70  ASP A OD2 1 
ATOM   233  N N   . GLU A 1 32  ? -7.375  5.289   4.661   1.00 23.73 ? 71  GLU A N   1 
ATOM   234  C CA  . GLU A 1 32  ? -7.887  6.266   5.612   1.00 23.24 ? 71  GLU A CA  1 
ATOM   235  C C   . GLU A 1 32  ? -8.705  7.291   4.822   1.00 23.88 ? 71  GLU A C   1 
ATOM   236  O O   . GLU A 1 32  ? -9.785  7.719   5.263   1.00 23.79 ? 71  GLU A O   1 
ATOM   237  C CB  . GLU A 1 32  ? -6.733  6.949   6.340   1.00 23.98 ? 71  GLU A CB  1 
ATOM   238  C CG  . GLU A 1 32  ? -7.111  7.616   7.664   1.00 23.08 ? 71  GLU A CG  1 
ATOM   239  C CD  . GLU A 1 32  ? -7.651  6.630   8.701   1.00 23.67 ? 71  GLU A CD  1 
ATOM   240  O OE1 . GLU A 1 32  ? -7.330  5.423   8.616   1.00 22.90 ? 71  GLU A OE1 1 
ATOM   241  O OE2 . GLU A 1 32  ? -8.388  7.068   9.615   1.00 24.31 ? 71  GLU A OE2 1 
ATOM   242  N N   . LEU A 1 33  ? -8.185  7.686   3.656   1.00 23.74 ? 72  LEU A N   1 
ATOM   243  C CA  . LEU A 1 33  ? -8.884  8.636   2.787   1.00 24.06 ? 72  LEU A CA  1 
ATOM   244  C C   . LEU A 1 33  ? -10.243 8.033   2.447   1.00 23.93 ? 72  LEU A C   1 
ATOM   245  O O   . LEU A 1 33  ? -11.287 8.695   2.507   1.00 23.28 ? 72  LEU A O   1 
ATOM   246  C CB  . LEU A 1 33  ? -8.122  8.844   1.471   1.00 25.15 ? 72  LEU A CB  1 
ATOM   247  C CG  . LEU A 1 33  ? -6.765  9.551   1.455   1.00 25.77 ? 72  LEU A CG  1 
ATOM   248  C CD1 . LEU A 1 33  ? -6.251  9.659   0.024   1.00 23.85 ? 72  LEU A CD1 1 
ATOM   249  C CD2 . LEU A 1 33  ? -6.911  10.932  2.074   1.00 26.24 ? 72  LEU A CD2 1 
ATOM   250  N N   . ALA A 1 34  ? -10.203 6.753   2.092   1.00 24.14 ? 73  ALA A N   1 
ATOM   251  C CA  . ALA A 1 34  ? -11.390 6.016   1.707   1.00 23.44 ? 73  ALA A CA  1 
ATOM   252  C C   . ALA A 1 34  ? -12.443 5.844   2.798   1.00 22.32 ? 73  ALA A C   1 
ATOM   253  O O   . ALA A 1 34  ? -13.626 6.068   2.567   1.00 22.42 ? 73  ALA A O   1 
ATOM   254  C CB  . ALA A 1 34  ? -10.975 4.651   1.172   1.00 23.61 ? 73  ALA A CB  1 
ATOM   255  N N   . THR A 1 35  ? -12.016 5.448   3.987   1.00 22.54 ? 74  THR A N   1 
ATOM   256  C CA  . THR A 1 35  ? -12.965 5.204   5.068   1.00 22.52 ? 74  THR A CA  1 
ATOM   257  C C   . THR A 1 35  ? -13.283 6.422   5.908   1.00 23.22 ? 74  THR A C   1 
ATOM   258  O O   . THR A 1 35  ? -14.271 6.417   6.642   1.00 24.93 ? 74  THR A O   1 
ATOM   259  C CB  . THR A 1 35  ? -12.462 4.087   6.027   1.00 23.52 ? 74  THR A CB  1 
ATOM   260  O OG1 . THR A 1 35  ? -11.249 4.511   6.662   1.00 24.03 ? 74  THR A OG1 1 
ATOM   261  C CG2 . THR A 1 35  ? -12.185 2.796   5.260   1.00 20.61 ? 74  THR A CG2 1 
ATOM   262  N N   . LYS A 1 36  ? -12.468 7.469   5.805   1.00 22.66 ? 75  LYS A N   1 
ATOM   263  C CA  . LYS A 1 36  ? -12.702 8.659   6.617   1.00 20.29 ? 75  LYS A CA  1 
ATOM   264  C C   . LYS A 1 36  ? -12.999 9.963   5.899   1.00 19.84 ? 75  LYS A C   1 
ATOM   265  O O   . LYS A 1 36  ? -13.681 10.817  6.451   1.00 19.87 ? 75  LYS A O   1 
ATOM   266  C CB  . LYS A 1 36  ? -11.511 8.908   7.544   1.00 21.78 ? 75  LYS A CB  1 
ATOM   267  C CG  . LYS A 1 36  ? -11.285 7.853   8.609   1.00 21.92 ? 75  LYS A CG  1 
ATOM   268  C CD  . LYS A 1 36  ? -12.512 7.672   9.468   1.00 23.13 ? 75  LYS A CD  1 
ATOM   269  C CE  . LYS A 1 36  ? -12.101 7.149   10.821  1.00 25.96 ? 75  LYS A CE  1 
ATOM   270  N NZ  . LYS A 1 36  ? -11.069 6.087   10.678  1.00 28.14 ? 75  LYS A NZ  1 
ATOM   271  N N   . ALA A 1 37  ? -12.502 10.133  4.681   1.00 19.18 ? 76  ALA A N   1 
ATOM   272  C CA  . ALA A 1 37  ? -12.706 11.393  3.985   1.00 18.50 ? 76  ALA A CA  1 
ATOM   273  C C   . ALA A 1 37  ? -13.704 11.417  2.840   1.00 19.16 ? 76  ALA A C   1 
ATOM   274  O O   . ALA A 1 37  ? -14.098 12.498  2.410   1.00 20.38 ? 76  ALA A O   1 
ATOM   275  C CB  . ALA A 1 37  ? -11.368 11.927  3.506   1.00 18.66 ? 76  ALA A CB  1 
ATOM   276  N N   . ILE A 1 38  ? -14.111 10.260  2.328   1.00 18.95 ? 77  ILE A N   1 
ATOM   277  C CA  . ILE A 1 38  ? -15.082 10.264  1.240   1.00 18.80 ? 77  ILE A CA  1 
ATOM   278  C C   . ILE A 1 38  ? -16.397 10.893  1.692   1.00 19.47 ? 77  ILE A C   1 
ATOM   279  O O   . ILE A 1 38  ? -16.896 10.596  2.775   1.00 20.25 ? 77  ILE A O   1 
ATOM   280  C CB  . ILE A 1 38  ? -15.384 8.846   0.722   1.00 17.73 ? 77  ILE A CB  1 
ATOM   281  C CG1 . ILE A 1 38  ? -14.171 8.292   -0.022  1.00 16.69 ? 77  ILE A CG1 1 
ATOM   282  C CG2 . ILE A 1 38  ? -16.590 8.882   -0.213  1.00 16.59 ? 77  ILE A CG2 1 
ATOM   283  C CD1 . ILE A 1 38  ? -14.375 6.884   -0.539  1.00 18.26 ? 77  ILE A CD1 1 
ATOM   284  N N   . GLY A 1 39  ? -16.954 11.756  0.846   1.00 19.24 ? 78  GLY A N   1 
ATOM   285  C CA  . GLY A 1 39  ? -18.207 12.415  1.158   1.00 18.88 ? 78  GLY A CA  1 
ATOM   286  C C   . GLY A 1 39  ? -18.151 13.169  2.465   1.00 19.96 ? 78  GLY A C   1 
ATOM   287  O O   . GLY A 1 39  ? -19.102 13.140  3.240   1.00 22.44 ? 78  GLY A O   1 
ATOM   288  N N   . LYS A 1 40  ? -17.033 13.844  2.712   1.00 20.59 ? 79  LYS A N   1 
ATOM   289  C CA  . LYS A 1 40  ? -16.835 14.615  3.939   1.00 21.44 ? 79  LYS A CA  1 
ATOM   290  C C   . LYS A 1 40  ? -16.228 15.974  3.644   1.00 22.62 ? 79  LYS A C   1 
ATOM   291  O O   . LYS A 1 40  ? -15.648 16.198  2.583   1.00 24.90 ? 79  LYS A O   1 
ATOM   292  C CB  . LYS A 1 40  ? -15.885 13.880  4.893   1.00 20.42 ? 79  LYS A CB  1 
ATOM   293  C CG  . LYS A 1 40  ? -16.397 12.559  5.437   1.00 20.84 ? 79  LYS A CG  1 
ATOM   294  C CD  . LYS A 1 40  ? -17.535 12.783  6.402   1.00 22.16 ? 79  LYS A CD  1 
ATOM   295  C CE  . LYS A 1 40  ? -18.034 11.472  6.977   1.00 22.10 ? 79  LYS A CE  1 
ATOM   296  N NZ  . LYS A 1 40  ? -18.725 10.660  5.952   1.00 25.03 ? 79  LYS A NZ  1 
ATOM   297  N N   . LYS A 1 41  ? -16.366 16.889  4.591   1.00 24.01 ? 80  LYS A N   1 
ATOM   298  C CA  . LYS A 1 41  ? -15.768 18.210  4.451   1.00 24.58 ? 80  LYS A CA  1 
ATOM   299  C C   . LYS A 1 41  ? -15.193 18.582  5.808   1.00 23.73 ? 80  LYS A C   1 
ATOM   300  O O   . LYS A 1 41  ? -15.657 18.089  6.831   1.00 23.99 ? 80  LYS A O   1 
ATOM   301  C CB  . LYS A 1 41  ? -16.804 19.243  4.012   1.00 24.46 ? 80  LYS A CB  1 
ATOM   302  C CG  . LYS A 1 41  ? -17.861 19.583  5.041   1.00 23.48 ? 80  LYS A CG  1 
ATOM   303  C CD  . LYS A 1 41  ? -18.682 20.741  4.522   1.00 23.23 ? 80  LYS A CD  1 
ATOM   304  C CE  . LYS A 1 41  ? -19.729 21.173  5.510   1.00 23.56 ? 80  LYS A CE  1 
ATOM   305  N NZ  . LYS A 1 41  ? -20.579 22.227  4.904   1.00 23.05 ? 80  LYS A NZ  1 
ATOM   306  N N   . ILE A 1 42  ? -14.165 19.420  5.817   1.00 25.17 ? 81  ILE A N   1 
ATOM   307  C CA  . ILE A 1 42  ? -13.543 19.853  7.069   1.00 25.81 ? 81  ILE A CA  1 
ATOM   308  C C   . ILE A 1 42  ? -14.526 20.759  7.807   1.00 25.77 ? 81  ILE A C   1 
ATOM   309  O O   . ILE A 1 42  ? -14.912 21.816  7.310   1.00 24.36 ? 81  ILE A O   1 
ATOM   310  C CB  . ILE A 1 42  ? -12.213 20.616  6.797   1.00 24.40 ? 81  ILE A CB  1 
ATOM   311  C CG1 . ILE A 1 42  ? -11.163 19.633  6.265   1.00 23.75 ? 81  ILE A CG1 1 
ATOM   312  C CG2 . ILE A 1 42  ? -11.731 21.311  8.058   1.00 22.63 ? 81  ILE A CG2 1 
ATOM   313  C CD1 . ILE A 1 42  ? -9.806  20.257  5.961   1.00 23.23 ? 81  ILE A CD1 1 
ATOM   314  N N   . GLY A 1 43  ? -14.943 20.331  8.992   1.00 27.75 ? 82  GLY A N   1 
ATOM   315  C CA  . GLY A 1 43  ? -15.893 21.115  9.757   1.00 28.56 ? 82  GLY A CA  1 
ATOM   316  C C   . GLY A 1 43  ? -15.306 21.616  11.055  1.00 29.86 ? 82  GLY A C   1 
ATOM   317  O O   . GLY A 1 43  ? -14.275 21.130  11.511  1.00 30.44 ? 82  GLY A O   1 
ATOM   318  N N   . ASN A 1 44  ? -15.979 22.592  11.650  1.00 30.82 ? 83  ASN A N   1 
ATOM   319  C CA  . ASN A 1 44  ? -15.545 23.189  12.902  1.00 31.52 ? 83  ASN A CA  1 
ATOM   320  C C   . ASN A 1 44  ? -15.287 22.166  13.998  1.00 31.23 ? 83  ASN A C   1 
ATOM   321  O O   . ASN A 1 44  ? -14.513 22.426  14.914  1.00 31.65 ? 83  ASN A O   1 
ATOM   322  C CB  . ASN A 1 44  ? -16.582 24.191  13.385  1.00 33.34 ? 83  ASN A CB  1 
ATOM   323  C CG  . ASN A 1 44  ? -16.178 24.851  14.669  1.00 35.81 ? 83  ASN A CG  1 
ATOM   324  O OD1 . ASN A 1 44  ? -15.045 25.319  14.800  1.00 37.75 ? 83  ASN A OD1 1 
ATOM   325  N ND2 . ASN A 1 44  ? -17.094 24.902  15.631  1.00 36.87 ? 83  ASN A ND2 1 
ATOM   326  N N   . ASN A 1 45  ? -15.941 21.012  13.912  1.00 32.06 ? 84  ASN A N   1 
ATOM   327  C CA  . ASN A 1 45  ? -15.761 19.948  14.904  1.00 32.03 ? 84  ASN A CA  1 
ATOM   328  C C   . ASN A 1 45  ? -14.761 18.914  14.411  1.00 31.53 ? 84  ASN A C   1 
ATOM   329  O O   . ASN A 1 45  ? -14.191 18.152  15.194  1.00 30.78 ? 84  ASN A O   1 
ATOM   330  C CB  . ASN A 1 45  ? -17.082 19.229  15.172  1.00 33.97 ? 84  ASN A CB  1 
ATOM   331  C CG  . ASN A 1 45  ? -18.036 20.058  15.980  1.00 34.21 ? 84  ASN A CG  1 
ATOM   332  O OD1 . ASN A 1 45  ? -17.639 20.697  16.961  1.00 37.03 ? 84  ASN A OD1 1 
ATOM   333  N ND2 . ASN A 1 45  ? -19.305 20.049  15.591  1.00 34.83 ? 84  ASN A ND2 1 
ATOM   334  N N   . GLY A 1 46  ? -14.570 18.907  13.098  1.00 30.68 ? 85  GLY A N   1 
ATOM   335  C CA  . GLY A 1 46  ? -13.686 17.966  12.447  1.00 28.21 ? 85  GLY A CA  1 
ATOM   336  C C   . GLY A 1 46  ? -14.389 17.653  11.143  1.00 28.19 ? 85  GLY A C   1 
ATOM   337  O O   . GLY A 1 46  ? -15.087 18.505  10.598  1.00 27.12 ? 85  GLY A O   1 
ATOM   338  N N   . LEU A 1 47  ? -14.242 16.436  10.645  1.00 27.26 ? 86  LEU A N   1 
ATOM   339  C CA  . LEU A 1 47  ? -14.887 16.072  9.393   1.00 27.59 ? 86  LEU A CA  1 
ATOM   340  C C   . LEU A 1 47  ? -16.393 15.865  9.526   1.00 27.40 ? 86  LEU A C   1 
ATOM   341  O O   . LEU A 1 47  ? -16.877 15.294  10.512  1.00 28.49 ? 86  LEU A O   1 
ATOM   342  C CB  . LEU A 1 47  ? -14.248 14.802  8.825   1.00 25.94 ? 86  LEU A CB  1 
ATOM   343  C CG  . LEU A 1 47  ? -12.839 14.976  8.273   1.00 25.99 ? 86  LEU A CG  1 
ATOM   344  C CD1 . LEU A 1 47  ? -12.227 13.622  7.968   1.00 26.45 ? 86  LEU A CD1 1 
ATOM   345  C CD2 . LEU A 1 47  ? -12.905 15.842  7.023   1.00 25.81 ? 86  LEU A CD2 1 
ATOM   346  N N   . GLU A 1 48  ? -17.128 16.346  8.527   1.00 27.57 ? 87  GLU A N   1 
ATOM   347  C CA  . GLU A 1 48  ? -18.573 16.182  8.485   1.00 27.18 ? 87  GLU A CA  1 
ATOM   348  C C   . GLU A 1 48  ? -19.052 15.933  7.056   1.00 28.34 ? 87  GLU A C   1 
ATOM   349  O O   . GLU A 1 48  ? -18.256 15.925  6.112   1.00 28.77 ? 87  GLU A O   1 
ATOM   350  C CB  . GLU A 1 48  ? -19.287 17.394  9.091   1.00 26.68 ? 87  GLU A CB  1 
ATOM   351  C CG  . GLU A 1 48  ? -18.839 18.752  8.608   1.00 25.41 ? 87  GLU A CG  1 
ATOM   352  C CD  . GLU A 1 48  ? -19.724 19.865  9.167   1.00 26.38 ? 87  GLU A CD  1 
ATOM   353  O OE1 . GLU A 1 48  ? -20.858 20.032  8.672   1.00 25.33 ? 87  GLU A OE1 1 
ATOM   354  O OE2 . GLU A 1 48  ? -19.295 20.564  10.112  1.00 26.29 ? 87  GLU A OE2 1 
ATOM   355  N N   . ALA A 1 49  ? -20.355 15.731  6.906   1.00 29.10 ? 88  ALA A N   1 
ATOM   356  C CA  . ALA A 1 49  ? -20.960 15.440  5.607   1.00 28.59 ? 88  ALA A CA  1 
ATOM   357  C C   . ALA A 1 49  ? -20.872 16.522  4.531   1.00 28.40 ? 88  ALA A C   1 
ATOM   358  O O   . ALA A 1 49  ? -21.037 17.713  4.788   1.00 28.49 ? 88  ALA A O   1 
ATOM   359  C CB  . ALA A 1 49  ? -22.408 15.046  5.805   1.00 27.40 ? 88  ALA A CB  1 
ATOM   360  N N   . ASN A 1 50  ? -20.608 16.061  3.316   1.00 29.14 ? 89  ASN A N   1 
ATOM   361  C CA  . ASN A 1 50  ? -20.514 16.883  2.119   1.00 29.26 ? 89  ASN A CA  1 
ATOM   362  C C   . ASN A 1 50  ? -20.407 15.827  1.042   1.00 30.70 ? 89  ASN A C   1 
ATOM   363  O O   . ASN A 1 50  ? -19.317 15.373  0.693   1.00 31.15 ? 89  ASN A O   1 
ATOM   364  C CB  . ASN A 1 50  ? -19.261 17.760  2.099   1.00 28.37 ? 89  ASN A CB  1 
ATOM   365  C CG  . ASN A 1 50  ? -19.372 18.897  1.090   1.00 28.23 ? 89  ASN A CG  1 
ATOM   366  O OD1 . ASN A 1 50  ? -18.385 19.318  0.492   1.00 29.02 ? 89  ASN A OD1 1 
ATOM   367  N ND2 . ASN A 1 50  ? -20.588 19.404  0.907   1.00 27.25 ? 89  ASN A ND2 1 
ATOM   368  N N   . GLN A 1 51  ? -21.557 15.429  0.526   1.00 32.34 ? 90  GLN A N   1 
ATOM   369  C CA  . GLN A 1 51  ? -21.618 14.389  -0.484  1.00 33.38 ? 90  GLN A CA  1 
ATOM   370  C C   . GLN A 1 51  ? -21.466 14.858  -1.923  1.00 32.76 ? 90  GLN A C   1 
ATOM   371  O O   . GLN A 1 51  ? -21.681 16.030  -2.242  1.00 33.54 ? 90  GLN A O   1 
ATOM   372  C CB  . GLN A 1 51  ? -22.937 13.636  -0.331  1.00 35.05 ? 90  GLN A CB  1 
ATOM   373  C CG  . GLN A 1 51  ? -24.137 14.557  -0.331  1.00 38.63 ? 90  GLN A CG  1 
ATOM   374  C CD  . GLN A 1 51  ? -25.437 13.817  -0.134  1.00 41.00 ? 90  GLN A CD  1 
ATOM   375  O OE1 . GLN A 1 51  ? -25.577 13.033  0.809   1.00 42.90 ? 90  GLN A OE1 1 
ATOM   376  N NE2 . GLN A 1 51  ? -26.404 14.063  -1.017  1.00 40.58 ? 90  GLN A NE2 1 
ATOM   377  N N   . SER A 1 52  ? -21.074 13.911  -2.774  1.00 31.25 ? 91  SER A N   1 
ATOM   378  C CA  . SER A 1 52  ? -20.915 14.119  -4.206  1.00 30.42 ? 91  SER A CA  1 
ATOM   379  C C   . SER A 1 52  ? -19.917 15.190  -4.670  1.00 30.13 ? 91  SER A C   1 
ATOM   380  O O   . SER A 1 52  ? -20.224 15.987  -5.558  1.00 30.99 ? 91  SER A O   1 
ATOM   381  C CB  . SER A 1 52  ? -22.296 14.388  -4.809  1.00 29.96 ? 91  SER A CB  1 
ATOM   382  O OG  . SER A 1 52  ? -23.229 13.399  -4.389  1.00 29.89 ? 91  SER A OG  1 
ATOM   383  N N   . LYS A 1 53  ? -18.723 15.195  -4.081  1.00 28.53 ? 92  LYS A N   1 
ATOM   384  C CA  . LYS A 1 53  ? -17.670 16.146  -4.448  1.00 26.47 ? 92  LYS A CA  1 
ATOM   385  C C   . LYS A 1 53  ? -16.321 15.538  -4.093  1.00 25.15 ? 92  LYS A C   1 
ATOM   386  O O   . LYS A 1 53  ? -15.459 16.199  -3.508  1.00 24.74 ? 92  LYS A O   1 
ATOM   387  C CB  . LYS A 1 53  ? -17.838 17.473  -3.698  1.00 28.67 ? 92  LYS A CB  1 
ATOM   388  C CG  . LYS A 1 53  ? -18.794 18.469  -4.345  1.00 27.16 ? 92  LYS A CG  1 
ATOM   389  C CD  . LYS A 1 53  ? -20.186 18.344  -3.777  1.00 30.16 ? 92  LYS A CD  1 
ATOM   390  C CE  . LYS A 1 53  ? -21.070 19.521  -4.200  1.00 30.35 ? 92  LYS A CE  1 
ATOM   391  N NZ  . LYS A 1 53  ? -21.390 19.513  -5.653  1.00 31.19 ? 92  LYS A NZ  1 
ATOM   392  N N   . ASN A 1 54  ? -16.141 14.275  -4.467  1.00 23.48 ? 93  ASN A N   1 
ATOM   393  C CA  . ASN A 1 54  ? -14.919 13.542  -4.153  1.00 21.74 ? 93  ASN A CA  1 
ATOM   394  C C   . ASN A 1 54  ? -13.902 13.469  -5.286  1.00 21.94 ? 93  ASN A C   1 
ATOM   395  O O   . ASN A 1 54  ? -13.094 12.542  -5.336  1.00 23.21 ? 93  ASN A O   1 
ATOM   396  C CB  . ASN A 1 54  ? -15.294 12.130  -3.708  1.00 19.86 ? 93  ASN A CB  1 
ATOM   397  C CG  . ASN A 1 54  ? -16.346 12.130  -2.608  1.00 19.93 ? 93  ASN A CG  1 
ATOM   398  O OD1 . ASN A 1 54  ? -16.106 12.633  -1.511  1.00 21.77 ? 93  ASN A OD1 1 
ATOM   399  N ND2 . ASN A 1 54  ? -17.520 11.574  -2.901  1.00 18.27 ? 93  ASN A ND2 1 
ATOM   400  N N   . THR A 1 55  ? -13.931 14.449  -6.184  1.00 21.83 ? 94  THR A N   1 
ATOM   401  C CA  . THR A 1 55  ? -13.006 14.475  -7.313  1.00 20.13 ? 94  THR A CA  1 
ATOM   402  C C   . THR A 1 55  ? -11.561 14.674  -6.891  1.00 19.64 ? 94  THR A C   1 
ATOM   403  O O   . THR A 1 55  ? -10.710 13.855  -7.218  1.00 20.32 ? 94  THR A O   1 
ATOM   404  C CB  . THR A 1 55  ? -13.366 15.592  -8.292  1.00 20.85 ? 94  THR A CB  1 
ATOM   405  O OG1 . THR A 1 55  ? -14.757 15.515  -8.590  1.00 20.61 ? 94  THR A OG1 1 
ATOM   406  C CG2 . THR A 1 55  ? -12.575 15.450  -9.586  1.00 21.51 ? 94  THR A CG2 1 
ATOM   407  N N   . SER A 1 56  ? -11.280 15.760  -6.171  1.00 20.63 ? 95  SER A N   1 
ATOM   408  C CA  . SER A 1 56  ? -9.917  16.047  -5.736  1.00 20.55 ? 95  SER A CA  1 
ATOM   409  C C   . SER A 1 56  ? -9.448  15.011  -4.726  1.00 21.12 ? 95  SER A C   1 
ATOM   410  O O   . SER A 1 56  ? -8.254  14.700  -4.653  1.00 20.60 ? 95  SER A O   1 
ATOM   411  C CB  . SER A 1 56  ? -9.805  17.465  -5.154  1.00 20.48 ? 95  SER A CB  1 
ATOM   412  O OG  . SER A 1 56  ? -10.581 17.634  -3.988  1.00 23.15 ? 95  SER A OG  1 
ATOM   413  N N   . LEU A 1 57  ? -10.392 14.468  -3.959  1.00 21.35 ? 96  LEU A N   1 
ATOM   414  C CA  . LEU A 1 57  ? -10.059 13.433  -2.989  1.00 20.21 ? 96  LEU A CA  1 
ATOM   415  C C   . LEU A 1 57  ? -9.498  12.256  -3.766  1.00 20.03 ? 96  LEU A C   1 
ATOM   416  O O   . LEU A 1 57  ? -8.501  11.659  -3.375  1.00 20.34 ? 96  LEU A O   1 
ATOM   417  C CB  . LEU A 1 57  ? -11.300 12.976  -2.212  1.00 20.40 ? 96  LEU A CB  1 
ATOM   418  C CG  . LEU A 1 57  ? -11.084 11.770  -1.289  1.00 18.03 ? 96  LEU A CG  1 
ATOM   419  C CD1 . LEU A 1 57  ? -9.857  11.996  -0.424  1.00 19.29 ? 96  LEU A CD1 1 
ATOM   420  C CD2 . LEU A 1 57  ? -12.298 11.561  -0.422  1.00 19.40 ? 96  LEU A CD2 1 
ATOM   421  N N   . LEU A 1 58  ? -10.153 11.930  -4.875  1.00 19.58 ? 97  LEU A N   1 
ATOM   422  C CA  . LEU A 1 58  ? -9.721  10.832  -5.719  1.00 20.42 ? 97  LEU A CA  1 
ATOM   423  C C   . LEU A 1 58  ? -8.356  11.119  -6.333  1.00 20.14 ? 97  LEU A C   1 
ATOM   424  O O   . LEU A 1 58  ? -7.539  10.208  -6.496  1.00 21.63 ? 97  LEU A O   1 
ATOM   425  C CB  . LEU A 1 58  ? -10.753 10.572  -6.816  1.00 19.92 ? 97  LEU A CB  1 
ATOM   426  C CG  . LEU A 1 58  ? -11.545 9.273   -6.661  1.00 20.76 ? 97  LEU A CG  1 
ATOM   427  C CD1 . LEU A 1 58  ? -10.607 8.095   -6.832  1.00 19.66 ? 97  LEU A CD1 1 
ATOM   428  C CD2 . LEU A 1 58  ? -12.216 9.223   -5.289  1.00 21.62 ? 97  LEU A CD2 1 
ATOM   429  N N   . SER A 1 59  ? -8.098  12.379  -6.664  1.00 19.08 ? 98  SER A N   1 
ATOM   430  C CA  . SER A 1 59  ? -6.807  12.739  -7.240  1.00 18.17 ? 98  SER A CA  1 
ATOM   431  C C   . SER A 1 59  ? -5.693  12.450  -6.226  1.00 19.39 ? 98  SER A C   1 
ATOM   432  O O   . SER A 1 59  ? -4.555  12.131  -6.601  1.00 16.32 ? 98  SER A O   1 
ATOM   433  C CB  . SER A 1 59  ? -6.789  14.225  -7.617  1.00 18.44 ? 98  SER A CB  1 
ATOM   434  O OG  . SER A 1 59  ? -7.789  14.518  -8.579  1.00 17.72 ? 98  SER A OG  1 
ATOM   435  N N   . GLY A 1 60  ? -6.041  12.565  -4.944  1.00 19.78 ? 99  GLY A N   1 
ATOM   436  C CA  . GLY A 1 60  ? -5.088  12.322  -3.877  1.00 19.59 ? 99  GLY A CA  1 
ATOM   437  C C   . GLY A 1 60  ? -4.737  10.853  -3.776  1.00 19.99 ? 99  GLY A C   1 
ATOM   438  O O   . GLY A 1 60  ? -3.584  10.487  -3.542  1.00 18.04 ? 99  GLY A O   1 
ATOM   439  N N   . ALA A 1 61  ? -5.744  10.004  -3.953  1.00 21.06 ? 100 ALA A N   1 
ATOM   440  C CA  . ALA A 1 61  ? -5.538  8.564   -3.895  1.00 20.60 ? 100 ALA A CA  1 
ATOM   441  C C   . ALA A 1 61  ? -4.653  8.185   -5.071  1.00 20.30 ? 100 ALA A C   1 
ATOM   442  O O   . ALA A 1 61  ? -3.701  7.419   -4.929  1.00 20.71 ? 100 ALA A O   1 
ATOM   443  C CB  . ALA A 1 61  ? -6.875  7.841   -3.979  1.00 21.04 ? 100 ALA A CB  1 
ATOM   444  N N   . TYR A 1 62  ? -4.960  8.743   -6.236  1.00 20.61 ? 101 TYR A N   1 
ATOM   445  C CA  . TYR A 1 62  ? -4.174  8.467   -7.430  1.00 20.62 ? 101 TYR A CA  1 
ATOM   446  C C   . TYR A 1 62  ? -2.726  8.867   -7.195  1.00 20.23 ? 101 TYR A C   1 
ATOM   447  O O   . TYR A 1 62  ? -1.817  8.109   -7.504  1.00 22.26 ? 101 TYR A O   1 
ATOM   448  C CB  . TYR A 1 62  ? -4.731  9.241   -8.615  1.00 21.66 ? 101 TYR A CB  1 
ATOM   449  C CG  . TYR A 1 62  ? -4.197  8.768   -9.941  1.00 24.28 ? 101 TYR A CG  1 
ATOM   450  C CD1 . TYR A 1 62  ? -2.948  9.177   -10.406 1.00 23.61 ? 101 TYR A CD1 1 
ATOM   451  C CD2 . TYR A 1 62  ? -4.942  7.898   -10.732 1.00 24.45 ? 101 TYR A CD2 1 
ATOM   452  C CE1 . TYR A 1 62  ? -2.461  8.734   -11.627 1.00 23.30 ? 101 TYR A CE1 1 
ATOM   453  C CE2 . TYR A 1 62  ? -4.464  7.447   -11.953 1.00 24.88 ? 101 TYR A CE2 1 
ATOM   454  C CZ  . TYR A 1 62  ? -3.227  7.868   -12.396 1.00 24.06 ? 101 TYR A CZ  1 
ATOM   455  O OH  . TYR A 1 62  ? -2.773  7.413   -13.613 1.00 24.30 ? 101 TYR A OH  1 
ATOM   456  N N   . ALA A 1 63  ? -2.514  10.059  -6.642  1.00 20.09 ? 102 ALA A N   1 
ATOM   457  C CA  . ALA A 1 63  ? -1.171  10.548  -6.358  1.00 19.85 ? 102 ALA A CA  1 
ATOM   458  C C   . ALA A 1 63  ? -0.413  9.568   -5.468  1.00 21.29 ? 102 ALA A C   1 
ATOM   459  O O   . ALA A 1 63  ? 0.720   9.184   -5.756  1.00 19.78 ? 102 ALA A O   1 
ATOM   460  C CB  . ALA A 1 63  ? -1.251  11.893  -5.683  1.00 20.40 ? 102 ALA A CB  1 
ATOM   461  N N   . ILE A 1 64  ? -1.043  9.167   -4.372  1.00 22.86 ? 103 ILE A N   1 
ATOM   462  C CA  . ILE A 1 64  ? -0.414  8.232   -3.454  1.00 21.73 ? 103 ILE A CA  1 
ATOM   463  C C   . ILE A 1 64  ? -0.187  6.900   -4.148  1.00 22.64 ? 103 ILE A C   1 
ATOM   464  O O   . ILE A 1 64  ? 0.726   6.165   -3.777  1.00 23.38 ? 103 ILE A O   1 
ATOM   465  C CB  . ILE A 1 64  ? -1.276  8.014   -2.189  1.00 21.73 ? 103 ILE A CB  1 
ATOM   466  C CG1 . ILE A 1 64  ? -1.388  9.326   -1.412  1.00 18.85 ? 103 ILE A CG1 1 
ATOM   467  C CG2 . ILE A 1 64  ? -0.655  6.943   -1.309  1.00 18.62 ? 103 ILE A CG2 1 
ATOM   468  C CD1 . ILE A 1 64  ? -2.360  9.270   -0.257  1.00 16.82 ? 103 ILE A CD1 1 
ATOM   469  N N   . SER A 1 65  ? -1.004  6.579   -5.149  1.00 23.31 ? 104 SER A N   1 
ATOM   470  C CA  . SER A 1 65  ? -0.812  5.311   -5.853  1.00 24.74 ? 104 SER A CA  1 
ATOM   471  C C   . SER A 1 65  ? 0.428   5.439   -6.735  1.00 24.24 ? 104 SER A C   1 
ATOM   472  O O   . SER A 1 65  ? 1.183   4.483   -6.900  1.00 25.91 ? 104 SER A O   1 
ATOM   473  C CB  . SER A 1 65  ? -2.052  4.922   -6.677  1.00 25.44 ? 104 SER A CB  1 
ATOM   474  O OG  . SER A 1 65  ? -2.247  5.780   -7.783  1.00 27.95 ? 104 SER A OG  1 
ATOM   475  N N   . ASP A 1 66  ? 0.654   6.627   -7.283  1.00 24.02 ? 105 ASP A N   1 
ATOM   476  C CA  . ASP A 1 66  ? 1.841   6.854   -8.095  1.00 22.86 ? 105 ASP A CA  1 
ATOM   477  C C   . ASP A 1 66  ? 3.085   6.737   -7.223  1.00 23.37 ? 105 ASP A C   1 
ATOM   478  O O   . ASP A 1 66  ? 4.060   6.093   -7.606  1.00 25.66 ? 105 ASP A O   1 
ATOM   479  C CB  . ASP A 1 66  ? 1.806   8.237   -8.730  1.00 23.35 ? 105 ASP A CB  1 
ATOM   480  C CG  . ASP A 1 66  ? 1.064   8.249   -10.042 1.00 23.91 ? 105 ASP A CG  1 
ATOM   481  O OD1 . ASP A 1 66  ? 0.743   7.148   -10.547 1.00 23.26 ? 105 ASP A OD1 1 
ATOM   482  O OD2 . ASP A 1 66  ? 0.814   9.353   -10.572 1.00 23.58 ? 105 ASP A OD2 1 
ATOM   483  N N   . LEU A 1 67  ? 3.054   7.363   -6.049  1.00 22.05 ? 106 LEU A N   1 
ATOM   484  C CA  . LEU A 1 67  ? 4.188   7.311   -5.133  1.00 21.41 ? 106 LEU A CA  1 
ATOM   485  C C   . LEU A 1 67  ? 4.476   5.861   -4.746  1.00 23.03 ? 106 LEU A C   1 
ATOM   486  O O   . LEU A 1 67  ? 5.640   5.453   -4.610  1.00 22.31 ? 106 LEU A O   1 
ATOM   487  C CB  . LEU A 1 67  ? 3.889   8.146   -3.884  1.00 22.07 ? 106 LEU A CB  1 
ATOM   488  C CG  . LEU A 1 67  ? 4.942   8.222   -2.774  1.00 20.49 ? 106 LEU A CG  1 
ATOM   489  C CD1 . LEU A 1 67  ? 6.330   8.450   -3.353  1.00 20.56 ? 106 LEU A CD1 1 
ATOM   490  C CD2 . LEU A 1 67  ? 4.562   9.346   -1.839  1.00 21.37 ? 106 LEU A CD2 1 
ATOM   491  N N   . ILE A 1 68  ? 3.401   5.089   -4.580  1.00 23.27 ? 107 ILE A N   1 
ATOM   492  C CA  . ILE A 1 68  ? 3.490   3.673   -4.236  1.00 21.75 ? 107 ILE A CA  1 
ATOM   493  C C   . ILE A 1 68  ? 4.213   2.898   -5.341  1.00 21.59 ? 107 ILE A C   1 
ATOM   494  O O   . ILE A 1 68  ? 5.069   2.065   -5.068  1.00 20.23 ? 107 ILE A O   1 
ATOM   495  C CB  . ILE A 1 68  ? 2.076   3.071   -4.030  1.00 21.52 ? 107 ILE A CB  1 
ATOM   496  C CG1 . ILE A 1 68  ? 1.569   3.435   -2.632  1.00 20.36 ? 107 ILE A CG1 1 
ATOM   497  C CG2 . ILE A 1 68  ? 2.103   1.551   -4.246  1.00 20.99 ? 107 ILE A CG2 1 
ATOM   498  C CD1 . ILE A 1 68  ? 0.214   2.847   -2.294  1.00 19.97 ? 107 ILE A CD1 1 
ATOM   499  N N   . ALA A 1 69  ? 3.855   3.170   -6.589  1.00 22.55 ? 108 ALA A N   1 
ATOM   500  C CA  . ALA A 1 69  ? 4.489   2.503   -7.710  1.00 23.68 ? 108 ALA A CA  1 
ATOM   501  C C   . ALA A 1 69  ? 5.966   2.848   -7.689  1.00 25.89 ? 108 ALA A C   1 
ATOM   502  O O   . ALA A 1 69  ? 6.814   1.978   -7.877  1.00 25.76 ? 108 ALA A O   1 
ATOM   503  C CB  . ALA A 1 69  ? 3.871   2.961   -9.010  1.00 22.20 ? 108 ALA A CB  1 
ATOM   504  N N   . GLU A 1 70  ? 6.274   4.120   -7.450  1.00 28.53 ? 109 GLU A N   1 
ATOM   505  C CA  . GLU A 1 70  ? 7.662   4.567   -7.413  1.00 31.03 ? 109 GLU A CA  1 
ATOM   506  C C   . GLU A 1 70  ? 8.477   3.768   -6.408  1.00 32.21 ? 109 GLU A C   1 
ATOM   507  O O   . GLU A 1 70  ? 9.572   3.286   -6.718  1.00 32.88 ? 109 GLU A O   1 
ATOM   508  C CB  . GLU A 1 70  ? 7.743   6.049   -7.046  1.00 33.46 ? 109 GLU A CB  1 
ATOM   509  C CG  . GLU A 1 70  ? 7.048   6.982   -8.023  1.00 37.83 ? 109 GLU A CG  1 
ATOM   510  C CD  . GLU A 1 70  ? 7.244   8.453   -7.665  1.00 41.60 ? 109 GLU A CD  1 
ATOM   511  O OE1 . GLU A 1 70  ? 6.516   9.302   -8.232  1.00 43.66 ? 109 GLU A OE1 1 
ATOM   512  O OE2 . GLU A 1 70  ? 8.128   8.759   -6.823  1.00 42.98 ? 109 GLU A OE2 1 
ATOM   513  N N   . LYS A 1 71  ? 7.937   3.634   -5.201  1.00 32.77 ? 110 LYS A N   1 
ATOM   514  C CA  . LYS A 1 71  ? 8.612   2.905   -4.138  1.00 32.20 ? 110 LYS A CA  1 
ATOM   515  C C   . LYS A 1 71  ? 8.917   1.461   -4.516  1.00 32.71 ? 110 LYS A C   1 
ATOM   516  O O   . LYS A 1 71  ? 10.050  1.007   -4.373  1.00 32.71 ? 110 LYS A O   1 
ATOM   517  C CB  . LYS A 1 71  ? 7.770   2.944   -2.861  1.00 31.73 ? 110 LYS A CB  1 
ATOM   518  C CG  . LYS A 1 71  ? 7.553   4.343   -2.325  1.00 29.47 ? 110 LYS A CG  1 
ATOM   519  C CD  . LYS A 1 71  ? 8.873   5.006   -2.043  1.00 29.24 ? 110 LYS A CD  1 
ATOM   520  C CE  . LYS A 1 71  ? 8.705   6.451   -1.644  1.00 28.28 ? 110 LYS A CE  1 
ATOM   521  N NZ  . LYS A 1 71  ? 10.042  7.054   -1.384  1.00 30.27 ? 110 LYS A NZ  1 
ATOM   522  N N   . LEU A 1 72  ? 7.906   0.740   -4.988  1.00 33.05 ? 111 LEU A N   1 
ATOM   523  C CA  . LEU A 1 72  ? 8.081   -0.651  -5.386  1.00 33.04 ? 111 LEU A CA  1 
ATOM   524  C C   . LEU A 1 72  ? 9.050   -0.775  -6.551  1.00 33.26 ? 111 LEU A C   1 
ATOM   525  O O   . LEU A 1 72  ? 9.856   -1.698  -6.595  1.00 33.75 ? 111 LEU A O   1 
ATOM   526  C CB  . LEU A 1 72  ? 6.734   -1.262  -5.767  1.00 31.87 ? 111 LEU A CB  1 
ATOM   527  C CG  . LEU A 1 72  ? 5.770   -1.453  -4.597  1.00 30.69 ? 111 LEU A CG  1 
ATOM   528  C CD1 . LEU A 1 72  ? 4.435   -1.975  -5.098  1.00 30.12 ? 111 LEU A CD1 1 
ATOM   529  C CD2 . LEU A 1 72  ? 6.388   -2.415  -3.604  1.00 30.19 ? 111 LEU A CD2 1 
ATOM   530  N N   . ASN A 1 73  ? 8.964   0.158   -7.493  1.00 34.41 ? 112 ASN A N   1 
ATOM   531  C CA  . ASN A 1 73  ? 9.836   0.175   -8.670  1.00 35.91 ? 112 ASN A CA  1 
ATOM   532  C C   . ASN A 1 73  ? 11.306  0.194   -8.255  1.00 36.89 ? 112 ASN A C   1 
ATOM   533  O O   . ASN A 1 73  ? 12.186  -0.197  -9.024  1.00 37.46 ? 112 ASN A O   1 
ATOM   534  C CB  . ASN A 1 73  ? 9.528   1.414   -9.520  1.00 35.48 ? 112 ASN A CB  1 
ATOM   535  C CG  . ASN A 1 73  ? 10.618  1.727   -10.540 1.00 36.72 ? 112 ASN A CG  1 
ATOM   536  O OD1 . ASN A 1 73  ? 10.752  1.044   -11.557 1.00 36.91 ? 112 ASN A OD1 1 
ATOM   537  N ND2 . ASN A 1 73  ? 11.403  2.767   -10.266 1.00 36.70 ? 112 ASN A ND2 1 
ATOM   538  N N   . VAL A 1 74  ? 11.558  0.642   -7.030  1.00 38.03 ? 113 VAL A N   1 
ATOM   539  C CA  . VAL A 1 74  ? 12.913  0.744   -6.505  1.00 39.57 ? 113 VAL A CA  1 
ATOM   540  C C   . VAL A 1 74  ? 13.230  -0.280  -5.408  1.00 40.25 ? 113 VAL A C   1 
ATOM   541  O O   . VAL A 1 74  ? 14.336  -0.302  -4.872  1.00 40.40 ? 113 VAL A O   1 
ATOM   542  C CB  . VAL A 1 74  ? 13.157  2.171   -5.964  1.00 38.87 ? 113 VAL A CB  1 
ATOM   543  C CG1 . VAL A 1 74  ? 14.601  2.336   -5.532  1.00 40.64 ? 113 VAL A CG1 1 
ATOM   544  C CG2 . VAL A 1 74  ? 12.815  3.182   -7.036  1.00 39.24 ? 113 VAL A CG2 1 
ATOM   545  N N   . LEU A 1 75  ? 12.265  -1.124  -5.070  1.00 41.98 ? 114 LEU A N   1 
ATOM   546  C CA  . LEU A 1 75  ? 12.497  -2.131  -4.046  1.00 44.79 ? 114 LEU A CA  1 
ATOM   547  C C   . LEU A 1 75  ? 13.241  -3.309  -4.663  1.00 46.68 ? 114 LEU A C   1 
ATOM   548  O O   . LEU A 1 75  ? 12.716  -3.997  -5.542  1.00 46.79 ? 114 LEU A O   1 
ATOM   549  C CB  . LEU A 1 75  ? 11.171  -2.593  -3.440  1.00 44.47 ? 114 LEU A CB  1 
ATOM   550  C CG  . LEU A 1 75  ? 11.222  -3.767  -2.455  1.00 45.17 ? 114 LEU A CG  1 
ATOM   551  C CD1 . LEU A 1 75  ? 12.435  -3.642  -1.558  1.00 45.65 ? 114 LEU A CD1 1 
ATOM   552  C CD2 . LEU A 1 75  ? 9.933   -3.803  -1.631  1.00 45.16 ? 114 LEU A CD2 1 
ATOM   553  N N   . LYS A 1 76  ? 14.469  -3.536  -4.203  1.00 48.43 ? 115 LYS A N   1 
ATOM   554  C CA  . LYS A 1 76  ? 15.279  -4.623  -4.738  1.00 50.69 ? 115 LYS A CA  1 
ATOM   555  C C   . LYS A 1 76  ? 15.781  -5.615  -3.696  1.00 51.47 ? 115 LYS A C   1 
ATOM   556  O O   . LYS A 1 76  ? 16.433  -5.240  -2.722  1.00 51.21 ? 115 LYS A O   1 
ATOM   557  C CB  . LYS A 1 76  ? 16.466  -4.049  -5.517  1.00 51.33 ? 115 LYS A CB  1 
ATOM   558  C CG  . LYS A 1 76  ? 16.066  -3.218  -6.733  1.00 52.27 ? 115 LYS A CG  1 
ATOM   559  C CD  . LYS A 1 76  ? 15.072  -3.967  -7.620  1.00 52.93 ? 115 LYS A CD  1 
ATOM   560  C CE  . LYS A 1 76  ? 14.898  -3.275  -8.967  1.00 53.96 ? 115 LYS A CE  1 
ATOM   561  N NZ  . LYS A 1 76  ? 14.568  -1.828  -8.826  1.00 54.59 ? 115 LYS A NZ  1 
ATOM   562  N N   . ASN A 1 77  ? 15.470  -6.887  -3.922  1.00 52.43 ? 116 ASN A N   1 
ATOM   563  C CA  . ASN A 1 77  ? 15.868  -7.973  -3.034  1.00 53.53 ? 116 ASN A CA  1 
ATOM   564  C C   . ASN A 1 77  ? 15.641  -9.289  -3.773  1.00 54.17 ? 116 ASN A C   1 
ATOM   565  O O   . ASN A 1 77  ? 14.509  -9.633  -4.112  1.00 53.48 ? 116 ASN A O   1 
ATOM   566  C CB  . ASN A 1 77  ? 15.037  -7.934  -1.751  1.00 54.01 ? 116 ASN A CB  1 
ATOM   567  C CG  . ASN A 1 77  ? 15.494  -8.954  -0.734  1.00 54.64 ? 116 ASN A CG  1 
ATOM   568  O OD1 . ASN A 1 77  ? 15.408  -10.157 -0.962  1.00 54.89 ? 116 ASN A OD1 1 
ATOM   569  N ND2 . ASN A 1 77  ? 15.991  -8.476  0.401   1.00 56.55 ? 116 ASN A ND2 1 
ATOM   570  N N   . GLU A 1 78  ? 16.728  -10.016 -4.018  1.00 55.58 ? 117 GLU A N   1 
ATOM   571  C CA  . GLU A 1 78  ? 16.689  -11.283 -4.747  1.00 56.39 ? 117 GLU A CA  1 
ATOM   572  C C   . GLU A 1 78  ? 15.752  -12.351 -4.199  1.00 55.66 ? 117 GLU A C   1 
ATOM   573  O O   . GLU A 1 78  ? 14.862  -12.827 -4.908  1.00 55.36 ? 117 GLU A O   1 
ATOM   574  C CB  . GLU A 1 78  ? 18.102  -11.873 -4.852  1.00 57.83 ? 117 GLU A CB  1 
ATOM   575  C CG  . GLU A 1 78  ? 19.070  -11.056 -5.702  1.00 59.80 ? 117 GLU A CG  1 
ATOM   576  C CD  . GLU A 1 78  ? 18.689  -11.037 -7.173  1.00 60.99 ? 117 GLU A CD  1 
ATOM   577  O OE1 . GLU A 1 78  ? 17.515  -10.726 -7.476  1.00 61.36 ? 117 GLU A OE1 1 
ATOM   578  O OE2 . GLU A 1 78  ? 19.561  -11.325 -8.027  1.00 60.90 ? 117 GLU A OE2 1 
ATOM   579  N N   . GLU A 1 79  ? 15.953  -12.733 -2.943  1.00 55.16 ? 118 GLU A N   1 
ATOM   580  C CA  . GLU A 1 79  ? 15.136  -13.778 -2.338  1.00 54.94 ? 118 GLU A CA  1 
ATOM   581  C C   . GLU A 1 79  ? 13.652  -13.439 -2.273  1.00 54.16 ? 118 GLU A C   1 
ATOM   582  O O   . GLU A 1 79  ? 12.815  -14.336 -2.198  1.00 54.29 ? 118 GLU A O   1 
ATOM   583  C CB  . GLU A 1 79  ? 15.676  -14.124 -0.944  1.00 55.53 ? 118 GLU A CB  1 
ATOM   584  C CG  . GLU A 1 79  ? 15.506  -13.046 0.103   1.00 57.42 ? 118 GLU A CG  1 
ATOM   585  C CD  . GLU A 1 79  ? 16.471  -13.206 1.272   1.00 59.44 ? 118 GLU A CD  1 
ATOM   586  O OE1 . GLU A 1 79  ? 17.643  -12.784 1.137   1.00 59.27 ? 118 GLU A OE1 1 
ATOM   587  O OE2 . GLU A 1 79  ? 16.063  -13.760 2.321   1.00 59.35 ? 118 GLU A OE2 1 
ATOM   588  N N   . LEU A 1 80  ? 13.331  -12.149 -2.326  1.00 53.16 ? 119 LEU A N   1 
ATOM   589  C CA  . LEU A 1 80  ? 11.946  -11.688 -2.271  1.00 51.72 ? 119 LEU A CA  1 
ATOM   590  C C   . LEU A 1 80  ? 11.402  -11.245 -3.622  1.00 51.24 ? 119 LEU A C   1 
ATOM   591  O O   . LEU A 1 80  ? 10.194  -11.076 -3.778  1.00 50.99 ? 119 LEU A O   1 
ATOM   592  C CB  . LEU A 1 80  ? 11.816  -10.527 -1.286  1.00 51.38 ? 119 LEU A CB  1 
ATOM   593  C CG  . LEU A 1 80  ? 11.735  -10.858 0.203   1.00 51.49 ? 119 LEU A CG  1 
ATOM   594  C CD1 . LEU A 1 80  ? 11.695  -9.570  1.007   1.00 51.13 ? 119 LEU A CD1 1 
ATOM   595  C CD2 . LEU A 1 80  ? 10.498  -11.695 0.476   1.00 51.01 ? 119 LEU A CD2 1 
ATOM   596  N N   . LYS A 1 81  ? 12.296  -11.053 -4.588  1.00 51.01 ? 120 LYS A N   1 
ATOM   597  C CA  . LYS A 1 81  ? 11.921  -10.609 -5.930  1.00 51.09 ? 120 LYS A CA  1 
ATOM   598  C C   . LYS A 1 81  ? 10.505  -11.018 -6.326  1.00 49.98 ? 120 LYS A C   1 
ATOM   599  O O   . LYS A 1 81  ? 9.715   -10.194 -6.787  1.00 49.27 ? 120 LYS A O   1 
ATOM   600  C CB  . LYS A 1 81  ? 12.923  -11.144 -6.958  1.00 52.49 ? 120 LYS A CB  1 
ATOM   601  C CG  . LYS A 1 81  ? 12.540  -10.851 -8.403  1.00 55.26 ? 120 LYS A CG  1 
ATOM   602  C CD  . LYS A 1 81  ? 13.625  -11.303 -9.374  1.00 57.42 ? 120 LYS A CD  1 
ATOM   603  C CE  . LYS A 1 81  ? 13.092  -11.404 -10.800 1.00 58.92 ? 120 LYS A CE  1 
ATOM   604  N NZ  . LYS A 1 81  ? 12.442  -10.139 -11.257 1.00 60.27 ? 120 LYS A NZ  1 
ATOM   605  N N   . GLU A 1 82  ? 10.193  -12.293 -6.146  1.00 49.97 ? 121 GLU A N   1 
ATOM   606  C CA  . GLU A 1 82  ? 8.870   -12.814 -6.467  1.00 49.79 ? 121 GLU A CA  1 
ATOM   607  C C   . GLU A 1 82  ? 7.775   -11.925 -5.876  1.00 48.05 ? 121 GLU A C   1 
ATOM   608  O O   . GLU A 1 82  ? 7.095   -11.199 -6.597  1.00 48.21 ? 121 GLU A O   1 
ATOM   609  C CB  . GLU A 1 82  ? 8.729   -14.240 -5.923  1.00 51.75 ? 121 GLU A CB  1 
ATOM   610  C CG  . GLU A 1 82  ? 7.323   -14.812 -5.974  1.00 53.84 ? 121 GLU A CG  1 
ATOM   611  C CD  . GLU A 1 82  ? 7.160   -16.017 -5.057  1.00 56.04 ? 121 GLU A CD  1 
ATOM   612  O OE1 . GLU A 1 82  ? 7.874   -17.027 -5.264  1.00 57.31 ? 121 GLU A OE1 1 
ATOM   613  O OE2 . GLU A 1 82  ? 6.322   -15.955 -4.126  1.00 55.38 ? 121 GLU A OE2 1 
ATOM   614  N N   . LYS A 1 83  ? 7.623   -11.983 -4.557  1.00 46.59 ? 122 LYS A N   1 
ATOM   615  C CA  . LYS A 1 83  ? 6.608   -11.202 -3.865  1.00 45.39 ? 122 LYS A CA  1 
ATOM   616  C C   . LYS A 1 83  ? 6.649   -9.716  -4.202  1.00 44.68 ? 122 LYS A C   1 
ATOM   617  O O   . LYS A 1 83  ? 5.629   -9.030  -4.126  1.00 44.19 ? 122 LYS A O   1 
ATOM   618  C CB  . LYS A 1 83  ? 6.744   -11.394 -2.357  1.00 45.87 ? 122 LYS A CB  1 
ATOM   619  C CG  . LYS A 1 83  ? 6.572   -12.833 -1.907  1.00 46.03 ? 122 LYS A CG  1 
ATOM   620  C CD  . LYS A 1 83  ? 6.387   -12.921 -0.400  1.00 45.88 ? 122 LYS A CD  1 
ATOM   621  C CE  . LYS A 1 83  ? 6.243   -14.361 0.058   1.00 45.13 ? 122 LYS A CE  1 
ATOM   622  N NZ  . LYS A 1 83  ? 7.451   -15.159 -0.284  1.00 46.06 ? 122 LYS A NZ  1 
ATOM   623  N N   . ILE A 1 84  ? 7.825   -9.215  -4.569  1.00 44.29 ? 123 ILE A N   1 
ATOM   624  C CA  . ILE A 1 84  ? 7.970   -7.808  -4.931  1.00 42.82 ? 123 ILE A CA  1 
ATOM   625  C C   . ILE A 1 84  ? 7.324   -7.562  -6.287  1.00 42.82 ? 123 ILE A C   1 
ATOM   626  O O   . ILE A 1 84  ? 6.556   -6.619  -6.454  1.00 43.04 ? 123 ILE A O   1 
ATOM   627  C CB  . ILE A 1 84  ? 9.453   -7.397  -5.018  1.00 42.92 ? 123 ILE A CB  1 
ATOM   628  C CG1 . ILE A 1 84  ? 10.061  -7.349  -3.616  1.00 42.00 ? 123 ILE A CG1 1 
ATOM   629  C CG2 . ILE A 1 84  ? 9.587   -6.049  -5.713  1.00 41.84 ? 123 ILE A CG2 1 
ATOM   630  C CD1 . ILE A 1 84  ? 11.543  -7.060  -3.616  1.00 43.56 ? 123 ILE A CD1 1 
ATOM   631  N N   . ASP A 1 85  ? 7.636   -8.418  -7.253  1.00 42.75 ? 124 ASP A N   1 
ATOM   632  C CA  . ASP A 1 85  ? 7.075   -8.270  -8.586  1.00 42.05 ? 124 ASP A CA  1 
ATOM   633  C C   . ASP A 1 85  ? 5.552   -8.285  -8.582  1.00 40.54 ? 124 ASP A C   1 
ATOM   634  O O   . ASP A 1 85  ? 4.929   -7.389  -9.152  1.00 41.26 ? 124 ASP A O   1 
ATOM   635  C CB  . ASP A 1 85  ? 7.594   -9.368  -9.519  1.00 44.08 ? 124 ASP A CB  1 
ATOM   636  C CG  . ASP A 1 85  ? 9.089   -9.267  -9.764  1.00 46.66 ? 124 ASP A CG  1 
ATOM   637  O OD1 . ASP A 1 85  ? 9.570   -8.156  -10.077 1.00 46.47 ? 124 ASP A OD1 1 
ATOM   638  O OD2 . ASP A 1 85  ? 9.785   -10.301 -9.653  1.00 49.04 ? 124 ASP A OD2 1 
ATOM   639  N N   . THR A 1 86  ? 4.943   -9.284  -7.944  1.00 38.00 ? 125 THR A N   1 
ATOM   640  C CA  . THR A 1 86  ? 3.485   -9.345  -7.935  1.00 36.34 ? 125 THR A CA  1 
ATOM   641  C C   . THR A 1 86  ? 2.901   -8.076  -7.327  1.00 34.61 ? 125 THR A C   1 
ATOM   642  O O   . THR A 1 86  ? 1.884   -7.568  -7.808  1.00 34.90 ? 125 THR A O   1 
ATOM   643  C CB  . THR A 1 86  ? 2.936   -10.574 -7.161  1.00 36.35 ? 125 THR A CB  1 
ATOM   644  O OG1 . THR A 1 86  ? 3.051   -10.353 -5.756  1.00 37.72 ? 125 THR A OG1 1 
ATOM   645  C CG2 . THR A 1 86  ? 3.699   -11.827 -7.538  1.00 37.17 ? 125 THR A CG2 1 
ATOM   646  N N   . ALA A 1 87  ? 3.553   -7.561  -6.282  1.00 32.27 ? 126 ALA A N   1 
ATOM   647  C CA  . ALA A 1 87  ? 3.106   -6.337  -5.621  1.00 30.03 ? 126 ALA A CA  1 
ATOM   648  C C   . ALA A 1 87  ? 3.173   -5.200  -6.632  1.00 29.81 ? 126 ALA A C   1 
ATOM   649  O O   . ALA A 1 87  ? 2.212   -4.450  -6.817  1.00 28.39 ? 126 ALA A O   1 
ATOM   650  C CB  . ALA A 1 87  ? 3.995   -6.027  -4.432  1.00 29.02 ? 126 ALA A CB  1 
ATOM   651  N N   . LYS A 1 88  ? 4.324   -5.088  -7.284  1.00 30.41 ? 127 LYS A N   1 
ATOM   652  C CA  . LYS A 1 88  ? 4.555   -4.073  -8.303  1.00 31.21 ? 127 LYS A CA  1 
ATOM   653  C C   . LYS A 1 88  ? 3.486   -4.154  -9.400  1.00 32.14 ? 127 LYS A C   1 
ATOM   654  O O   . LYS A 1 88  ? 2.964   -3.133  -9.854  1.00 32.21 ? 127 LYS A O   1 
ATOM   655  C CB  . LYS A 1 88  ? 5.931   -4.293  -8.908  1.00 32.27 ? 127 LYS A CB  1 
ATOM   656  C CG  . LYS A 1 88  ? 6.380   -3.257  -9.908  1.00 35.96 ? 127 LYS A CG  1 
ATOM   657  C CD  . LYS A 1 88  ? 7.769   -3.621  -10.416 1.00 37.98 ? 127 LYS A CD  1 
ATOM   658  C CE  . LYS A 1 88  ? 8.722   -3.906  -9.251  1.00 39.56 ? 127 LYS A CE  1 
ATOM   659  N NZ  . LYS A 1 88  ? 10.039  -4.432  -9.710  1.00 41.74 ? 127 LYS A NZ  1 
ATOM   660  N N   . GLN A 1 89  ? 3.161   -5.376  -9.817  1.00 33.66 ? 128 GLN A N   1 
ATOM   661  C CA  . GLN A 1 89  ? 2.158   -5.577  -10.852 1.00 34.02 ? 128 GLN A CA  1 
ATOM   662  C C   . GLN A 1 89  ? 0.784   -5.141  -10.357 1.00 33.13 ? 128 GLN A C   1 
ATOM   663  O O   . GLN A 1 89  ? 0.038   -4.489  -11.091 1.00 32.63 ? 128 GLN A O   1 
ATOM   664  C CB  . GLN A 1 89  ? 2.115   -7.041  -11.294 1.00 36.40 ? 128 GLN A CB  1 
ATOM   665  C CG  . GLN A 1 89  ? 1.300   -7.254  -12.569 1.00 39.66 ? 128 GLN A CG  1 
ATOM   666  C CD  . GLN A 1 89  ? 1.369   -8.682  -13.088 1.00 42.46 ? 128 GLN A CD  1 
ATOM   667  O OE1 . GLN A 1 89  ? 2.456   -9.250  -13.244 1.00 43.24 ? 128 GLN A OE1 1 
ATOM   668  N NE2 . GLN A 1 89  ? 0.207   -9.266  -13.374 1.00 42.63 ? 128 GLN A NE2 1 
ATOM   669  N N   . CYS A 1 90  ? 0.441   -5.511  -9.125  1.00 32.08 ? 129 CYS A N   1 
ATOM   670  C CA  . CYS A 1 90  ? -0.842  -5.105  -8.560  1.00 31.11 ? 129 CYS A CA  1 
ATOM   671  C C   . CYS A 1 90  ? -0.883  -3.576  -8.545  1.00 29.46 ? 129 CYS A C   1 
ATOM   672  O O   . CYS A 1 90  ? -1.891  -2.966  -8.903  1.00 29.50 ? 129 CYS A O   1 
ATOM   673  C CB  . CYS A 1 90  ? -1.002  -5.619  -7.130  1.00 30.29 ? 129 CYS A CB  1 
ATOM   674  S SG  . CYS A 1 90  ? -1.185  -7.402  -6.982  1.00 34.07 ? 129 CYS A SG  1 
ATOM   675  N N   . SER A 1 91  ? 0.228   -2.972  -8.133  1.00 27.93 ? 130 SER A N   1 
ATOM   676  C CA  . SER A 1 91  ? 0.352   -1.520  -8.068  1.00 27.49 ? 130 SER A CA  1 
ATOM   677  C C   . SER A 1 91  ? -0.047  -0.917  -9.414  1.00 26.98 ? 130 SER A C   1 
ATOM   678  O O   . SER A 1 91  ? -0.881  -0.011  -9.488  1.00 26.70 ? 130 SER A O   1 
ATOM   679  C CB  . SER A 1 91  ? 1.799   -1.144  -7.733  1.00 27.28 ? 130 SER A CB  1 
ATOM   680  O OG  . SER A 1 91  ? 1.982   0.259   -7.672  1.00 27.32 ? 130 SER A OG  1 
ATOM   681  N N   . THR A 1 92  ? 0.557   -1.442  -10.474 1.00 26.74 ? 131 THR A N   1 
ATOM   682  C CA  . THR A 1 92  ? 0.285   -0.986  -11.828 1.00 26.29 ? 131 THR A CA  1 
ATOM   683  C C   . THR A 1 92  ? -1.184  -1.127  -12.194 1.00 26.73 ? 131 THR A C   1 
ATOM   684  O O   . THR A 1 92  ? -1.820  -0.159  -12.598 1.00 28.82 ? 131 THR A O   1 
ATOM   685  C CB  . THR A 1 92  ? 1.118   -1.780  -12.851 1.00 26.20 ? 131 THR A CB  1 
ATOM   686  O OG1 . THR A 1 92  ? 2.511   -1.544  -12.610 1.00 26.33 ? 131 THR A OG1 1 
ATOM   687  C CG2 . THR A 1 92  ? 0.773   -1.365  -14.266 1.00 23.49 ? 131 THR A CG2 1 
ATOM   688  N N   . GLU A 1 93  ? -1.729  -2.330  -12.054 1.00 27.01 ? 132 GLU A N   1 
ATOM   689  C CA  . GLU A 1 93  ? -3.126  -2.547  -12.401 1.00 27.90 ? 132 GLU A CA  1 
ATOM   690  C C   . GLU A 1 93  ? -4.073  -1.638  -11.616 1.00 27.88 ? 132 GLU A C   1 
ATOM   691  O O   . GLU A 1 93  ? -5.056  -1.136  -12.160 1.00 29.74 ? 132 GLU A O   1 
ATOM   692  C CB  . GLU A 1 93  ? -3.505  -4.015  -12.191 1.00 30.01 ? 132 GLU A CB  1 
ATOM   693  C CG  . GLU A 1 93  ? -2.702  -4.987  -13.054 1.00 32.93 ? 132 GLU A CG  1 
ATOM   694  C CD  . GLU A 1 93  ? -3.299  -6.389  -13.086 1.00 35.34 ? 132 GLU A CD  1 
ATOM   695  O OE1 . GLU A 1 93  ? -3.757  -6.874  -12.029 1.00 37.77 ? 132 GLU A OE1 1 
ATOM   696  O OE2 . GLU A 1 93  ? -3.302  -7.011  -14.170 1.00 36.27 ? 132 GLU A OE2 1 
ATOM   697  N N   . PHE A 1 94  ? -3.779  -1.413  -10.340 1.00 26.60 ? 133 PHE A N   1 
ATOM   698  C CA  . PHE A 1 94  ? -4.627  -0.555  -9.521  1.00 24.35 ? 133 PHE A CA  1 
ATOM   699  C C   . PHE A 1 94  ? -4.618  0.860   -10.074 1.00 23.64 ? 133 PHE A C   1 
ATOM   700  O O   . PHE A 1 94  ? -5.683  1.451   -10.290 1.00 24.83 ? 133 PHE A O   1 
ATOM   701  C CB  . PHE A 1 94  ? -4.143  -0.554  -8.070  1.00 22.75 ? 133 PHE A CB  1 
ATOM   702  C CG  . PHE A 1 94  ? -4.823  0.469   -7.205  1.00 21.73 ? 133 PHE A CG  1 
ATOM   703  C CD1 . PHE A 1 94  ? -6.208  0.532   -7.132  1.00 21.55 ? 133 PHE A CD1 1 
ATOM   704  C CD2 . PHE A 1 94  ? -4.074  1.369   -6.456  1.00 20.32 ? 133 PHE A CD2 1 
ATOM   705  C CE1 . PHE A 1 94  ? -6.836  1.477   -6.328  1.00 20.79 ? 133 PHE A CE1 1 
ATOM   706  C CE2 . PHE A 1 94  ? -4.694  2.315   -5.651  1.00 19.28 ? 133 PHE A CE2 1 
ATOM   707  C CZ  . PHE A 1 94  ? -6.074  2.368   -5.587  1.00 19.99 ? 133 PHE A CZ  1 
ATOM   708  N N   . THR A 1 95  ? -3.416  1.397   -10.302 1.00 23.24 ? 134 THR A N   1 
ATOM   709  C CA  . THR A 1 95  ? -3.259  2.751   -10.846 1.00 21.35 ? 134 THR A CA  1 
ATOM   710  C C   . THR A 1 95  ? -3.861  2.820   -12.240 1.00 20.57 ? 134 THR A C   1 
ATOM   711  O O   . THR A 1 95  ? -4.463  3.820   -12.613 1.00 20.32 ? 134 THR A O   1 
ATOM   712  C CB  . THR A 1 95  ? -1.778  3.169   -10.965 1.00 22.43 ? 134 THR A CB  1 
ATOM   713  O OG1 . THR A 1 95  ? -1.189  3.257   -9.661  1.00 22.93 ? 134 THR A OG1 1 
ATOM   714  C CG2 . THR A 1 95  ? -1.668  4.521   -11.652 1.00 20.92 ? 134 THR A CG2 1 
ATOM   715  N N   . ASN A 1 96  ? -3.689  1.749   -13.010 1.00 21.41 ? 135 ASN A N   1 
ATOM   716  C CA  . ASN A 1 96  ? -4.236  1.705   -14.354 1.00 20.47 ? 135 ASN A CA  1 
ATOM   717  C C   . ASN A 1 96  ? -5.762  1.666   -14.350 1.00 20.42 ? 135 ASN A C   1 
ATOM   718  O O   . ASN A 1 96  ? -6.398  2.221   -15.245 1.00 22.55 ? 135 ASN A O   1 
ATOM   719  C CB  . ASN A 1 96  ? -3.687  0.500   -15.123 1.00 21.08 ? 135 ASN A CB  1 
ATOM   720  C CG  . ASN A 1 96  ? -2.321  0.766   -15.736 1.00 21.63 ? 135 ASN A CG  1 
ATOM   721  O OD1 . ASN A 1 96  ? -1.883  1.911   -15.828 1.00 24.01 ? 135 ASN A OD1 1 
ATOM   722  N ND2 . ASN A 1 96  ? -1.651  -0.290  -16.175 1.00 21.13 ? 135 ASN A ND2 1 
ATOM   723  N N   . LYS A 1 97  ? -6.357  1.022   -13.350 1.00 19.77 ? 136 LYS A N   1 
ATOM   724  C CA  . LYS A 1 97  ? -7.814  0.949   -13.300 1.00 18.41 ? 136 LYS A CA  1 
ATOM   725  C C   . LYS A 1 97  ? -8.406  2.312   -13.019 1.00 18.14 ? 136 LYS A C   1 
ATOM   726  O O   . LYS A 1 97  ? -9.417  2.686   -13.608 1.00 18.79 ? 136 LYS A O   1 
ATOM   727  C CB  . LYS A 1 97  ? -8.292  -0.009  -12.216 1.00 18.66 ? 136 LYS A CB  1 
ATOM   728  C CG  . LYS A 1 97  ? -9.790  -0.265  -12.275 1.00 19.21 ? 136 LYS A CG  1 
ATOM   729  C CD  . LYS A 1 97  ? -10.135 -1.046  -13.538 1.00 22.73 ? 136 LYS A CD  1 
ATOM   730  C CE  . LYS A 1 97  ? -11.540 -1.612  -13.510 1.00 20.94 ? 136 LYS A CE  1 
ATOM   731  N NZ  . LYS A 1 97  ? -12.536 -0.520  -13.504 1.00 26.24 ? 136 LYS A NZ  1 
ATOM   732  N N   . LEU A 1 98  ? -7.788  3.045   -12.098 1.00 17.03 ? 137 LEU A N   1 
ATOM   733  C CA  . LEU A 1 98  ? -8.273  4.374   -11.756 1.00 17.13 ? 137 LEU A CA  1 
ATOM   734  C C   . LEU A 1 98  ? -8.227  5.246   -13.013 1.00 17.80 ? 137 LEU A C   1 
ATOM   735  O O   . LEU A 1 98  ? -9.196  5.928   -13.357 1.00 16.95 ? 137 LEU A O   1 
ATOM   736  C CB  . LEU A 1 98  ? -7.400  4.992   -10.649 1.00 15.71 ? 137 LEU A CB  1 
ATOM   737  C CG  . LEU A 1 98  ? -7.469  4.377   -9.242  1.00 16.24 ? 137 LEU A CG  1 
ATOM   738  C CD1 . LEU A 1 98  ? -6.416  5.017   -8.343  1.00 12.75 ? 137 LEU A CD1 1 
ATOM   739  C CD2 . LEU A 1 98  ? -8.869  4.568   -8.654  1.00 12.13 ? 137 LEU A CD2 1 
ATOM   740  N N   . LYS A 1 99  ? -7.089  5.189   -13.698 1.00 19.53 ? 138 LYS A N   1 
ATOM   741  C CA  . LYS A 1 99  ? -6.852  5.946   -14.915 1.00 21.92 ? 138 LYS A CA  1 
ATOM   742  C C   . LYS A 1 99  ? -7.936  5.699   -15.958 1.00 22.35 ? 138 LYS A C   1 
ATOM   743  O O   . LYS A 1 99  ? -8.526  6.645   -16.487 1.00 24.30 ? 138 LYS A O   1 
ATOM   744  C CB  . LYS A 1 99  ? -5.491  5.567   -15.496 1.00 22.55 ? 138 LYS A CB  1 
ATOM   745  C CG  . LYS A 1 99  ? -5.055  6.416   -16.680 1.00 25.44 ? 138 LYS A CG  1 
ATOM   746  C CD  . LYS A 1 99  ? -3.735  5.912   -17.260 1.00 24.86 ? 138 LYS A CD  1 
ATOM   747  C CE  . LYS A 1 99  ? -2.656  5.813   -16.187 1.00 26.67 ? 138 LYS A CE  1 
ATOM   748  N NZ  . LYS A 1 99  ? -1.429  5.122   -16.675 1.00 29.21 ? 138 LYS A NZ  1 
ATOM   749  N N   . SER A 1 100 ? -8.199  4.430   -16.252 1.00 21.75 ? 139 SER A N   1 
ATOM   750  C CA  . SER A 1 100 ? -9.213  4.076   -17.237 1.00 21.58 ? 139 SER A CA  1 
ATOM   751  C C   . SER A 1 100 ? -10.608 4.555   -16.826 1.00 20.99 ? 139 SER A C   1 
ATOM   752  O O   . SER A 1 100 ? -11.485 4.705   -17.665 1.00 21.35 ? 139 SER A O   1 
ATOM   753  C CB  . SER A 1 100 ? -9.238  2.565   -17.443 1.00 21.70 ? 139 SER A CB  1 
ATOM   754  O OG  . SER A 1 100 ? -9.811  1.935   -16.316 1.00 23.93 ? 139 SER A OG  1 
ATOM   755  N N   . GLU A 1 101 ? -10.814 4.788   -15.536 1.00 21.43 ? 140 GLU A N   1 
ATOM   756  C CA  . GLU A 1 101 ? -12.102 5.257   -15.045 1.00 20.70 ? 140 GLU A CA  1 
ATOM   757  C C   . GLU A 1 101 ? -12.061 6.767   -14.847 1.00 20.54 ? 140 GLU A C   1 
ATOM   758  O O   . GLU A 1 101 ? -12.880 7.328   -14.113 1.00 19.45 ? 140 GLU A O   1 
ATOM   759  C CB  . GLU A 1 101 ? -12.426 4.593   -13.716 1.00 20.19 ? 140 GLU A CB  1 
ATOM   760  C CG  . GLU A 1 101 ? -12.689 3.112   -13.795 1.00 20.14 ? 140 GLU A CG  1 
ATOM   761  C CD  . GLU A 1 101 ? -14.033 2.813   -14.396 1.00 19.62 ? 140 GLU A CD  1 
ATOM   762  O OE1 . GLU A 1 101 ? -14.927 3.664   -14.252 1.00 20.21 ? 140 GLU A OE1 1 
ATOM   763  O OE2 . GLU A 1 101 ? -14.209 1.730   -15.000 1.00 22.76 ? 140 GLU A OE2 1 
ATOM   764  N N   . HIS A 1 102 ? -11.110 7.419   -15.510 1.00 20.85 ? 141 HIS A N   1 
ATOM   765  C CA  . HIS A 1 102 ? -10.947 8.865   -15.389 1.00 22.11 ? 141 HIS A CA  1 
ATOM   766  C C   . HIS A 1 102 ? -12.201 9.664   -15.750 1.00 21.34 ? 141 HIS A C   1 
ATOM   767  O O   . HIS A 1 102 ? -12.450 10.715  -15.169 1.00 22.02 ? 141 HIS A O   1 
ATOM   768  C CB  . HIS A 1 102 ? -9.764  9.359   -16.250 1.00 22.68 ? 141 HIS A CB  1 
ATOM   769  C CG  . HIS A 1 102 ? -10.081 9.475   -17.712 1.00 24.93 ? 141 HIS A CG  1 
ATOM   770  N ND1 . HIS A 1 102 ? -10.216 8.377   -18.538 1.00 23.94 ? 141 HIS A ND1 1 
ATOM   771  C CD2 . HIS A 1 102 ? -10.344 10.559  -18.483 1.00 23.12 ? 141 HIS A CD2 1 
ATOM   772  C CE1 . HIS A 1 102 ? -10.550 8.781   -19.752 1.00 25.42 ? 141 HIS A CE1 1 
ATOM   773  N NE2 . HIS A 1 102 ? -10.635 10.101  -19.745 1.00 24.45 ? 141 HIS A NE2 1 
ATOM   774  N N   . ALA A 1 103 ? -12.998 9.174   -16.692 1.00 21.43 ? 142 ALA A N   1 
ATOM   775  C CA  . ALA A 1 103 ? -14.203 9.903   -17.096 1.00 22.96 ? 142 ALA A CA  1 
ATOM   776  C C   . ALA A 1 103 ? -15.194 10.133  -15.950 1.00 24.16 ? 142 ALA A C   1 
ATOM   777  O O   . ALA A 1 103 ? -16.068 11.011  -16.034 1.00 24.79 ? 142 ALA A O   1 
ATOM   778  C CB  . ALA A 1 103 ? -14.895 9.175   -18.253 1.00 22.56 ? 142 ALA A CB  1 
ATOM   779  N N   . VAL A 1 104 ? -15.050 9.354   -14.881 1.00 24.10 ? 143 VAL A N   1 
ATOM   780  C CA  . VAL A 1 104 ? -15.929 9.464   -13.723 1.00 24.36 ? 143 VAL A CA  1 
ATOM   781  C C   . VAL A 1 104 ? -15.197 9.942   -12.458 1.00 24.63 ? 143 VAL A C   1 
ATOM   782  O O   . VAL A 1 104 ? -15.706 10.777  -11.711 1.00 24.86 ? 143 VAL A O   1 
ATOM   783  C CB  . VAL A 1 104 ? -16.596 8.103   -13.419 1.00 25.64 ? 143 VAL A CB  1 
ATOM   784  C CG1 . VAL A 1 104 ? -17.589 8.240   -12.271 1.00 24.23 ? 143 VAL A CG1 1 
ATOM   785  C CG2 . VAL A 1 104 ? -17.272 7.577   -14.663 1.00 26.48 ? 143 VAL A CG2 1 
ATOM   786  N N   . LEU A 1 105 ? -14.005 9.406   -12.216 1.00 23.90 ? 144 LEU A N   1 
ATOM   787  C CA  . LEU A 1 105 ? -13.254 9.784   -11.033 1.00 23.12 ? 144 LEU A CA  1 
ATOM   788  C C   . LEU A 1 105 ? -12.627 11.158  -11.232 1.00 25.11 ? 144 LEU A C   1 
ATOM   789  O O   . LEU A 1 105 ? -12.135 11.778  -10.281 1.00 26.10 ? 144 LEU A O   1 
ATOM   790  C CB  . LEU A 1 105 ? -12.177 8.736   -10.737 1.00 19.60 ? 144 LEU A CB  1 
ATOM   791  C CG  . LEU A 1 105 ? -12.654 7.274   -10.720 1.00 18.47 ? 144 LEU A CG  1 
ATOM   792  C CD1 . LEU A 1 105 ? -11.495 6.367   -10.317 1.00 15.63 ? 144 LEU A CD1 1 
ATOM   793  C CD2 . LEU A 1 105 ? -13.823 7.095   -9.750  1.00 16.24 ? 144 LEU A CD2 1 
ATOM   794  N N   . GLY A 1 106 ? -12.660 11.635  -12.473 1.00 25.35 ? 145 GLY A N   1 
ATOM   795  C CA  . GLY A 1 106 ? -12.092 12.935  -12.775 1.00 24.43 ? 145 GLY A CA  1 
ATOM   796  C C   . GLY A 1 106 ? -13.145 14.003  -13.009 1.00 24.87 ? 145 GLY A C   1 
ATOM   797  O O   . GLY A 1 106 ? -12.816 15.158  -13.273 1.00 26.70 ? 145 GLY A O   1 
ATOM   798  N N   . LEU A 1 107 ? -14.413 13.624  -12.925 1.00 24.50 ? 146 LEU A N   1 
ATOM   799  C CA  . LEU A 1 107 ? -15.498 14.572  -13.130 1.00 24.58 ? 146 LEU A CA  1 
ATOM   800  C C   . LEU A 1 107 ? -15.819 15.208  -11.779 1.00 26.35 ? 146 LEU A C   1 
ATOM   801  O O   . LEU A 1 107 ? -15.907 14.514  -10.768 1.00 28.25 ? 146 LEU A O   1 
ATOM   802  C CB  . LEU A 1 107 ? -16.715 13.848  -13.699 1.00 23.14 ? 146 LEU A CB  1 
ATOM   803  C CG  . LEU A 1 107 ? -17.750 14.717  -14.416 1.00 25.09 ? 146 LEU A CG  1 
ATOM   804  C CD1 . LEU A 1 107 ? -17.091 15.530  -15.536 1.00 20.42 ? 146 LEU A CD1 1 
ATOM   805  C CD2 . LEU A 1 107 ? -18.844 13.810  -14.965 1.00 22.33 ? 146 LEU A CD2 1 
ATOM   806  N N   . ASP A 1 108 ? -15.998 16.525  -11.770 1.00 27.65 ? 147 ASP A N   1 
ATOM   807  C CA  . ASP A 1 108 ? -16.248 17.278  -10.547 1.00 28.34 ? 147 ASP A CA  1 
ATOM   808  C C   . ASP A 1 108 ? -17.184 16.769  -9.444  1.00 29.35 ? 147 ASP A C   1 
ATOM   809  O O   . ASP A 1 108 ? -16.780 16.696  -8.281  1.00 31.06 ? 147 ASP A O   1 
ATOM   810  C CB  . ASP A 1 108 ? -16.642 18.716  -10.893 1.00 28.65 ? 147 ASP A CB  1 
ATOM   811  C CG  . ASP A 1 108 ? -15.439 19.576  -11.249 1.00 29.11 ? 147 ASP A CG  1 
ATOM   812  O OD1 . ASP A 1 108 ? -14.316 19.228  -10.828 1.00 29.12 ? 147 ASP A OD1 1 
ATOM   813  O OD2 . ASP A 1 108 ? -15.612 20.609  -11.933 1.00 30.76 ? 147 ASP A OD2 1 
ATOM   814  N N   . ASN A 1 109 ? -18.420 16.422  -9.761  1.00 30.39 ? 148 ASN A N   1 
ATOM   815  C CA  . ASN A 1 109 ? -19.300 15.997  -8.684  1.00 29.87 ? 148 ASN A CA  1 
ATOM   816  C C   . ASN A 1 109 ? -19.295 14.522  -8.354  1.00 28.60 ? 148 ASN A C   1 
ATOM   817  O O   . ASN A 1 109 ? -20.333 13.941  -8.057  1.00 29.31 ? 148 ASN A O   1 
ATOM   818  C CB  . ASN A 1 109 ? -20.717 16.482  -8.960  1.00 31.36 ? 148 ASN A CB  1 
ATOM   819  C CG  . ASN A 1 109 ? -20.802 17.995  -8.990  1.00 33.42 ? 148 ASN A CG  1 
ATOM   820  O OD1 . ASN A 1 109 ? -20.161 18.682  -8.181  1.00 32.40 ? 148 ASN A OD1 1 
ATOM   821  N ND2 . ASN A 1 109 ? -21.594 18.527  -9.918  1.00 34.85 ? 148 ASN A ND2 1 
ATOM   822  N N   . LEU A 1 110 ? -18.108 13.930  -8.380  1.00 26.96 ? 149 LEU A N   1 
ATOM   823  C CA  . LEU A 1 110 ? -17.929 12.513  -8.080  1.00 25.82 ? 149 LEU A CA  1 
ATOM   824  C C   . LEU A 1 110 ? -18.723 12.090  -6.838  1.00 25.44 ? 149 LEU A C   1 
ATOM   825  O O   . LEU A 1 110 ? -18.455 12.576  -5.731  1.00 25.32 ? 149 LEU A O   1 
ATOM   826  C CB  . LEU A 1 110 ? -16.442 12.235  -7.862  1.00 24.34 ? 149 LEU A CB  1 
ATOM   827  C CG  . LEU A 1 110 ? -16.013 10.818  -7.504  1.00 24.10 ? 149 LEU A CG  1 
ATOM   828  C CD1 . LEU A 1 110 ? -16.305 9.892   -8.654  1.00 23.94 ? 149 LEU A CD1 1 
ATOM   829  C CD2 . LEU A 1 110 ? -14.534 10.808  -7.191  1.00 24.03 ? 149 LEU A CD2 1 
ATOM   830  N N   . THR A 1 111 ? -19.699 11.201  -7.021  1.00 24.48 ? 150 THR A N   1 
ATOM   831  C CA  . THR A 1 111 ? -20.509 10.720  -5.903  1.00 23.42 ? 150 THR A CA  1 
ATOM   832  C C   . THR A 1 111 ? -19.725 9.739   -5.011  1.00 24.96 ? 150 THR A C   1 
ATOM   833  O O   . THR A 1 111 ? -18.827 9.018   -5.483  1.00 22.84 ? 150 THR A O   1 
ATOM   834  C CB  . THR A 1 111 ? -21.782 10.007  -6.388  1.00 22.90 ? 150 THR A CB  1 
ATOM   835  O OG1 . THR A 1 111 ? -21.428 8.793   -7.052  1.00 22.29 ? 150 THR A OG1 1 
ATOM   836  C CG2 . THR A 1 111 ? -22.551 10.881  -7.344  1.00 24.26 ? 150 THR A CG2 1 
ATOM   837  N N   . ASP A 1 112 ? -20.080 9.717   -3.724  1.00 24.67 ? 151 ASP A N   1 
ATOM   838  C CA  . ASP A 1 112 ? -19.429 8.844   -2.750  1.00 24.83 ? 151 ASP A CA  1 
ATOM   839  C C   . ASP A 1 112 ? -19.373 7.396   -3.213  1.00 24.89 ? 151 ASP A C   1 
ATOM   840  O O   . ASP A 1 112 ? -18.310 6.769   -3.180  1.00 23.93 ? 151 ASP A O   1 
ATOM   841  C CB  . ASP A 1 112 ? -20.148 8.899   -1.401  1.00 25.50 ? 151 ASP A CB  1 
ATOM   842  C CG  . ASP A 1 112 ? -20.285 10.312  -0.862  1.00 26.01 ? 151 ASP A CG  1 
ATOM   843  O OD1 . ASP A 1 112 ? -19.459 11.179  -1.219  1.00 24.95 ? 151 ASP A OD1 1 
ATOM   844  O OD2 . ASP A 1 112 ? -21.219 10.550  -0.066  1.00 27.76 ? 151 ASP A OD2 1 
ATOM   845  N N   . ASP A 1 113 ? -20.517 6.860   -3.634  1.00 24.40 ? 152 ASP A N   1 
ATOM   846  C CA  . ASP A 1 113 ? -20.564 5.480   -4.094  1.00 24.28 ? 152 ASP A CA  1 
ATOM   847  C C   . ASP A 1 113 ? -19.495 5.226   -5.149  1.00 23.86 ? 152 ASP A C   1 
ATOM   848  O O   . ASP A 1 113 ? -18.763 4.239   -5.080  1.00 24.44 ? 152 ASP A O   1 
ATOM   849  C CB  . ASP A 1 113 ? -21.933 5.138   -4.674  1.00 24.24 ? 152 ASP A CB  1 
ATOM   850  C CG  . ASP A 1 113 ? -21.998 3.710   -5.178  1.00 24.31 ? 152 ASP A CG  1 
ATOM   851  O OD1 . ASP A 1 113 ? -22.058 2.781   -4.338  1.00 22.92 ? 152 ASP A OD1 1 
ATOM   852  O OD2 . ASP A 1 113 ? -21.967 3.511   -6.415  1.00 25.53 ? 152 ASP A OD2 1 
ATOM   853  N N   . ASN A 1 114 ? -19.395 6.117   -6.128  1.00 24.83 ? 153 ASN A N   1 
ATOM   854  C CA  . ASN A 1 114 ? -18.386 5.948   -7.166  1.00 25.15 ? 153 ASN A CA  1 
ATOM   855  C C   . ASN A 1 114 ? -16.963 6.023   -6.617  1.00 25.38 ? 153 ASN A C   1 
ATOM   856  O O   . ASN A 1 114 ? -16.066 5.321   -7.095  1.00 25.85 ? 153 ASN A O   1 
ATOM   857  C CB  . ASN A 1 114 ? -18.592 6.980   -8.266  1.00 25.49 ? 153 ASN A CB  1 
ATOM   858  C CG  . ASN A 1 114 ? -19.682 6.571   -9.222  1.00 25.17 ? 153 ASN A CG  1 
ATOM   859  O OD1 . ASN A 1 114 ? -20.184 7.379   -10.008 1.00 27.14 ? 153 ASN A OD1 1 
ATOM   860  N ND2 . ASN A 1 114 ? -20.053 5.300   -9.165  1.00 23.81 ? 153 ASN A ND2 1 
ATOM   861  N N   . ALA A 1 115 ? -16.757 6.867   -5.612  1.00 24.72 ? 154 ALA A N   1 
ATOM   862  C CA  . ALA A 1 115 ? -15.443 6.998   -5.001  1.00 25.17 ? 154 ALA A CA  1 
ATOM   863  C C   . ALA A 1 115 ? -15.120 5.689   -4.311  1.00 25.93 ? 154 ALA A C   1 
ATOM   864  O O   . ALA A 1 115 ? -14.044 5.123   -4.503  1.00 28.17 ? 154 ALA A O   1 
ATOM   865  C CB  . ALA A 1 115 ? -15.437 8.129   -3.985  1.00 24.51 ? 154 ALA A CB  1 
ATOM   866  N N   . GLN A 1 116 ? -16.066 5.206   -3.515  1.00 25.61 ? 155 GLN A N   1 
ATOM   867  C CA  . GLN A 1 116 ? -15.885 3.960   -2.779  1.00 25.51 ? 155 GLN A CA  1 
ATOM   868  C C   . GLN A 1 116 ? -15.634 2.772   -3.698  1.00 25.23 ? 155 GLN A C   1 
ATOM   869  O O   . GLN A 1 116 ? -14.915 1.851   -3.322  1.00 24.63 ? 155 GLN A O   1 
ATOM   870  C CB  . GLN A 1 116 ? -17.103 3.697   -1.898  1.00 26.06 ? 155 GLN A CB  1 
ATOM   871  C CG  . GLN A 1 116 ? -17.426 4.863   -0.990  1.00 29.18 ? 155 GLN A CG  1 
ATOM   872  C CD  . GLN A 1 116 ? -18.718 4.670   -0.225  1.00 31.20 ? 155 GLN A CD  1 
ATOM   873  O OE1 . GLN A 1 116 ? -19.751 4.324   -0.801  1.00 32.34 ? 155 GLN A OE1 1 
ATOM   874  N NE2 . GLN A 1 116 ? -18.671 4.905   1.078   1.00 32.08 ? 155 GLN A NE2 1 
ATOM   875  N N   . ARG A 1 117 ? -16.221 2.780   -4.894  1.00 26.05 ? 156 ARG A N   1 
ATOM   876  C CA  . ARG A 1 117 ? -15.997 1.680   -5.837  1.00 26.37 ? 156 ARG A CA  1 
ATOM   877  C C   . ARG A 1 117 ? -14.555 1.751   -6.330  1.00 26.22 ? 156 ARG A C   1 
ATOM   878  O O   . ARG A 1 117 ? -14.056 0.824   -6.975  1.00 26.01 ? 156 ARG A O   1 
ATOM   879  C CB  . ARG A 1 117 ? -16.925 1.778   -7.052  1.00 26.41 ? 156 ARG A CB  1 
ATOM   880  C CG  . ARG A 1 117 ? -18.400 1.592   -6.763  1.00 28.53 ? 156 ARG A CG  1 
ATOM   881  C CD  . ARG A 1 117 ? -19.192 1.443   -8.064  1.00 30.24 ? 156 ARG A CD  1 
ATOM   882  N NE  . ARG A 1 117 ? -20.637 1.490   -7.839  1.00 32.99 ? 156 ARG A NE  1 
ATOM   883  C CZ  . ARG A 1 117 ? -21.518 0.682   -8.423  1.00 33.54 ? 156 ARG A CZ  1 
ATOM   884  N NH1 . ARG A 1 117 ? -21.111 -0.253  -9.277  1.00 34.22 ? 156 ARG A NH1 1 
ATOM   885  N NH2 . ARG A 1 117 ? -22.810 0.807   -8.154  1.00 34.71 ? 156 ARG A NH2 1 
ATOM   886  N N   . ALA A 1 118 ? -13.892 2.863   -6.024  1.00 25.98 ? 157 ALA A N   1 
ATOM   887  C CA  . ALA A 1 118 ? -12.515 3.061   -6.447  1.00 25.76 ? 157 ALA A CA  1 
ATOM   888  C C   . ALA A 1 118 ? -11.469 2.800   -5.366  1.00 26.03 ? 157 ALA A C   1 
ATOM   889  O O   . ALA A 1 118 ? -10.471 2.119   -5.620  1.00 25.97 ? 157 ALA A O   1 
ATOM   890  C CB  . ALA A 1 118 ? -12.346 4.473   -6.988  1.00 24.94 ? 157 ALA A CB  1 
ATOM   891  N N   . ILE A 1 119 ? -11.691 3.323   -4.162  1.00 26.53 ? 158 ILE A N   1 
ATOM   892  C CA  . ILE A 1 119 ? -10.696 3.164   -3.108  1.00 25.83 ? 158 ILE A CA  1 
ATOM   893  C C   . ILE A 1 119 ? -11.119 2.531   -1.788  1.00 25.96 ? 158 ILE A C   1 
ATOM   894  O O   . ILE A 1 119 ? -10.300 2.441   -0.879  1.00 27.17 ? 158 ILE A O   1 
ATOM   895  C CB  . ILE A 1 119 ? -10.033 4.526   -2.783  1.00 25.60 ? 158 ILE A CB  1 
ATOM   896  C CG1 . ILE A 1 119 ? -11.091 5.517   -2.284  1.00 26.15 ? 158 ILE A CG1 1 
ATOM   897  C CG2 . ILE A 1 119 ? -9.342  5.087   -4.025  1.00 25.80 ? 158 ILE A CG2 1 
ATOM   898  C CD1 . ILE A 1 119 ? -10.515 6.836   -1.761  1.00 25.94 ? 158 ILE A CD1 1 
ATOM   899  N N   . LEU A 1 120 ? -12.376 2.102   -1.666  1.00 25.12 ? 159 LEU A N   1 
ATOM   900  C CA  . LEU A 1 120 ? -12.849 1.468   -0.429  1.00 23.61 ? 159 LEU A CA  1 
ATOM   901  C C   . LEU A 1 120 ? -12.906 -0.045  -0.619  1.00 24.90 ? 159 LEU A C   1 
ATOM   902  O O   . LEU A 1 120 ? -13.879 -0.573  -1.150  1.00 24.74 ? 159 LEU A O   1 
ATOM   903  C CB  . LEU A 1 120 ? -14.241 1.978   -0.050  1.00 23.15 ? 159 LEU A CB  1 
ATOM   904  C CG  . LEU A 1 120 ? -14.729 1.566   1.346   1.00 22.51 ? 159 LEU A CG  1 
ATOM   905  C CD1 . LEU A 1 120 ? -13.904 2.288   2.390   1.00 21.56 ? 159 LEU A CD1 1 
ATOM   906  C CD2 . LEU A 1 120 ? -16.196 1.895   1.521   1.00 20.97 ? 159 LEU A CD2 1 
ATOM   907  N N   . LYS A 1 121 ? -11.862 -0.730  -0.166  1.00 26.66 ? 160 LYS A N   1 
ATOM   908  C CA  . LYS A 1 121 ? -11.739 -2.180  -0.295  1.00 28.07 ? 160 LYS A CA  1 
ATOM   909  C C   . LYS A 1 121 ? -12.951 -3.043  0.066   1.00 30.59 ? 160 LYS A C   1 
ATOM   910  O O   . LYS A 1 121 ? -13.242 -4.025  -0.623  1.00 30.77 ? 160 LYS A O   1 
ATOM   911  C CB  . LYS A 1 121 ? -10.539 -2.667  0.516   1.00 27.66 ? 160 LYS A CB  1 
ATOM   912  C CG  . LYS A 1 121 ? -9.207  -2.173  -0.002  1.00 26.84 ? 160 LYS A CG  1 
ATOM   913  C CD  . LYS A 1 121 ? -8.065  -2.672  0.859   1.00 26.58 ? 160 LYS A CD  1 
ATOM   914  C CE  . LYS A 1 121 ? -8.174  -2.146  2.280   1.00 27.25 ? 160 LYS A CE  1 
ATOM   915  N NZ  . LYS A 1 121 ? -6.944  -2.464  3.064   1.00 31.17 ? 160 LYS A NZ  1 
ATOM   916  N N   . LYS A 1 122 ? -13.648 -2.695  1.141   1.00 31.95 ? 161 LYS A N   1 
ATOM   917  C CA  . LYS A 1 122 ? -14.797 -3.476  1.583   1.00 33.62 ? 161 LYS A CA  1 
ATOM   918  C C   . LYS A 1 122 ? -16.123 -3.107  0.925   1.00 33.86 ? 161 LYS A C   1 
ATOM   919  O O   . LYS A 1 122 ? -17.155 -3.692  1.248   1.00 35.36 ? 161 LYS A O   1 
ATOM   920  C CB  . LYS A 1 122 ? -14.953 -3.355  3.101   1.00 36.20 ? 161 LYS A CB  1 
ATOM   921  C CG  . LYS A 1 122 ? -13.759 -3.845  3.903   1.00 39.50 ? 161 LYS A CG  1 
ATOM   922  C CD  . LYS A 1 122 ? -13.900 -3.434  5.361   1.00 41.73 ? 161 LYS A CD  1 
ATOM   923  C CE  . LYS A 1 122 ? -12.729 -3.918  6.206   1.00 43.30 ? 161 LYS A CE  1 
ATOM   924  N NZ  . LYS A 1 122 ? -12.689 -5.400  6.292   1.00 44.72 ? 161 LYS A NZ  1 
ATOM   925  N N   . HIS A 1 123 ? -16.113 -2.149  0.008   1.00 33.76 ? 162 HIS A N   1 
ATOM   926  C CA  . HIS A 1 123 ? -17.357 -1.749  -0.633  1.00 33.00 ? 162 HIS A CA  1 
ATOM   927  C C   . HIS A 1 123 ? -18.010 -2.907  -1.379  1.00 35.13 ? 162 HIS A C   1 
ATOM   928  O O   . HIS A 1 123 ? -17.317 -3.748  -1.970  1.00 36.84 ? 162 HIS A O   1 
ATOM   929  C CB  . HIS A 1 123 ? -17.115 -0.591  -1.594  1.00 29.79 ? 162 HIS A CB  1 
ATOM   930  C CG  . HIS A 1 123 ? -18.354 0.177   -1.925  1.00 25.83 ? 162 HIS A CG  1 
ATOM   931  N ND1 . HIS A 1 123 ? -19.171 0.714   -0.952  1.00 24.62 ? 162 HIS A ND1 1 
ATOM   932  C CD2 . HIS A 1 123 ? -18.901 0.529   -3.113  1.00 25.86 ? 162 HIS A CD2 1 
ATOM   933  C CE1 . HIS A 1 123 ? -20.165 1.367   -1.528  1.00 24.62 ? 162 HIS A CE1 1 
ATOM   934  N NE2 . HIS A 1 123 ? -20.024 1.271   -2.837  1.00 24.42 ? 162 HIS A NE2 1 
ATOM   935  N N   . ALA A 1 124 ? -19.341 -2.941  -1.357  1.00 35.23 ? 163 ALA A N   1 
ATOM   936  C CA  . ALA A 1 124 ? -20.094 -4.000  -2.024  1.00 35.82 ? 163 ALA A CA  1 
ATOM   937  C C   . ALA A 1 124 ? -19.740 -4.071  -3.506  1.00 36.23 ? 163 ALA A C   1 
ATOM   938  O O   . ALA A 1 124 ? -19.687 -5.151  -4.084  1.00 37.19 ? 163 ALA A O   1 
ATOM   939  C CB  . ALA A 1 124 ? -21.591 -3.770  -1.846  1.00 36.42 ? 163 ALA A CB  1 
ATOM   940  N N   . ASN A 1 125 ? -19.508 -2.911  -4.110  1.00 36.52 ? 164 ASN A N   1 
ATOM   941  C CA  . ASN A 1 125 ? -19.136 -2.819  -5.519  1.00 35.78 ? 164 ASN A CA  1 
ATOM   942  C C   . ASN A 1 125 ? -17.709 -2.308  -5.561  1.00 34.60 ? 164 ASN A C   1 
ATOM   943  O O   . ASN A 1 125 ? -17.394 -1.283  -4.952  1.00 35.37 ? 164 ASN A O   1 
ATOM   944  C CB  . ASN A 1 125 ? -20.054 -1.847  -6.254  1.00 37.59 ? 164 ASN A CB  1 
ATOM   945  C CG  . ASN A 1 125 ? -21.403 -2.447  -6.563  1.00 38.30 ? 164 ASN A CG  1 
ATOM   946  O OD1 . ASN A 1 125 ? -22.397 -1.731  -6.710  1.00 39.73 ? 164 ASN A OD1 1 
ATOM   947  N ND2 . ASN A 1 125 ? -21.444 -3.767  -6.683  1.00 39.19 ? 164 ASN A ND2 1 
ATOM   948  N N   . LYS A 1 126 ? -16.854 -3.013  -6.295  1.00 32.99 ? 165 LYS A N   1 
ATOM   949  C CA  . LYS A 1 126 ? -15.444 -2.660  -6.385  1.00 31.39 ? 165 LYS A CA  1 
ATOM   950  C C   . LYS A 1 126 ? -14.966 -2.592  -7.840  1.00 30.05 ? 165 LYS A C   1 
ATOM   951  O O   . LYS A 1 126 ? -13.800 -2.890  -8.135  1.00 28.90 ? 165 LYS A O   1 
ATOM   952  C CB  . LYS A 1 126 ? -14.633 -3.713  -5.624  1.00 31.65 ? 165 LYS A CB  1 
ATOM   953  C CG  . LYS A 1 126 ? -15.278 -4.180  -4.310  1.00 31.26 ? 165 LYS A CG  1 
ATOM   954  C CD  . LYS A 1 126 ? -14.499 -5.361  -3.721  1.00 32.53 ? 165 LYS A CD  1 
ATOM   955  C CE  . LYS A 1 126 ? -15.004 -5.782  -2.339  1.00 33.41 ? 165 LYS A CE  1 
ATOM   956  N NZ  . LYS A 1 126 ? -16.396 -6.294  -2.360  1.00 34.10 ? 165 LYS A NZ  1 
ATOM   957  N N   . ASP A 1 127 ? -15.854 -2.177  -8.742  1.00 29.40 ? 166 ASP A N   1 
ATOM   958  C CA  . ASP A 1 127 ? -15.520 -2.120  -10.167 1.00 28.05 ? 166 ASP A CA  1 
ATOM   959  C C   . ASP A 1 127 ? -14.853 -0.855  -10.697 1.00 26.67 ? 166 ASP A C   1 
ATOM   960  O O   . ASP A 1 127 ? -14.992 -0.529  -11.877 1.00 26.20 ? 166 ASP A O   1 
ATOM   961  C CB  . ASP A 1 127 ? -16.768 -2.426  -11.006 1.00 28.28 ? 166 ASP A CB  1 
ATOM   962  C CG  . ASP A 1 127 ? -17.861 -1.396  -10.829 1.00 29.56 ? 166 ASP A CG  1 
ATOM   963  O OD1 . ASP A 1 127 ? -18.190 -1.059  -9.669  1.00 30.36 ? 166 ASP A OD1 1 
ATOM   964  O OD2 . ASP A 1 127 ? -18.405 -0.931  -11.854 1.00 29.43 ? 166 ASP A OD2 1 
ATOM   965  N N   . LYS A 1 128 ? -14.125 -0.145  -9.840  1.00 24.61 ? 167 LYS A N   1 
ATOM   966  C CA  . LYS A 1 128 ? -13.435 1.062   -10.276 1.00 22.64 ? 167 LYS A CA  1 
ATOM   967  C C   . LYS A 1 128 ? -12.092 1.253   -9.596  1.00 23.44 ? 167 LYS A C   1 
ATOM   968  O O   . LYS A 1 128 ? -11.559 2.357   -9.577  1.00 25.18 ? 167 LYS A O   1 
ATOM   969  C CB  . LYS A 1 128 ? -14.306 2.306   -10.065 1.00 20.94 ? 167 LYS A CB  1 
ATOM   970  C CG  . LYS A 1 128 ? -15.542 2.353   -10.960 1.00 17.55 ? 167 LYS A CG  1 
ATOM   971  C CD  . LYS A 1 128 ? -16.114 3.762   -11.054 1.00 15.08 ? 167 LYS A CD  1 
ATOM   972  C CE  . LYS A 1 128 ? -17.574 3.735   -11.528 1.00 14.77 ? 167 LYS A CE  1 
ATOM   973  N NZ  . LYS A 1 128 ? -17.778 3.013   -12.817 1.00 16.23 ? 167 LYS A NZ  1 
ATOM   974  N N   . GLY A 1 129 ? -11.544 0.172   -9.049  1.00 23.48 ? 168 GLY A N   1 
ATOM   975  C CA  . GLY A 1 129 ? -10.255 0.246   -8.398  1.00 22.40 ? 168 GLY A CA  1 
ATOM   976  C C   . GLY A 1 129 ? -10.164 -0.585  -7.138  1.00 23.64 ? 168 GLY A C   1 
ATOM   977  O O   . GLY A 1 129 ? -9.157  -1.270  -6.922  1.00 24.37 ? 168 GLY A O   1 
ATOM   978  N N   . ALA A 1 130 ? -11.214 -0.537  -6.315  1.00 23.98 ? 169 ALA A N   1 
ATOM   979  C CA  . ALA A 1 130 ? -11.246 -1.267  -5.042  1.00 24.53 ? 169 ALA A CA  1 
ATOM   980  C C   . ALA A 1 130 ? -10.739 -2.694  -5.174  1.00 25.34 ? 169 ALA A C   1 
ATOM   981  O O   . ALA A 1 130 ? -9.911  -3.138  -4.381  1.00 27.84 ? 169 ALA A O   1 
ATOM   982  C CB  . ALA A 1 130 ? -12.654 -1.262  -4.464  1.00 23.70 ? 169 ALA A CB  1 
ATOM   983  N N   . ALA A 1 131 ? -11.236 -3.411  -6.175  1.00 25.23 ? 170 ALA A N   1 
ATOM   984  C CA  . ALA A 1 131 ? -10.816 -4.780  -6.414  1.00 24.49 ? 170 ALA A CA  1 
ATOM   985  C C   . ALA A 1 131 ? -9.301  -4.819  -6.581  1.00 24.80 ? 170 ALA A C   1 
ATOM   986  O O   . ALA A 1 131 ? -8.616  -5.595  -5.913  1.00 25.29 ? 170 ALA A O   1 
ATOM   987  C CB  . ALA A 1 131 ? -11.487 -5.316  -7.658  1.00 23.71 ? 170 ALA A CB  1 
ATOM   988  N N   . GLU A 1 132 ? -8.776  -3.984  -7.472  1.00 25.78 ? 171 GLU A N   1 
ATOM   989  C CA  . GLU A 1 132 ? -7.333  -3.954  -7.694  1.00 25.38 ? 171 GLU A CA  1 
ATOM   990  C C   . GLU A 1 132 ? -6.633  -3.500  -6.425  1.00 25.82 ? 171 GLU A C   1 
ATOM   991  O O   . GLU A 1 132 ? -5.607  -4.059  -6.045  1.00 26.31 ? 171 GLU A O   1 
ATOM   992  C CB  . GLU A 1 132 ? -6.967  -3.018  -8.849  1.00 26.09 ? 171 GLU A CB  1 
ATOM   993  C CG  . GLU A 1 132 ? -7.398  -3.496  -10.232 1.00 25.88 ? 171 GLU A CG  1 
ATOM   994  C CD  . GLU A 1 132 ? -8.911  -3.500  -10.425 1.00 28.98 ? 171 GLU A CD  1 
ATOM   995  O OE1 . GLU A 1 132 ? -9.619  -2.735  -9.730  1.00 31.12 ? 171 GLU A OE1 1 
ATOM   996  O OE2 . GLU A 1 132 ? -9.394  -4.257  -11.293 1.00 31.31 ? 171 GLU A OE2 1 
ATOM   997  N N   . LEU A 1 133 ? -7.195  -2.489  -5.771  1.00 25.12 ? 172 LEU A N   1 
ATOM   998  C CA  . LEU A 1 133 ? -6.622  -1.969  -4.537  1.00 25.38 ? 172 LEU A CA  1 
ATOM   999  C C   . LEU A 1 133 ? -6.441  -3.116  -3.557  1.00 27.28 ? 172 LEU A C   1 
ATOM   1000 O O   . LEU A 1 133 ? -5.358  -3.311  -2.984  1.00 26.39 ? 172 LEU A O   1 
ATOM   1001 C CB  . LEU A 1 133 ? -7.551  -0.925  -3.920  1.00 24.68 ? 172 LEU A CB  1 
ATOM   1002 C CG  . LEU A 1 133 ? -7.042  -0.271  -2.634  1.00 24.13 ? 172 LEU A CG  1 
ATOM   1003 C CD1 . LEU A 1 133 ? -5.718  0.436   -2.891  1.00 22.69 ? 172 LEU A CD1 1 
ATOM   1004 C CD2 . LEU A 1 133 ? -8.073  0.715   -2.141  1.00 25.06 ? 172 LEU A CD2 1 
ATOM   1005 N N   . GLU A 1 134 ? -7.522  -3.867  -3.371  1.00 28.73 ? 173 GLU A N   1 
ATOM   1006 C CA  . GLU A 1 134 ? -7.540  -5.014  -2.482  1.00 31.00 ? 173 GLU A CA  1 
ATOM   1007 C C   . GLU A 1 134 ? -6.338  -5.920  -2.751  1.00 32.23 ? 173 GLU A C   1 
ATOM   1008 O O   . GLU A 1 134 ? -5.567  -6.241  -1.843  1.00 33.69 ? 173 GLU A O   1 
ATOM   1009 C CB  . GLU A 1 134 ? -8.840  -5.789  -2.676  1.00 32.93 ? 173 GLU A CB  1 
ATOM   1010 C CG  . GLU A 1 134 ? -8.974  -7.009  -1.788  1.00 37.49 ? 173 GLU A CG  1 
ATOM   1011 C CD  . GLU A 1 134 ? -8.619  -6.708  -0.347  1.00 41.45 ? 173 GLU A CD  1 
ATOM   1012 O OE1 . GLU A 1 134 ? -7.408  -6.581  -0.048  1.00 41.92 ? 173 GLU A OE1 1 
ATOM   1013 O OE2 . GLU A 1 134 ? -9.549  -6.588  0.486   1.00 43.28 ? 173 GLU A OE2 1 
ATOM   1014 N N   . LYS A 1 135 ? -6.177  -6.324  -4.005  1.00 31.98 ? 174 LYS A N   1 
ATOM   1015 C CA  . LYS A 1 135 ? -5.061  -7.178  -4.370  1.00 32.34 ? 174 LYS A CA  1 
ATOM   1016 C C   . LYS A 1 135 ? -3.726  -6.513  -4.052  1.00 31.63 ? 174 LYS A C   1 
ATOM   1017 O O   . LYS A 1 135 ? -2.796  -7.169  -3.595  1.00 32.94 ? 174 LYS A O   1 
ATOM   1018 C CB  . LYS A 1 135 ? -5.123  -7.521  -5.855  1.00 34.65 ? 174 LYS A CB  1 
ATOM   1019 C CG  . LYS A 1 135 ? -6.265  -8.440  -6.248  1.00 36.50 ? 174 LYS A CG  1 
ATOM   1020 C CD  . LYS A 1 135 ? -6.181  -8.740  -7.731  1.00 39.94 ? 174 LYS A CD  1 
ATOM   1021 C CE  . LYS A 1 135 ? -7.238  -9.718  -8.185  1.00 41.02 ? 174 LYS A CE  1 
ATOM   1022 N NZ  . LYS A 1 135 ? -7.059  -10.002 -9.636  1.00 43.49 ? 174 LYS A NZ  1 
ATOM   1023 N N   . LEU A 1 136 ? -3.618  -5.214  -4.303  1.00 31.41 ? 175 LEU A N   1 
ATOM   1024 C CA  . LEU A 1 136 ? -2.379  -4.512  -4.004  1.00 30.91 ? 175 LEU A CA  1 
ATOM   1025 C C   . LEU A 1 136 ? -2.135  -4.629  -2.503  1.00 32.43 ? 175 LEU A C   1 
ATOM   1026 O O   . LEU A 1 136 ? -1.003  -4.808  -2.051  1.00 33.08 ? 175 LEU A O   1 
ATOM   1027 C CB  . LEU A 1 136 ? -2.480  -3.039  -4.403  1.00 27.69 ? 175 LEU A CB  1 
ATOM   1028 C CG  . LEU A 1 136 ? -1.305  -2.148  -3.982  1.00 26.73 ? 175 LEU A CG  1 
ATOM   1029 C CD1 . LEU A 1 136 ? -0.007  -2.716  -4.513  1.00 25.64 ? 175 LEU A CD1 1 
ATOM   1030 C CD2 . LEU A 1 136 ? -1.517  -0.740  -4.494  1.00 25.48 ? 175 LEU A CD2 1 
ATOM   1031 N N   . PHE A 1 137 ? -3.215  -4.530  -1.735  1.00 34.53 ? 176 PHE A N   1 
ATOM   1032 C CA  . PHE A 1 137 ? -3.134  -4.640  -0.288  1.00 35.57 ? 176 PHE A CA  1 
ATOM   1033 C C   . PHE A 1 137 ? -2.567  -6.004  0.106   1.00 35.96 ? 176 PHE A C   1 
ATOM   1034 O O   . PHE A 1 137 ? -1.616  -6.089  0.879   1.00 35.84 ? 176 PHE A O   1 
ATOM   1035 C CB  . PHE A 1 137 ? -4.522  -4.464  0.331   1.00 37.87 ? 176 PHE A CB  1 
ATOM   1036 C CG  . PHE A 1 137 ? -4.551  -4.705  1.810   1.00 40.50 ? 176 PHE A CG  1 
ATOM   1037 C CD1 . PHE A 1 137 ? -3.979  -3.786  2.689   1.00 41.87 ? 176 PHE A CD1 1 
ATOM   1038 C CD2 . PHE A 1 137 ? -5.097  -5.883  2.325   1.00 40.58 ? 176 PHE A CD2 1 
ATOM   1039 C CE1 . PHE A 1 137 ? -3.942  -4.040  4.066   1.00 42.14 ? 176 PHE A CE1 1 
ATOM   1040 C CE2 . PHE A 1 137 ? -5.067  -6.147  3.690   1.00 41.04 ? 176 PHE A CE2 1 
ATOM   1041 C CZ  . PHE A 1 137 ? -4.486  -5.222  4.565   1.00 42.44 ? 176 PHE A CZ  1 
ATOM   1042 N N   . LYS A 1 138 ? -3.147  -7.071  -0.434  1.00 37.33 ? 177 LYS A N   1 
ATOM   1043 C CA  . LYS A 1 138 ? -2.686  -8.417  -0.115  1.00 38.56 ? 177 LYS A CA  1 
ATOM   1044 C C   . LYS A 1 138 ? -1.254  -8.659  -0.575  1.00 38.21 ? 177 LYS A C   1 
ATOM   1045 O O   . LYS A 1 138 ? -0.469  -9.270  0.144   1.00 40.06 ? 177 LYS A O   1 
ATOM   1046 C CB  . LYS A 1 138 ? -3.593  -9.481  -0.746  1.00 41.30 ? 177 LYS A CB  1 
ATOM   1047 C CG  . LYS A 1 138 ? -5.080  -9.361  -0.413  1.00 45.58 ? 177 LYS A CG  1 
ATOM   1048 C CD  . LYS A 1 138 ? -5.351  -9.280  1.090   1.00 48.72 ? 177 LYS A CD  1 
ATOM   1049 C CE  . LYS A 1 138 ? -4.985  -10.568 1.810   1.00 50.49 ? 177 LYS A CE  1 
ATOM   1050 N NZ  . LYS A 1 138 ? -5.320  -10.479 3.264   1.00 51.39 ? 177 LYS A NZ  1 
ATOM   1051 N N   . ALA A 1 139 ? -0.908  -8.191  -1.768  1.00 37.40 ? 178 ALA A N   1 
ATOM   1052 C CA  . ALA A 1 139 ? 0.442   -8.403  -2.271  1.00 37.35 ? 178 ALA A CA  1 
ATOM   1053 C C   . ALA A 1 139 ? 1.467   -7.829  -1.310  1.00 37.93 ? 178 ALA A C   1 
ATOM   1054 O O   . ALA A 1 139 ? 2.384   -8.532  -0.882  1.00 37.41 ? 178 ALA A O   1 
ATOM   1055 C CB  . ALA A 1 139 ? 0.606   -7.775  -3.651  1.00 37.92 ? 178 ALA A CB  1 
ATOM   1056 N N   . VAL A 1 140 ? 1.310   -6.552  -0.968  1.00 38.57 ? 179 VAL A N   1 
ATOM   1057 C CA  . VAL A 1 140 ? 2.240   -5.901  -0.053  1.00 39.71 ? 179 VAL A CA  1 
ATOM   1058 C C   . VAL A 1 140 ? 2.236   -6.587  1.306   1.00 40.60 ? 179 VAL A C   1 
ATOM   1059 O O   . VAL A 1 140 ? 3.270   -6.675  1.968   1.00 40.90 ? 179 VAL A O   1 
ATOM   1060 C CB  . VAL A 1 140 ? 1.898   -4.410  0.130   1.00 40.00 ? 179 VAL A CB  1 
ATOM   1061 C CG1 . VAL A 1 140 ? 2.740   -3.811  1.252   1.00 38.74 ? 179 VAL A CG1 1 
ATOM   1062 C CG2 . VAL A 1 140 ? 2.157   -3.665  -1.178  1.00 39.81 ? 179 VAL A CG2 1 
ATOM   1063 N N   . GLU A 1 141 ? 1.070   -7.076  1.715   1.00 40.90 ? 180 GLU A N   1 
ATOM   1064 C CA  . GLU A 1 141 ? 0.938   -7.768  2.988   1.00 41.66 ? 180 GLU A CA  1 
ATOM   1065 C C   . GLU A 1 141 ? 1.864   -8.985  3.036   1.00 41.88 ? 180 GLU A C   1 
ATOM   1066 O O   . GLU A 1 141 ? 2.595   -9.186  4.012   1.00 41.60 ? 180 GLU A O   1 
ATOM   1067 C CB  . GLU A 1 141 ? -0.510  -8.206  3.188   1.00 42.97 ? 180 GLU A CB  1 
ATOM   1068 C CG  . GLU A 1 141 ? -0.723  -9.169  4.335   1.00 45.20 ? 180 GLU A CG  1 
ATOM   1069 C CD  . GLU A 1 141 ? -2.182  -9.555  4.495   1.00 47.06 ? 180 GLU A CD  1 
ATOM   1070 O OE1 . GLU A 1 141 ? -2.973  -8.709  4.966   1.00 48.45 ? 180 GLU A OE1 1 
ATOM   1071 O OE2 . GLU A 1 141 ? -2.540  -10.700 4.136   1.00 46.91 ? 180 GLU A OE2 1 
ATOM   1072 N N   . ASN A 1 142 ? 1.837   -9.797  1.984   1.00 41.91 ? 181 ASN A N   1 
ATOM   1073 C CA  . ASN A 1 142 ? 2.686   -10.976 1.938   1.00 42.31 ? 181 ASN A CA  1 
ATOM   1074 C C   . ASN A 1 142 ? 4.149   -10.596 1.765   1.00 41.89 ? 181 ASN A C   1 
ATOM   1075 O O   . ASN A 1 142 ? 5.040   -11.272 2.277   1.00 42.29 ? 181 ASN A O   1 
ATOM   1076 C CB  . ASN A 1 142 ? 2.241   -11.912 0.816   1.00 43.40 ? 181 ASN A CB  1 
ATOM   1077 C CG  . ASN A 1 142 ? 0.881   -12.528 1.086   1.00 46.41 ? 181 ASN A CG  1 
ATOM   1078 O OD1 . ASN A 1 142 ? 0.639   -13.074 2.165   1.00 46.75 ? 181 ASN A OD1 1 
ATOM   1079 N ND2 . ASN A 1 142 ? -0.015  -12.445 0.109   1.00 46.65 ? 181 ASN A ND2 1 
ATOM   1080 N N   . LEU A 1 143 ? 4.400   -9.513  1.046   1.00 42.06 ? 182 LEU A N   1 
ATOM   1081 C CA  . LEU A 1 143 ? 5.766   -9.065  0.847   1.00 42.80 ? 182 LEU A CA  1 
ATOM   1082 C C   . LEU A 1 143 ? 6.302   -8.667  2.219   1.00 44.27 ? 182 LEU A C   1 
ATOM   1083 O O   . LEU A 1 143 ? 7.483   -8.848  2.519   1.00 44.54 ? 182 LEU A O   1 
ATOM   1084 C CB  . LEU A 1 143 ? 5.795   -7.857  -0.085  1.00 41.63 ? 182 LEU A CB  1 
ATOM   1085 C CG  . LEU A 1 143 ? 7.096   -7.572  -0.837  1.00 41.00 ? 182 LEU A CG  1 
ATOM   1086 C CD1 . LEU A 1 143 ? 6.968   -6.219  -1.511  1.00 41.09 ? 182 LEU A CD1 1 
ATOM   1087 C CD2 . LEU A 1 143 ? 8.290   -7.582  0.099   1.00 39.84 ? 182 LEU A CD2 1 
ATOM   1088 N N   . SER A 1 144 ? 5.414   -8.124  3.048   1.00 45.90 ? 183 SER A N   1 
ATOM   1089 C CA  . SER A 1 144 ? 5.767   -7.689  4.395   1.00 47.26 ? 183 SER A CA  1 
ATOM   1090 C C   . SER A 1 144 ? 6.073   -8.886  5.292   1.00 47.69 ? 183 SER A C   1 
ATOM   1091 O O   . SER A 1 144 ? 7.160   -8.979  5.862   1.00 48.22 ? 183 SER A O   1 
ATOM   1092 C CB  . SER A 1 144 ? 4.627   -6.856  4.992   1.00 47.67 ? 183 SER A CB  1 
ATOM   1093 O OG  . SER A 1 144 ? 4.996   -6.293  6.238   1.00 48.22 ? 183 SER A OG  1 
ATOM   1094 N N   . LYS A 1 145 ? 5.116   -9.801  5.417   1.00 49.02 ? 184 LYS A N   1 
ATOM   1095 C CA  . LYS A 1 145 ? 5.306   -11.001 6.234   1.00 49.37 ? 184 LYS A CA  1 
ATOM   1096 C C   . LYS A 1 145 ? 6.646   -11.642 5.880   1.00 48.89 ? 184 LYS A C   1 
ATOM   1097 O O   . LYS A 1 145 ? 7.451   -11.957 6.754   1.00 49.21 ? 184 LYS A O   1 
ATOM   1098 C CB  . LYS A 1 145 ? 4.195   -12.022 5.964   1.00 49.93 ? 184 LYS A CB  1 
ATOM   1099 C CG  . LYS A 1 145 ? 2.792   -11.583 6.356   1.00 50.78 ? 184 LYS A CG  1 
ATOM   1100 C CD  . LYS A 1 145 ? 1.763   -12.588 5.837   1.00 51.43 ? 184 LYS A CD  1 
ATOM   1101 C CE  . LYS A 1 145 ? 0.359   -12.278 6.328   1.00 51.51 ? 184 LYS A CE  1 
ATOM   1102 N NZ  . LYS A 1 145 ? 0.262   -12.419 7.806   1.00 52.35 ? 184 LYS A NZ  1 
ATOM   1103 N N   . ALA A 1 146 ? 6.865   -11.823 4.584   1.00 48.37 ? 185 ALA A N   1 
ATOM   1104 C CA  . ALA A 1 146 ? 8.081   -12.432 4.068   1.00 48.00 ? 185 ALA A CA  1 
ATOM   1105 C C   . ALA A 1 146 ? 9.362   -11.750 4.525   1.00 47.89 ? 185 ALA A C   1 
ATOM   1106 O O   . ALA A 1 146 ? 10.359  -12.422 4.780   1.00 49.37 ? 185 ALA A O   1 
ATOM   1107 C CB  . ALA A 1 146 ? 8.034   -12.464 2.552   1.00 46.98 ? 185 ALA A CB  1 
ATOM   1108 N N   . ALA A 1 147 ? 9.350   -10.423 4.619   1.00 47.73 ? 186 ALA A N   1 
ATOM   1109 C CA  . ALA A 1 147 ? 10.544  -9.697  5.050   1.00 48.21 ? 186 ALA A CA  1 
ATOM   1110 C C   . ALA A 1 147 ? 10.640  -9.621  6.572   1.00 48.79 ? 186 ALA A C   1 
ATOM   1111 O O   . ALA A 1 147 ? 11.724  -9.721  7.138   1.00 49.50 ? 186 ALA A O   1 
ATOM   1112 C CB  . ALA A 1 147 ? 10.559  -8.294  4.454   1.00 47.52 ? 186 ALA A CB  1 
ATOM   1113 N N   . GLN A 1 148 ? 9.503   -9.449  7.235   1.00 49.60 ? 187 GLN A N   1 
ATOM   1114 C CA  . GLN A 1 148 ? 9.505   -9.373  8.685   1.00 50.89 ? 187 GLN A CA  1 
ATOM   1115 C C   . GLN A 1 148 ? 10.024  -10.664 9.306   1.00 51.32 ? 187 GLN A C   1 
ATOM   1116 O O   . GLN A 1 148 ? 10.777  -10.623 10.277  1.00 52.23 ? 187 GLN A O   1 
ATOM   1117 C CB  . GLN A 1 148 ? 8.104   -9.048  9.213   1.00 51.53 ? 187 GLN A CB  1 
ATOM   1118 C CG  . GLN A 1 148 ? 7.687   -7.603  8.945   1.00 53.93 ? 187 GLN A CG  1 
ATOM   1119 C CD  . GLN A 1 148 ? 6.430   -7.199  9.689   1.00 54.90 ? 187 GLN A CD  1 
ATOM   1120 O OE1 . GLN A 1 148 ? 6.369   -7.279  10.915  1.00 56.68 ? 187 GLN A OE1 1 
ATOM   1121 N NE2 . GLN A 1 148 ? 5.419   -6.755  8.948   1.00 55.77 ? 187 GLN A NE2 1 
ATOM   1122 N N   . ASP A 1 149 ? 9.637   -11.809 8.749   1.00 51.81 ? 188 ASP A N   1 
ATOM   1123 C CA  . ASP A 1 149 ? 10.113  -13.073 9.291   1.00 52.49 ? 188 ASP A CA  1 
ATOM   1124 C C   . ASP A 1 149 ? 11.616  -13.167 9.046   1.00 52.22 ? 188 ASP A C   1 
ATOM   1125 O O   . ASP A 1 149 ? 12.367  -13.569 9.930   1.00 52.29 ? 188 ASP A O   1 
ATOM   1126 C CB  . ASP A 1 149 ? 9.378   -14.263 8.646   1.00 54.23 ? 188 ASP A CB  1 
ATOM   1127 C CG  . ASP A 1 149 ? 9.979   -14.688 7.309   1.00 56.91 ? 188 ASP A CG  1 
ATOM   1128 O OD1 . ASP A 1 149 ? 11.128  -15.184 7.291   1.00 57.99 ? 188 ASP A OD1 1 
ATOM   1129 O OD2 . ASP A 1 149 ? 9.295   -14.535 6.272   1.00 57.37 ? 188 ASP A OD2 1 
ATOM   1130 N N   . THR A 1 150 ? 12.053  -12.774 7.852   1.00 52.17 ? 189 THR A N   1 
ATOM   1131 C CA  . THR A 1 150 ? 13.469  -12.811 7.508   1.00 52.62 ? 189 THR A CA  1 
ATOM   1132 C C   . THR A 1 150 ? 14.278  -12.082 8.577   1.00 52.98 ? 189 THR A C   1 
ATOM   1133 O O   . THR A 1 150 ? 15.330  -12.559 9.020   1.00 52.91 ? 189 THR A O   1 
ATOM   1134 C CB  . THR A 1 150 ? 13.729  -12.143 6.141   1.00 52.61 ? 189 THR A CB  1 
ATOM   1135 O OG1 . THR A 1 150 ? 13.127  -12.927 5.105   1.00 52.95 ? 189 THR A OG1 1 
ATOM   1136 C CG2 . THR A 1 150 ? 15.227  -12.019 5.877   1.00 51.07 ? 189 THR A CG2 1 
ATOM   1137 N N   . LEU A 1 151 ? 13.778  -10.920 8.984   1.00 53.45 ? 190 LEU A N   1 
ATOM   1138 C CA  . LEU A 1 151 ? 14.438  -10.114 10.003  1.00 53.29 ? 190 LEU A CA  1 
ATOM   1139 C C   . LEU A 1 151 ? 14.559  -10.911 11.296  1.00 53.50 ? 190 LEU A C   1 
ATOM   1140 O O   . LEU A 1 151 ? 15.647  -11.039 11.857  1.00 53.78 ? 190 LEU A O   1 
ATOM   1141 C CB  . LEU A 1 151 ? 13.634  -8.840  10.265  1.00 52.98 ? 190 LEU A CB  1 
ATOM   1142 C CG  . LEU A 1 151 ? 14.086  -7.992  11.454  1.00 53.75 ? 190 LEU A CG  1 
ATOM   1143 C CD1 . LEU A 1 151 ? 15.462  -7.418  11.180  1.00 52.88 ? 190 LEU A CD1 1 
ATOM   1144 C CD2 . LEU A 1 151 ? 13.081  -6.877  11.697  1.00 53.76 ? 190 LEU A CD2 1 
ATOM   1145 N N   . LYS A 1 152 ? 13.432  -11.446 11.758  1.00 53.81 ? 191 LYS A N   1 
ATOM   1146 C CA  . LYS A 1 152 ? 13.395  -12.227 12.987  1.00 54.49 ? 191 LYS A CA  1 
ATOM   1147 C C   . LYS A 1 152 ? 14.477  -13.301 13.009  1.00 54.72 ? 191 LYS A C   1 
ATOM   1148 O O   . LYS A 1 152 ? 15.014  -13.615 14.068  1.00 55.12 ? 191 LYS A O   1 
ATOM   1149 C CB  . LYS A 1 152 ? 12.017  -12.867 13.159  1.00 54.70 ? 191 LYS A CB  1 
ATOM   1150 C CG  . LYS A 1 152 ? 10.867  -11.867 13.290  1.00 56.33 ? 191 LYS A CG  1 
ATOM   1151 C CD  . LYS A 1 152 ? 10.707  -11.323 14.713  1.00 57.15 ? 191 LYS A CD  1 
ATOM   1152 C CE  . LYS A 1 152 ? 11.871  -10.443 15.149  1.00 57.32 ? 191 LYS A CE  1 
ATOM   1153 N NZ  . LYS A 1 152 ? 11.731  -10.004 16.570  1.00 56.81 ? 191 LYS A NZ  1 
ATOM   1154 N N   . ASN A 1 153 ? 14.797  -13.861 11.846  1.00 55.39 ? 192 ASN A N   1 
ATOM   1155 C CA  . ASN A 1 153 ? 15.837  -14.886 11.768  1.00 56.35 ? 192 ASN A CA  1 
ATOM   1156 C C   . ASN A 1 153 ? 17.179  -14.290 12.180  1.00 57.18 ? 192 ASN A C   1 
ATOM   1157 O O   . ASN A 1 153 ? 17.785  -14.718 13.161  1.00 56.89 ? 192 ASN A O   1 
ATOM   1158 C CB  . ASN A 1 153 ? 15.955  -15.444 10.345  1.00 55.28 ? 192 ASN A CB  1 
ATOM   1159 C CG  . ASN A 1 153 ? 14.787  -16.333 9.961   1.00 55.69 ? 192 ASN A CG  1 
ATOM   1160 O OD1 . ASN A 1 153 ? 14.785  -16.936 8.885   1.00 55.75 ? 192 ASN A OD1 1 
ATOM   1161 N ND2 . ASN A 1 153 ? 13.784  -16.420 10.835  1.00 54.04 ? 192 ASN A ND2 1 
ATOM   1162 N N   . ALA A 1 154 ? 17.628  -13.296 11.422  1.00 58.77 ? 193 ALA A N   1 
ATOM   1163 C CA  . ALA A 1 154 ? 18.896  -12.626 11.681  1.00 60.09 ? 193 ALA A CA  1 
ATOM   1164 C C   . ALA A 1 154 ? 19.028  -12.138 13.123  1.00 60.77 ? 193 ALA A C   1 
ATOM   1165 O O   . ALA A 1 154 ? 20.137  -11.974 13.633  1.00 61.11 ? 193 ALA A O   1 
ATOM   1166 C CB  . ALA A 1 154 ? 19.061  -11.454 10.718  1.00 60.06 ? 193 ALA A CB  1 
ATOM   1167 N N   . VAL A 1 155 ? 17.898  -11.902 13.781  1.00 61.48 ? 194 VAL A N   1 
ATOM   1168 C CA  . VAL A 1 155 ? 17.920  -11.424 15.159  1.00 61.75 ? 194 VAL A CA  1 
ATOM   1169 C C   . VAL A 1 155 ? 17.933  -12.590 16.134  1.00 62.15 ? 194 VAL A C   1 
ATOM   1170 O O   . VAL A 1 155 ? 18.716  -12.619 17.081  1.00 61.69 ? 194 VAL A O   1 
ATOM   1171 C CB  . VAL A 1 155 ? 16.689  -10.538 15.461  1.00 61.37 ? 194 VAL A CB  1 
ATOM   1172 C CG1 . VAL A 1 155 ? 16.751  -10.019 16.887  1.00 60.31 ? 194 VAL A CG1 1 
ATOM   1173 C CG2 . VAL A 1 155 ? 16.637  -9.381  14.484  1.00 62.27 ? 194 VAL A CG2 1 
ATOM   1174 N N   . LYS A 1 156 ? 17.061  -13.558 15.887  1.00 62.72 ? 195 LYS A N   1 
ATOM   1175 C CA  . LYS A 1 156 ? 16.954  -14.723 16.747  1.00 63.23 ? 195 LYS A CA  1 
ATOM   1176 C C   . LYS A 1 156 ? 18.127  -15.692 16.591  1.00 63.61 ? 195 LYS A C   1 
ATOM   1177 O O   . LYS A 1 156 ? 18.461  -16.421 17.525  1.00 63.53 ? 195 LYS A O   1 
ATOM   1178 C CB  . LYS A 1 156 ? 15.610  -15.410 16.486  1.00 63.34 ? 195 LYS A CB  1 
ATOM   1179 C CG  . LYS A 1 156 ? 14.434  -14.458 16.747  1.00 64.18 ? 195 LYS A CG  1 
ATOM   1180 C CD  . LYS A 1 156 ? 13.073  -15.045 16.387  1.00 64.42 ? 195 LYS A CD  1 
ATOM   1181 C CE  . LYS A 1 156 ? 11.957  -14.037 16.676  1.00 64.25 ? 195 LYS A CE  1 
ATOM   1182 N NZ  . LYS A 1 156 ? 10.589  -14.563 16.395  1.00 63.68 ? 195 LYS A NZ  1 
ATOM   1183 N N   . GLU A 1 157 ? 18.764  -15.692 15.422  1.00 64.78 ? 196 GLU A N   1 
ATOM   1184 C CA  . GLU A 1 157 ? 19.911  -16.569 15.205  1.00 65.72 ? 196 GLU A CA  1 
ATOM   1185 C C   . GLU A 1 157 ? 21.134  -15.904 15.824  1.00 66.58 ? 196 GLU A C   1 
ATOM   1186 O O   . GLU A 1 157 ? 22.276  -16.164 15.439  1.00 67.05 ? 196 GLU A O   1 
ATOM   1187 C CB  . GLU A 1 157 ? 20.152  -16.812 13.713  1.00 64.98 ? 196 GLU A CB  1 
ATOM   1188 C CG  . GLU A 1 157 ? 20.610  -15.599 12.934  1.00 65.06 ? 196 GLU A CG  1 
ATOM   1189 C CD  . GLU A 1 157 ? 21.053  -15.963 11.531  1.00 64.72 ? 196 GLU A CD  1 
ATOM   1190 O OE1 . GLU A 1 157 ? 22.092  -16.645 11.396  1.00 64.23 ? 196 GLU A OE1 1 
ATOM   1191 O OE2 . GLU A 1 157 ? 20.359  -15.576 10.565  1.00 65.50 ? 196 GLU A OE2 1 
ATOM   1192 N N   . LEU A 1 158 ? 20.862  -15.037 16.792  1.00 67.57 ? 197 LEU A N   1 
ATOM   1193 C CA  . LEU A 1 158 ? 21.891  -14.302 17.512  1.00 68.42 ? 197 LEU A CA  1 
ATOM   1194 C C   . LEU A 1 158 ? 22.041  -15.003 18.858  1.00 68.85 ? 197 LEU A C   1 
ATOM   1195 O O   . LEU A 1 158 ? 23.115  -15.010 19.458  1.00 69.24 ? 197 LEU A O   1 
ATOM   1196 C CB  . LEU A 1 158 ? 21.432  -12.857 17.714  1.00 67.99 ? 197 LEU A CB  1 
ATOM   1197 C CG  . LEU A 1 158 ? 22.445  -11.743 17.973  1.00 68.41 ? 197 LEU A CG  1 
ATOM   1198 C CD1 . LEU A 1 158 ? 23.412  -11.640 16.801  1.00 68.23 ? 197 LEU A CD1 1 
ATOM   1199 C CD2 . LEU A 1 158 ? 21.701  -10.424 18.170  1.00 68.10 ? 197 LEU A CD2 1 
ATOM   1200 N N   . THR A 1 159 ? 20.945  -15.599 19.317  1.00 69.26 ? 198 THR A N   1 
ATOM   1201 C CA  . THR A 1 159 ? 20.923  -16.323 20.580  1.00 70.28 ? 198 THR A CA  1 
ATOM   1202 C C   . THR A 1 159 ? 20.874  -17.825 20.303  1.00 70.93 ? 198 THR A C   1 
ATOM   1203 O O   . THR A 1 159 ? 20.218  -18.586 21.019  1.00 71.18 ? 198 THR A O   1 
ATOM   1204 C CB  . THR A 1 159 ? 19.701  -15.924 21.432  1.00 69.68 ? 198 THR A CB  1 
ATOM   1205 O OG1 . THR A 1 159 ? 18.497  -16.193 20.703  1.00 69.47 ? 198 THR A OG1 1 
ATOM   1206 C CG2 . THR A 1 159 ? 19.762  -14.445 21.780  1.00 69.61 ? 198 THR A CG2 1 
ATOM   1207 N N   . SER A 1 160 ? 21.571  -18.239 19.248  1.00 71.99 ? 199 SER A N   1 
ATOM   1208 C CA  . SER A 1 160 ? 21.635  -19.642 18.851  1.00 73.25 ? 199 SER A CA  1 
ATOM   1209 C C   . SER A 1 160 ? 23.075  -19.998 18.479  1.00 74.38 ? 199 SER A C   1 
ATOM   1210 O O   . SER A 1 160 ? 23.868  -19.119 18.132  1.00 74.64 ? 199 SER A O   1 
ATOM   1211 C CB  . SER A 1 160 ? 20.708  -19.897 17.658  1.00 72.78 ? 199 SER A CB  1 
ATOM   1212 O OG  . SER A 1 160 ? 19.360  -19.629 17.999  1.00 72.61 ? 199 SER A OG  1 
ATOM   1213 N N   . PRO A 1 161 ? 23.428  -21.296 18.538  1.00 75.25 ? 200 PRO A N   1 
ATOM   1214 C CA  . PRO A 1 161 ? 24.785  -21.751 18.208  1.00 75.55 ? 200 PRO A CA  1 
ATOM   1215 C C   . PRO A 1 161 ? 25.279  -21.317 16.830  1.00 76.14 ? 200 PRO A C   1 
ATOM   1216 O O   . PRO A 1 161 ? 24.487  -20.960 15.954  1.00 76.34 ? 200 PRO A O   1 
ATOM   1217 C CB  . PRO A 1 161 ? 24.677  -23.270 18.334  1.00 75.20 ? 200 PRO A CB  1 
ATOM   1218 C CG  . PRO A 1 161 ? 23.251  -23.534 17.961  1.00 75.76 ? 200 PRO A CG  1 
ATOM   1219 C CD  . PRO A 1 161 ? 22.527  -22.447 18.723  1.00 75.16 ? 200 PRO A CD  1 
ATOM   1220 N N   . ILE A 1 162 ? 26.595  -21.348 16.652  1.00 76.90 ? 201 ILE A N   1 
ATOM   1221 C CA  . ILE A 1 162 ? 27.212  -20.966 15.387  1.00 77.57 ? 201 ILE A CA  1 
ATOM   1222 C C   . ILE A 1 162 ? 27.102  -22.132 14.406  1.00 77.77 ? 201 ILE A C   1 
ATOM   1223 O O   . ILE A 1 162 ? 27.341  -23.283 14.772  1.00 77.73 ? 201 ILE A O   1 
ATOM   1224 C CB  . ILE A 1 162 ? 28.699  -20.602 15.582  1.00 77.86 ? 201 ILE A CB  1 
ATOM   1225 C CG1 . ILE A 1 162 ? 28.857  -19.728 16.830  1.00 77.73 ? 201 ILE A CG1 1 
ATOM   1226 C CG2 . ILE A 1 162 ? 29.221  -19.864 14.350  1.00 77.61 ? 201 ILE A CG2 1 
ATOM   1227 C CD1 . ILE A 1 162 ? 30.290  -19.364 17.159  1.00 77.83 ? 201 ILE A CD1 1 
ATOM   1228 N N   . VAL A 1 163 ? 26.740  -21.821 13.163  1.00 78.59 ? 202 VAL A N   1 
ATOM   1229 C CA  . VAL A 1 163 ? 26.568  -22.824 12.109  1.00 78.84 ? 202 VAL A CA  1 
ATOM   1230 C C   . VAL A 1 163 ? 25.325  -23.672 12.404  1.00 78.81 ? 202 VAL A C   1 
ATOM   1231 O O   . VAL A 1 163 ? 24.212  -23.143 12.480  1.00 79.20 ? 202 VAL A O   1 
ATOM   1232 C CB  . VAL A 1 163 ? 27.815  -23.746 11.983  1.00 78.89 ? 202 VAL A CB  1 
ATOM   1233 C CG1 . VAL A 1 163 ? 27.709  -24.606 10.727  1.00 78.62 ? 202 VAL A CG1 1 
ATOM   1234 C CG2 . VAL A 1 163 ? 29.084  -22.904 11.940  1.00 79.30 ? 202 VAL A CG2 1 
ATOM   1235 N N   . ALA A 1 164 ? 25.510  -24.978 12.574  1.00 78.57 ? 203 ALA A N   1 
ATOM   1236 C CA  . ALA A 1 164 ? 24.397  -25.877 12.864  1.00 78.53 ? 203 ALA A CA  1 
ATOM   1237 C C   . ALA A 1 164 ? 24.907  -27.260 13.249  1.00 78.50 ? 203 ALA A C   1 
ATOM   1238 O O   . ALA A 1 164 ? 24.662  -27.677 14.401  1.00 78.40 ? 203 ALA A O   1 
ATOM   1239 C CB  . ALA A 1 164 ? 23.472  -25.979 11.652  1.00 78.46 ? 203 ALA A CB  1 
ATOM   1240 O OXT . ALA A 1 164 ? 25.548  -27.908 12.393  1.00 78.63 ? 203 ALA A OXT 1 
HETATM 1241 O O   . HOH B 2 .   ? 1.535   11.573  -8.880  1.00 20.67 ? 301 HOH A O   1 
HETATM 1242 O O   . HOH B 2 .   ? -5.689  -2.658  -14.539 1.00 17.74 ? 302 HOH A O   1 
HETATM 1243 O O   . HOH B 2 .   ? -10.979 -5.713  8.901   1.00 28.70 ? 303 HOH A O   1 
HETATM 1244 O O   . HOH B 2 .   ? -9.642  3.193   8.171   1.00 29.30 ? 304 HOH A O   1 
HETATM 1245 O O   . HOH B 2 .   ? -15.657 5.954   -16.630 1.00 21.73 ? 305 HOH A O   1 
HETATM 1246 O O   . HOH B 2 .   ? -16.530 8.429   3.876   1.00 32.92 ? 306 HOH A O   1 
HETATM 1247 O O   . HOH B 2 .   ? 13.739  -8.648  5.700   1.00 33.00 ? 307 HOH A O   1 
HETATM 1248 O O   . HOH B 2 .   ? 4.084   -10.106 12.693  1.00 39.04 ? 308 HOH A O   1 
HETATM 1249 O O   . HOH B 2 .   ? -20.670 18.891  12.667  1.00 33.28 ? 309 HOH A O   1 
HETATM 1250 O O   . HOH B 2 .   ? -7.923  -5.698  3.496   1.00 41.72 ? 310 HOH A O   1 
HETATM 1251 O O   . HOH B 2 .   ? -7.554  -4.843  -16.974 1.00 51.93 ? 312 HOH A O   1 
HETATM 1252 O O   . HOH B 2 .   ? -22.710 10.653  -2.773  1.00 28.98 ? 315 HOH A O   1 
HETATM 1253 O O   . HOH B 2 .   ? -13.286 22.021  18.003  1.00 29.20 ? 316 HOH A O   1 
HETATM 1254 O O   . HOH B 2 .   ? 10.047  2.035   0.004   1.00 25.43 ? 317 HOH A O   1 
HETATM 1255 O O   . HOH B 2 .   ? -18.860 11.923  10.014  1.00 49.99 ? 318 HOH A O   1 
HETATM 1256 O O   . HOH B 2 .   ? 7.176   11.043  -5.974  1.00 46.96 ? 319 HOH A O   1 
HETATM 1257 O O   . HOH B 2 .   ? -14.309 -3.309  -17.051 1.00 45.78 ? 321 HOH A O   1 
HETATM 1258 O O   . HOH B 2 .   ? 8.359   7.792   4.557   1.00 46.36 ? 322 HOH A O   1 
HETATM 1259 O O   . HOH B 2 .   ? -15.383 13.414  12.841  1.00 34.61 ? 325 HOH A O   1 
HETATM 1260 O O   . HOH B 2 .   ? 13.416  3.332   -17.101 1.00 53.48 ? 327 HOH A O   1 
HETATM 1261 O O   . HOH B 2 .   ? -28.447 16.716  -0.919  1.00 41.95 ? 328 HOH A O   1 
HETATM 1262 O O   . HOH B 2 .   ? 17.854  -13.650 7.906   1.00 35.38 ? 329 HOH A O   1 
HETATM 1263 O O   . HOH B 2 .   ? -18.429 4.823   -16.737 1.00 24.43 ? 330 HOH A O   1 
HETATM 1264 O O   . HOH B 2 .   ? -17.205 23.701  6.997   1.00 31.41 ? 335 HOH A O   1 
HETATM 1265 O O   . HOH B 2 .   ? -24.006 17.575  1.051   1.00 41.18 ? 336 HOH A O   1 
HETATM 1266 O O   . HOH B 2 .   ? -8.443  -7.149  -10.157 1.00 54.08 ? 338 HOH A O   1 
HETATM 1267 O O   . HOH B 2 .   ? 5.173   -3.122  -13.418 1.00 20.32 ? 340 HOH A O   1 
HETATM 1268 O O   . HOH B 2 .   ? 18.851  4.184   -15.247 1.00 61.92 ? 341 HOH A O   1 
HETATM 1269 O O   . HOH B 2 .   ? -22.255 20.370  3.305   1.00 26.37 ? 342 HOH A O   1 
HETATM 1270 O O   . HOH B 2 .   ? -7.813  -11.828 -11.945 1.00 26.15 ? 344 HOH A O   1 
HETATM 1271 O O   . HOH B 2 .   ? -20.683 6.268   4.608   1.00 35.25 ? 345 HOH A O   1 
HETATM 1272 O O   . HOH B 2 .   ? 21.075  -1.574  -4.517  1.00 47.97 ? 346 HOH A O   1 
HETATM 1273 O O   . HOH B 2 .   ? 3.726   -13.791 -4.476  1.00 37.38 ? 347 HOH A O   1 
HETATM 1274 O O   . HOH B 2 .   ? -7.017  17.108  -23.216 1.00 43.03 ? 348 HOH A O   1 
HETATM 1275 O O   . HOH B 2 .   ? 11.803  1.659   -1.913  1.00 33.89 ? 349 HOH A O   1 
HETATM 1276 O O   . HOH B 2 .   ? 12.400  3.314   3.331   1.00 58.33 ? 350 HOH A O   1 
HETATM 1277 O O   . HOH B 2 .   ? -22.414 22.450  8.987   1.00 29.79 ? 354 HOH A O   1 
HETATM 1278 O O   . HOH B 2 .   ? 34.379  -12.412 11.368  1.00 53.42 ? 357 HOH A O   1 
HETATM 1279 O O   . HOH B 2 .   ? 11.530  -15.056 -4.587  1.00 46.67 ? 358 HOH A O   1 
HETATM 1280 O O   . HOH B 2 .   ? 16.610  -1.765  0.438   1.00 34.63 ? 359 HOH A O   1 
HETATM 1281 O O   . HOH B 2 .   ? -23.647 22.067  -0.193  1.00 48.06 ? 360 HOH A O   1 
HETATM 1282 O O   . HOH B 2 .   ? 1.375   2.405   -11.921 1.00 32.90 ? 361 HOH A O   1 
HETATM 1283 O O   . HOH B 2 .   ? 0.079   1.493   14.524  1.00 41.76 ? 362 HOH A O   1 
HETATM 1284 O O   . HOH B 2 .   ? -21.703 20.280  -1.154  1.00 22.76 ? 364 HOH A O   1 
HETATM 1285 O O   . HOH B 2 .   ? -17.553 15.112  -1.282  1.00 18.02 ? 366 HOH A O   1 
HETATM 1286 O O   . HOH B 2 .   ? -11.963 0.221   -16.165 1.00 19.25 ? 367 HOH A O   1 
HETATM 1287 O O   . HOH B 2 .   ? -8.283  1.278   0.649   1.00 25.20 ? 369 HOH A O   1 
HETATM 1288 O O   . HOH B 2 .   ? -20.040 10.342  -9.648  1.00 24.04 ? 373 HOH A O   1 
HETATM 1289 O O   . HOH B 2 .   ? 3.286   10.034  -13.167 1.00 40.49 ? 374 HOH A O   1 
HETATM 1290 O O   . HOH B 2 .   ? -13.227 6.801   -17.888 1.00 23.63 ? 376 HOH A O   1 
HETATM 1291 O O   . HOH B 2 .   ? -25.402 13.671  3.867   1.00 31.02 ? 379 HOH A O   1 
HETATM 1292 O O   . HOH B 2 .   ? 2.535   11.042  -6.532  1.00 30.14 ? 381 HOH A O   1 
HETATM 1293 O O   . HOH B 2 .   ? -17.906 19.205  11.879  1.00 17.12 ? 384 HOH A O   1 
HETATM 1294 O O   . HOH B 2 .   ? 0.190   10.781  -13.143 1.00 31.35 ? 385 HOH A O   1 
HETATM 1295 O O   . HOH B 2 .   ? -18.212 11.528  -11.600 1.00 48.58 ? 386 HOH A O   1 
HETATM 1296 O O   . HOH B 2 .   ? -23.269 8.061   -3.975  1.00 18.91 ? 387 HOH A O   1 
HETATM 1297 O O   . HOH B 2 .   ? -17.122 15.608  16.252  1.00 28.04 ? 388 HOH A O   1 
HETATM 1298 O O   . HOH B 2 .   ? 12.135  -3.888  -8.035  1.00 44.49 ? 392 HOH A O   1 
HETATM 1299 O O   . HOH B 2 .   ? -10.116 -8.161  -5.598  1.00 34.87 ? 393 HOH A O   1 
HETATM 1300 O O   . HOH B 2 .   ? -15.523 19.199  19.030  1.00 29.31 ? 395 HOH A O   1 
HETATM 1301 O O   . HOH B 2 .   ? -24.636 8.182   -5.985  1.00 21.46 ? 396 HOH A O   1 
HETATM 1302 O O   . HOH B 2 .   ? 4.415   6.597   -14.444 1.00 36.84 ? 397 HOH A O   1 
HETATM 1303 O O   . HOH B 2 .   ? 4.448   -10.861 -11.800 1.00 35.24 ? 400 HOH A O   1 
HETATM 1304 O O   . HOH B 2 .   ? -14.085 6.378   -20.181 1.00 40.70 ? 402 HOH A O   1 
HETATM 1305 O O   . HOH B 2 .   ? 13.494  -0.353  -12.229 1.00 35.74 ? 406 HOH A O   1 
HETATM 1306 O O   . HOH B 2 .   ? 0.174   2.711   -18.197 1.00 32.36 ? 408 HOH A O   1 
HETATM 1307 O O   . HOH B 2 .   ? 6.789   7.633   -12.779 1.00 81.03 ? 418 HOH A O   1 
HETATM 1308 O O   . HOH B 2 .   ? -7.651  -5.240  -13.930 1.00 60.03 ? 421 HOH A O   1 
HETATM 1309 O O   . HOH B 2 .   ? -19.751 16.959  -12.696 1.00 47.58 ? 424 HOH A O   1 
HETATM 1310 O O   . HOH B 2 .   ? 7.214   3.946   -11.727 1.00 31.58 ? 425 HOH A O   1 
HETATM 1311 O O   . HOH B 2 .   ? -19.168 -0.116  1.658   1.00 46.53 ? 427 HOH A O   1 
HETATM 1312 O O   . HOH B 2 .   ? -24.071 21.033  -5.199  1.00 47.69 ? 428 HOH A O   1 
HETATM 1313 O O   . HOH B 2 .   ? -24.580 -1.919  -8.308  1.00 51.38 ? 434 HOH A O   1 
HETATM 1314 O O   . HOH B 2 .   ? -17.887 -7.877  -4.039  1.00 59.93 ? 440 HOH A O   1 
HETATM 1315 O O   . HOH B 2 .   ? -18.128 7.852   7.777   1.00 71.96 ? 441 HOH A O   1 
HETATM 1316 O O   . HOH B 2 .   ? -18.649 1.250   -17.411 1.00 72.25 ? 444 HOH A O   1 
HETATM 1317 O O   . HOH B 2 .   ? 23.751  -18.068 21.093  1.00 51.02 ? 454 HOH A O   1 
HETATM 1318 O O   . HOH B 2 .   ? -10.825 -7.250  6.940   1.00 52.08 ? 457 HOH A O   1 
HETATM 1319 O O   . HOH B 2 .   ? 14.070  3.801   1.064   1.00 68.52 ? 461 HOH A O   1 
HETATM 1320 O O   . HOH B 2 .   ? 19.009  -1.196  9.776   1.00 44.29 ? 470 HOH A O   1 
HETATM 1321 O O   . HOH B 2 .   ? -2.634  2.285   -19.506 1.00 44.21 ? 473 HOH A O   1 
HETATM 1322 O O   . HOH B 2 .   ? 31.530  -14.589 17.681  1.00 43.82 ? 478 HOH A O   1 
HETATM 1323 O O   . HOH B 2 .   ? 10.095  9.447   -3.649  1.00 57.00 ? 480 HOH A O   1 
HETATM 1324 O O   . HOH B 2 .   ? -16.684 5.066   2.880   1.00 49.99 ? 481 HOH A O   1 
HETATM 1325 O O   . HOH B 2 .   ? 19.877  1.987   0.307   1.00 49.60 ? 483 HOH A O   1 
HETATM 1326 O O   . HOH B 2 .   ? 15.622  1.468   3.327   1.00 33.58 ? 485 HOH A O   1 
HETATM 1327 O O   . HOH B 2 .   ? 7.534   -17.997 -1.584  1.00 76.11 ? 500 HOH A O   1 
HETATM 1328 O O   . HOH B 2 .   ? -25.850 19.860  3.253   1.00 59.63 ? 503 HOH A O   1 
HETATM 1329 O O   . HOH B 2 .   ? 17.885  -13.018 19.629  1.00 66.79 ? 504 HOH A O   1 
HETATM 1330 O O   . HOH B 2 .   ? 23.845  8.126   -3.198  1.00 50.06 ? 508 HOH A O   1 
HETATM 1331 O O   . HOH B 2 .   ? -26.771 16.568  2.644   1.00 78.69 ? 518 HOH A O   1 
HETATM 1332 O O   . HOH B 2 .   ? -8.678  -5.656  7.389   1.00 49.52 ? 520 HOH A O   1 
HETATM 1333 O O   . HOH B 2 .   ? -16.270 -9.931  -3.841  1.00 51.43 ? 521 HOH A O   1 
HETATM 1334 O O   . HOH B 2 .   ? 3.455   -17.550 0.101   1.00 46.86 ? 524 HOH A O   1 
HETATM 1335 O O   . HOH B 2 .   ? -24.899 8.761   2.612   1.00 37.65 ? 525 HOH A O   1 
HETATM 1336 O O   . HOH B 2 .   ? 27.210  -27.444 9.624   1.00 44.05 ? 527 HOH A O   1 
HETATM 1337 O O   . HOH B 2 .   ? 20.990  10.241  -2.899  1.00 58.00 ? 528 HOH A O   1 
HETATM 1338 O O   . HOH B 2 .   ? -9.626  12.888  -9.957  1.00 21.66 ? 529 HOH A O   1 
HETATM 1339 O O   . HOH B 2 .   ? -12.331 -2.307  -10.146 1.00 28.32 ? 530 HOH A O   1 
HETATM 1340 O O   . HOH B 2 .   ? -17.333 0.540   -13.774 1.00 26.18 ? 531 HOH A O   1 
HETATM 1341 O O   . HOH B 2 .   ? -15.017 14.095  0.681   1.00 29.08 ? 532 HOH A O   1 
HETATM 1342 O O   . HOH B 2 .   ? -18.630 22.774  10.833  1.00 22.79 ? 533 HOH A O   1 
HETATM 1343 O O   . HOH B 2 .   ? 3.789   -10.025 -2.647  1.00 33.52 ? 534 HOH A O   1 
HETATM 1344 O O   . HOH B 2 .   ? -16.274 17.329  0.069   1.00 27.06 ? 535 HOH A O   1 
HETATM 1345 O O   . HOH B 2 .   ? -22.145 7.349   2.122   1.00 60.49 ? 536 HOH A O   1 
HETATM 1346 O O   . HOH B 2 .   ? -22.712 22.517  6.266   1.00 21.60 ? 537 HOH A O   1 
HETATM 1347 O O   . HOH B 2 .   ? -11.233 0.993   2.517   1.00 61.40 ? 538 HOH A O   1 
HETATM 1348 O O   . HOH B 2 .   ? -20.224 10.176  4.729   1.00 69.27 ? 539 HOH A O   1 
HETATM 1349 O O   . HOH B 2 .   ? -19.223 22.713  1.777   1.00 31.00 ? 540 HOH A O   1 
HETATM 1350 O O   . HOH B 2 .   ? -16.490 -6.140  0.628   1.00 64.03 ? 541 HOH A O   1 
HETATM 1351 O O   . HOH B 2 .   ? -17.472 20.411  -8.008  1.00 64.47 ? 542 HOH A O   1 
HETATM 1352 O O   . HOH B 2 .   ? 14.602  -11.020 1.831   1.00 32.98 ? 543 HOH A O   1 
HETATM 1353 O O   . HOH B 2 .   ? -15.551 17.586  -6.831  1.00 39.39 ? 544 HOH A O   1 
HETATM 1354 O O   . HOH B 2 .   ? 9.092   10.988  3.918   1.00 60.03 ? 545 HOH A O   1 
HETATM 1355 O O   . HOH B 2 .   ? 1.102   -4.972  -15.667 1.00 43.26 ? 546 HOH A O   1 
HETATM 1356 O O   . HOH B 2 .   ? -0.309  2.284   -7.427  1.00 28.12 ? 547 HOH A O   1 
HETATM 1357 O O   . HOH B 2 .   ? -4.144  -0.825  3.814   1.00 38.88 ? 548 HOH A O   1 
HETATM 1358 O O   . HOH B 2 .   ? 33.840  -11.297 9.120   1.00 41.88 ? 549 HOH A O   1 
HETATM 1359 O O   . HOH B 2 .   ? -24.200 19.626  -10.045 1.00 45.84 ? 550 HOH A O   1 
HETATM 1360 O O   . HOH B 2 .   ? -17.274 -1.384  4.174   1.00 68.20 ? 551 HOH A O   1 
HETATM 1361 O O   . HOH B 2 .   ? -4.103  -5.180  -7.846  1.00 48.63 ? 552 HOH A O   1 
HETATM 1362 O O   . HOH B 2 .   ? -13.561 25.578  18.433  1.00 49.74 ? 553 HOH A O   1 
HETATM 1363 O O   . HOH B 2 .   ? -21.251 12.219  2.287   1.00 38.89 ? 554 HOH A O   1 
HETATM 1364 O O   . HOH B 2 .   ? -5.906  2.431   7.549   1.00 41.76 ? 555 HOH A O   1 
HETATM 1365 O O   . HOH B 2 .   ? 10.921  -18.161 9.731   1.00 52.91 ? 556 HOH A O   1 
HETATM 1366 O O   . HOH B 2 .   ? 28.957  -28.887 7.631   1.00 40.19 ? 557 HOH A O   1 
HETATM 1367 O O   . HOH B 2 .   ? 4.907   8.349   -11.411 1.00 60.86 ? 558 HOH A O   1 
HETATM 1368 O O   . HOH B 2 .   ? 12.063  6.778   -5.952  1.00 35.55 ? 559 HOH A O   1 
HETATM 1369 O O   . HOH B 2 .   ? 31.268  -20.176 11.702  1.00 59.98 ? 560 HOH A O   1 
HETATM 1370 O O   . HOH B 2 .   ? 25.312  -19.890 10.939  1.00 71.91 ? 561 HOH A O   1 
HETATM 1371 O O   . HOH B 2 .   ? -24.243 10.444  -0.240  1.00 25.31 ? 563 HOH A O   1 
HETATM 1372 O O   . HOH B 2 .   ? -23.340 8.666   5.075   1.00 45.46 ? 565 HOH A O   1 
HETATM 1373 O O   . HOH B 2 .   ? -7.261  -2.819  6.055   1.00 33.81 ? 566 HOH A O   1 
HETATM 1374 O O   . HOH B 2 .   ? -11.410 -4.579  11.300  1.00 49.84 ? 567 HOH A O   1 
HETATM 1375 O O   . HOH B 2 .   ? 21.438  -2.363  4.307   1.00 51.90 ? 568 HOH A O   1 
HETATM 1376 O O   . HOH B 2 .   ? -19.845 14.101  -11.795 1.00 75.56 ? 569 HOH A O   1 
HETATM 1377 O O   . HOH B 2 .   ? -11.807 24.979  16.040  1.00 41.30 ? 570 HOH A O   1 
HETATM 1378 O O   . HOH B 2 .   ? 19.531  -17.287 6.331   1.00 75.13 ? 571 HOH A O   1 
HETATM 1379 O O   . HOH B 2 .   ? -5.514  -12.565 -9.647  1.00 46.77 ? 572 HOH A O   1 
HETATM 1380 O O   . HOH B 2 .   ? 6.003   3.879   -14.351 1.00 50.68 ? 573 HOH A O   1 
HETATM 1381 O O   . HOH B 2 .   ? -7.955  -9.913  -3.654  1.00 52.16 ? 574 HOH A O   1 
HETATM 1382 O O   . HOH B 2 .   ? -10.722 -2.108  3.822   1.00 42.63 ? 575 HOH A O   1 
HETATM 1383 O O   . HOH B 2 .   ? -19.852 25.403  6.740   1.00 52.74 ? 576 HOH A O   1 
HETATM 1384 O O   . HOH B 2 .   ? 24.829  -16.259 5.130   1.00 47.31 ? 577 HOH A O   1 
HETATM 1385 O O   . HOH B 2 .   ? 4.532   10.708  -10.064 1.00 65.17 ? 578 HOH A O   1 
HETATM 1386 O O   . HOH B 2 .   ? 17.412  -9.313  3.780   1.00 36.52 ? 579 HOH A O   1 
HETATM 1387 O O   . HOH B 2 .   ? 19.475  0.556   -3.123  1.00 65.37 ? 580 HOH A O   1 
HETATM 1388 O O   . HOH B 2 .   ? 19.578  8.932   -6.769  1.00 52.50 ? 581 HOH A O   1 
HETATM 1389 O O   . HOH B 2 .   ? -21.009 18.684  -15.416 1.00 42.58 ? 583 HOH A O   1 
HETATM 1390 O O   . HOH B 2 .   ? 23.621  -16.800 17.425  1.00 76.41 ? 584 HOH A O   1 
HETATM 1391 O O   . HOH B 2 .   ? -4.948  -3.529  7.052   1.00 56.92 ? 585 HOH A O   1 
HETATM 1392 O O   . HOH B 2 .   ? -13.678 18.286  -4.649  0.50 29.91 ? 586 HOH A O   1 
HETATM 1393 O O   . HOH B 2 .   ? -18.251 15.581  -11.855 1.00 70.21 ? 587 HOH A O   1 
HETATM 1394 O O   . HOH B 2 .   ? -2.828  0.172   -21.376 1.00 60.51 ? 588 HOH A O   1 
HETATM 1395 O O   . HOH B 2 .   ? 11.764  -7.856  -8.372  1.00 60.13 ? 589 HOH A O   1 
HETATM 1396 O O   . HOH B 2 .   ? 3.440   -0.039  -10.256 1.00 56.82 ? 590 HOH A O   1 
HETATM 1397 O O   . HOH B 2 .   ? 5.412   -1.349  -15.996 1.00 67.14 ? 591 HOH A O   1 
HETATM 1398 O O   . HOH B 2 .   ? 30.899  -1.866  9.577   1.00 60.56 ? 592 HOH A O   1 
HETATM 1399 O O   . HOH B 2 .   ? -11.273 27.225  18.475  1.00 64.75 ? 593 HOH A O   1 
HETATM 1400 O O   . HOH B 2 .   ? -2.609  -13.468 -9.494  1.00 49.44 ? 594 HOH A O   1 
HETATM 1401 O O   . HOH B 2 .   ? 8.130   -13.831 15.499  1.00 72.79 ? 595 HOH A O   1 
HETATM 1402 O O   . HOH B 2 .   ? -17.216 15.560  13.488  1.00 73.39 ? 596 HOH A O   1 
HETATM 1403 O O   . HOH B 2 .   ? 22.629  -11.510 3.889   1.00 57.75 ? 597 HOH A O   1 
HETATM 1404 O O   . HOH B 2 .   ? 14.975  -1.039  -1.540  1.00 72.35 ? 598 HOH A O   1 
HETATM 1405 O O   . HOH B 2 .   ? -17.420 8.018   10.363  0.50 50.75 ? 599 HOH A O   1 
HETATM 1406 O O   . HOH B 2 .   ? 5.871   -18.646 0.573   1.00 62.21 ? 600 HOH A O   1 
HETATM 1407 O O   . HOH B 2 .   ? -17.072 -0.925  -15.913 1.00 86.40 ? 601 HOH A O   1 
HETATM 1408 O O   . HOH B 2 .   ? 5.760   -13.771 7.945   1.00 72.35 ? 602 HOH A O   1 
HETATM 1409 O O   . HOH B 2 .   ? -21.641 23.789  2.379   1.00 69.96 ? 603 HOH A O   1 
HETATM 1410 O O   . HOH B 2 .   ? -0.180  -7.832  -17.659 1.00 38.65 ? 604 HOH A O   1 
HETATM 1411 O O   . HOH B 2 .   ? -24.789 23.479  -4.915  1.00 76.33 ? 605 HOH A O   1 
HETATM 1412 O O   . HOH B 2 .   ? 24.846  7.383   1.591   1.00 67.13 ? 606 HOH A O   1 
HETATM 1413 O O   . HOH B 2 .   ? 6.084   -15.711 13.650  1.00 64.87 ? 607 HOH A O   1 
HETATM 1414 O O   . HOH B 2 .   ? 1.938   -15.279 0.376   1.00 86.32 ? 608 HOH A O   1 
HETATM 1415 O O   . HOH B 2 .   ? -23.502 3.255   -2.189  1.00 58.23 ? 609 HOH A O   1 
HETATM 1416 O O   . HOH B 2 .   ? 22.232  -16.909 7.345   1.00 87.35 ? 610 HOH A O   1 
HETATM 1417 O O   . HOH B 2 .   ? -26.137 17.739  -1.885  1.00 77.06 ? 611 HOH A O   1 
HETATM 1418 O O   . HOH B 2 .   ? 6.099   6.112   -10.693 1.00 55.87 ? 612 HOH A O   1 
HETATM 1419 O O   . HOH B 2 .   ? -22.267 21.798  -12.932 1.00 66.82 ? 613 HOH A O   1 
HETATM 1420 O O   . HOH B 2 .   ? 23.919  -18.321 15.016  1.00 74.28 ? 614 HOH A O   1 
HETATM 1421 O O   . HOH B 2 .   ? -17.104 0.201   -19.388 1.00 89.05 ? 615 HOH A O   1 
HETATM 1422 O O   . HOH B 2 .   ? 4.671   -9.479  9.435   1.00 72.67 ? 616 HOH A O   1 
HETATM 1423 O O   . HOH B 2 .   ? 29.195  -7.773  8.823   1.00 58.93 ? 617 HOH A O   1 
HETATM 1424 O O   . HOH B 2 .   ? -12.374 -9.291  6.306   1.00 43.73 ? 618 HOH A O   1 
HETATM 1425 O O   . HOH B 2 .   ? 27.449  -2.605  8.909   1.00 69.96 ? 619 HOH A O   1 
HETATM 1426 O O   . HOH B 2 .   ? 8.918   -1.122  -11.940 1.00 74.44 ? 620 HOH A O   1 
HETATM 1427 O O   . HOH B 2 .   ? 4.329   14.218  -11.917 1.00 60.75 ? 621 HOH A O   1 
HETATM 1428 O O   . HOH B 2 .   ? -21.765 4.515   2.156   1.00 77.20 ? 622 HOH A O   1 
HETATM 1429 O O   . HOH B 2 .   ? -14.836 -0.609  -17.397 1.00 88.09 ? 623 HOH A O   1 
HETATM 1430 O O   . HOH B 2 .   ? 26.328  -15.433 10.364  1.00 75.95 ? 624 HOH A O   1 
HETATM 1431 O O   . HOH B 2 .   ? 21.221  -21.214 12.045  1.00 71.37 ? 625 HOH A O   1 
HETATM 1432 O O   . HOH B 2 .   ? -23.149 20.458  -7.637  1.00 65.06 ? 626 HOH A O   1 
HETATM 1433 O O   . HOH B 2 .   ? 16.125  -15.557 7.142   1.00 63.96 ? 627 HOH A O   1 
# 
